data_7Q5T
#
_entry.id   7Q5T
#
_cell.length_a   144.136
_cell.length_b   88.035
_cell.length_c   158.486
_cell.angle_alpha   90.000
_cell.angle_beta   113.575
_cell.angle_gamma   90.000
#
_symmetry.space_group_name_H-M   'C 1 2 1'
#
loop_
_entity.id
_entity.type
_entity.pdbx_description
1 polymer 'Tyrosine-protein kinase SYK'
2 polymer 'High affinity immunoglobulin epsilon receptor subunit gamma'
3 non-polymer 'PHOSPHATE ION'
4 non-polymer 1,2-ETHANEDIOL
5 non-polymer DI(HYDROXYETHYL)ETHER
6 water water
#
loop_
_entity_poly.entity_id
_entity_poly.type
_entity_poly.pdbx_seq_one_letter_code
_entity_poly.pdbx_strand_id
1 'polypeptide(L)'
;SMADSANHLPFFFGNITREEAEDYLVQGGMSDGLYLLRQSRNYLGGFALSVAHGRKAHHYTIERELNGTYAIAGGRTHAS
PADLCHYHSQESDGLVCLLKKPFNRPQGVQPKTGPFEDLKENLIREYVKQTWNLQGQALEQAIISQKPQLEKLIATTAHE
KMPWFHGKISREESEQIVLIGSKTNGKFLIRARDNNGSYALCLLHEGKVLHYRIDKDKTGKLSIPEGKKFDTLWQLVEHY
SYKADGLLRVLTVPCQKIGTQGNVN
;
AAA,BBB,CCC,DDD,EEE,FFF
2 'polypeptide(L)' DGV(PTR)TGLSTRNQET(PTR)ETLKH GGG,HHH,III,JJJ,KKK,LLL
#
# COMPACT_ATOMS: atom_id res chain seq x y z
N ASP A 4 -28.38 3.85 -22.27
CA ASP A 4 -27.18 4.41 -22.98
C ASP A 4 -27.49 4.59 -24.50
N SER A 5 -26.79 5.53 -25.14
CA SER A 5 -27.14 6.11 -26.46
C SER A 5 -26.83 5.11 -27.60
N ALA A 6 -26.06 4.04 -27.34
CA ALA A 6 -25.70 3.07 -28.39
C ALA A 6 -26.88 2.15 -28.66
N ASN A 7 -27.88 2.04 -27.79
CA ASN A 7 -29.12 1.26 -28.05
C ASN A 7 -29.91 1.85 -29.21
N HIS A 8 -29.76 3.16 -29.44
CA HIS A 8 -30.53 3.89 -30.49
C HIS A 8 -29.85 3.70 -31.84
N LEU A 9 -28.67 3.08 -31.91
CA LEU A 9 -27.97 2.82 -33.20
C LEU A 9 -28.56 1.57 -33.84
N PRO A 10 -29.00 1.65 -35.11
CA PRO A 10 -29.60 0.50 -35.77
C PRO A 10 -28.64 -0.69 -35.97
N PHE A 11 -27.32 -0.44 -35.91
CA PHE A 11 -26.26 -1.45 -36.20
C PHE A 11 -25.60 -1.90 -34.90
N PHE A 12 -26.20 -1.59 -33.74
CA PHE A 12 -25.79 -2.08 -32.41
C PHE A 12 -26.58 -3.35 -32.07
N PHE A 13 -25.90 -4.43 -31.74
CA PHE A 13 -26.50 -5.78 -31.59
C PHE A 13 -26.54 -6.18 -30.12
N GLY A 14 -26.06 -5.30 -29.24
CA GLY A 14 -26.02 -5.58 -27.81
C GLY A 14 -25.01 -6.68 -27.55
N ASN A 15 -25.37 -7.56 -26.63
CA ASN A 15 -24.45 -8.56 -26.03
C ASN A 15 -24.42 -9.85 -26.88
N ILE A 16 -24.10 -9.75 -28.15
CA ILE A 16 -23.87 -10.91 -29.04
C ILE A 16 -22.39 -11.27 -28.96
N THR A 17 -22.09 -12.51 -29.33
CA THR A 17 -20.71 -13.05 -29.28
C THR A 17 -20.02 -12.67 -30.58
N ARG A 18 -18.71 -12.80 -30.60
CA ARG A 18 -17.88 -12.68 -31.81
C ARG A 18 -18.45 -13.57 -32.90
N GLU A 19 -18.72 -14.82 -32.56
CA GLU A 19 -19.17 -15.84 -33.55
C GLU A 19 -20.50 -15.36 -34.14
N GLU A 20 -21.40 -14.85 -33.31
CA GLU A 20 -22.71 -14.32 -33.76
C GLU A 20 -22.49 -13.10 -34.63
N ALA A 21 -21.52 -12.25 -34.28
CA ALA A 21 -21.19 -11.04 -35.06
C ALA A 21 -20.73 -11.49 -36.45
N GLU A 22 -19.82 -12.46 -36.50
CA GLU A 22 -19.29 -13.01 -37.77
C GLU A 22 -20.43 -13.64 -38.58
N ASP A 23 -21.34 -14.40 -37.94
CA ASP A 23 -22.52 -14.99 -38.63
C ASP A 23 -23.34 -13.85 -39.26
N TYR A 24 -23.53 -12.74 -38.56
CA TYR A 24 -24.30 -11.58 -39.06
C TYR A 24 -23.58 -10.93 -40.24
N LEU A 25 -22.25 -10.80 -40.19
CA LEU A 25 -21.47 -10.13 -41.26
C LEU A 25 -21.59 -11.00 -42.53
N VAL A 26 -21.56 -12.34 -42.42
CA VAL A 26 -21.70 -13.26 -43.58
C VAL A 26 -23.14 -13.14 -44.15
N GLN A 27 -24.15 -13.13 -43.28
CA GLN A 27 -25.57 -12.91 -43.67
C GLN A 27 -25.68 -11.60 -44.46
N GLY A 28 -24.87 -10.60 -44.12
CA GLY A 28 -24.87 -9.27 -44.76
C GLY A 28 -24.03 -9.20 -46.03
N GLY A 29 -23.37 -10.30 -46.42
CA GLY A 29 -22.61 -10.36 -47.69
C GLY A 29 -21.10 -10.31 -47.47
N MET A 30 -20.65 -10.03 -46.26
CA MET A 30 -19.20 -9.96 -45.93
C MET A 30 -18.48 -9.02 -46.91
N SER A 31 -19.14 -7.95 -47.34
CA SER A 31 -18.56 -6.89 -48.23
C SER A 31 -17.53 -6.03 -47.47
N ASP A 32 -16.45 -5.65 -48.12
CA ASP A 32 -15.38 -4.79 -47.55
C ASP A 32 -16.01 -3.55 -46.89
N GLY A 33 -15.68 -3.31 -45.62
CA GLY A 33 -16.17 -2.15 -44.85
C GLY A 33 -17.58 -2.33 -44.33
N LEU A 34 -18.17 -3.54 -44.44
CA LEU A 34 -19.40 -3.86 -43.69
C LEU A 34 -19.02 -3.97 -42.21
N TYR A 35 -19.83 -3.41 -41.31
CA TYR A 35 -19.46 -3.31 -39.88
C TYR A 35 -20.71 -3.33 -39.02
N LEU A 36 -20.55 -3.86 -37.82
CA LEU A 36 -21.59 -3.69 -36.78
C LEU A 36 -20.89 -3.41 -35.46
N LEU A 37 -21.70 -3.00 -34.50
CA LEU A 37 -21.25 -2.67 -33.14
C LEU A 37 -21.91 -3.66 -32.19
N ARG A 38 -21.16 -4.07 -31.18
CA ARG A 38 -21.72 -4.89 -30.10
C ARG A 38 -21.13 -4.42 -28.79
N GLN A 39 -21.73 -4.90 -27.71
CA GLN A 39 -21.31 -4.56 -26.34
C GLN A 39 -20.12 -5.44 -26.03
N SER A 40 -19.04 -4.90 -25.45
CA SER A 40 -17.89 -5.73 -25.03
C SER A 40 -18.40 -6.75 -24.00
N ARG A 41 -17.96 -8.00 -24.12
CA ARG A 41 -18.35 -9.08 -23.18
C ARG A 41 -17.28 -9.22 -22.10
N ASN A 42 -16.16 -8.49 -22.19
CA ASN A 42 -15.14 -8.60 -21.12
C ASN A 42 -14.55 -7.25 -20.68
N TYR A 43 -14.98 -6.13 -21.24
CA TYR A 43 -14.59 -4.79 -20.79
C TYR A 43 -15.86 -4.05 -20.38
N LEU A 44 -15.97 -3.75 -19.09
CA LEU A 44 -17.13 -3.04 -18.51
C LEU A 44 -17.23 -1.68 -19.19
N GLY A 45 -18.43 -1.31 -19.64
CA GLY A 45 -18.72 -0.03 -20.30
C GLY A 45 -18.19 -0.03 -21.74
N GLY A 46 -17.50 -1.11 -22.17
CA GLY A 46 -16.85 -1.19 -23.47
C GLY A 46 -17.78 -1.65 -24.60
N PHE A 47 -17.32 -1.48 -25.84
CA PHE A 47 -17.99 -1.95 -27.07
C PHE A 47 -16.98 -2.74 -27.89
N ALA A 48 -17.47 -3.44 -28.90
CA ALA A 48 -16.59 -4.10 -29.90
C ALA A 48 -17.09 -3.69 -31.29
N LEU A 49 -16.14 -3.31 -32.15
CA LEU A 49 -16.39 -3.04 -33.58
C LEU A 49 -15.99 -4.29 -34.38
N SER A 50 -16.90 -4.80 -35.19
CA SER A 50 -16.69 -6.01 -36.02
C SER A 50 -16.80 -5.58 -37.48
N VAL A 51 -15.71 -5.74 -38.25
CA VAL A 51 -15.59 -5.21 -39.64
C VAL A 51 -15.18 -6.35 -40.57
N ALA A 52 -15.87 -6.46 -41.71
CA ALA A 52 -15.50 -7.38 -42.82
C ALA A 52 -14.48 -6.69 -43.72
N HIS A 53 -13.38 -7.38 -44.05
CA HIS A 53 -12.42 -6.96 -45.09
C HIS A 53 -11.62 -8.16 -45.58
N GLY A 54 -11.47 -8.29 -46.91
CA GLY A 54 -10.80 -9.44 -47.54
C GLY A 54 -11.50 -10.74 -47.17
N ARG A 55 -12.83 -10.70 -47.04
CA ARG A 55 -13.69 -11.85 -46.65
C ARG A 55 -13.32 -12.42 -45.27
N LYS A 56 -12.57 -11.66 -44.46
CA LYS A 56 -12.26 -12.00 -43.04
C LYS A 56 -12.95 -10.99 -42.11
N ALA A 57 -13.19 -11.39 -40.88
CA ALA A 57 -13.75 -10.55 -39.79
C ALA A 57 -12.60 -9.98 -38.98
N HIS A 58 -12.65 -8.68 -38.70
CA HIS A 58 -11.67 -7.95 -37.86
C HIS A 58 -12.42 -7.32 -36.68
N HIS A 59 -11.96 -7.61 -35.46
CA HIS A 59 -12.64 -7.25 -34.19
C HIS A 59 -11.76 -6.30 -33.39
N TYR A 60 -12.35 -5.17 -33.00
CA TYR A 60 -11.68 -4.12 -32.22
C TYR A 60 -12.45 -3.89 -30.92
N THR A 61 -11.78 -3.91 -29.78
CA THR A 61 -12.37 -3.47 -28.49
C THR A 61 -12.30 -1.94 -28.40
N ILE A 62 -13.46 -1.33 -28.20
CA ILE A 62 -13.60 0.10 -27.83
C ILE A 62 -13.74 0.18 -26.32
N GLU A 63 -12.68 0.59 -25.61
CA GLU A 63 -12.69 0.71 -24.14
C GLU A 63 -13.29 2.05 -23.75
N ARG A 64 -14.03 2.07 -22.63
CA ARG A 64 -14.41 3.33 -21.95
C ARG A 64 -13.22 3.78 -21.10
N GLU A 65 -12.67 4.96 -21.40
CA GLU A 65 -11.52 5.57 -20.68
C GLU A 65 -12.01 6.01 -19.29
N LEU A 66 -11.07 6.30 -18.37
CA LEU A 66 -11.39 6.77 -16.99
C LEU A 66 -12.30 8.00 -17.07
N ASN A 67 -12.04 8.90 -18.03
CA ASN A 67 -12.74 10.19 -18.20
C ASN A 67 -14.06 10.03 -18.97
N GLY A 68 -14.44 8.81 -19.36
CA GLY A 68 -15.75 8.53 -20.00
C GLY A 68 -15.76 8.71 -21.50
N THR A 69 -14.62 8.95 -22.12
CA THR A 69 -14.48 8.87 -23.61
C THR A 69 -14.22 7.41 -23.99
N TYR A 70 -14.16 7.15 -25.30
CA TYR A 70 -14.06 5.80 -25.89
C TYR A 70 -12.88 5.76 -26.86
N ALA A 71 -12.08 4.70 -26.78
CA ALA A 71 -10.91 4.52 -27.66
C ALA A 71 -10.62 3.04 -27.85
N ILE A 72 -10.27 2.69 -29.08
CA ILE A 72 -9.53 1.45 -29.42
C ILE A 72 -8.09 1.71 -28.97
N ALA A 73 -7.38 0.68 -28.51
CA ALA A 73 -5.94 0.70 -28.21
C ALA A 73 -5.18 1.36 -29.36
N GLY A 74 -4.40 2.40 -29.04
CA GLY A 74 -3.53 3.12 -30.00
C GLY A 74 -4.25 4.24 -30.73
N GLY A 75 -5.49 4.56 -30.34
CA GLY A 75 -6.35 5.46 -31.12
C GLY A 75 -6.69 6.73 -30.34
N ARG A 76 -7.14 7.74 -31.08
CA ARG A 76 -7.68 8.98 -30.47
C ARG A 76 -8.92 8.57 -29.66
N THR A 77 -9.38 9.46 -28.79
CA THR A 77 -10.59 9.32 -27.97
C THR A 77 -11.78 9.89 -28.75
N HIS A 78 -12.98 9.42 -28.44
CA HIS A 78 -14.23 9.85 -29.06
C HIS A 78 -15.27 9.97 -27.97
N ALA A 79 -16.28 10.81 -28.18
CA ALA A 79 -17.33 11.07 -27.16
C ALA A 79 -18.22 9.83 -27.02
N SER A 80 -18.34 9.03 -28.08
CA SER A 80 -19.31 7.89 -28.15
C SER A 80 -18.83 6.86 -29.17
N PRO A 81 -19.30 5.60 -29.09
CA PRO A 81 -19.00 4.60 -30.10
C PRO A 81 -19.52 5.05 -31.48
N ALA A 82 -20.68 5.69 -31.51
CA ALA A 82 -21.26 6.24 -32.77
C ALA A 82 -20.27 7.24 -33.41
N ASP A 83 -19.67 8.13 -32.62
CA ASP A 83 -18.70 9.13 -33.13
C ASP A 83 -17.46 8.40 -33.64
N LEU A 84 -17.03 7.33 -32.95
CA LEU A 84 -15.84 6.55 -33.38
C LEU A 84 -16.15 5.95 -34.76
N CYS A 85 -17.35 5.39 -34.94
CA CYS A 85 -17.77 4.72 -36.22
C CYS A 85 -17.86 5.78 -37.33
N HIS A 86 -18.50 6.92 -37.05
CA HIS A 86 -18.56 8.05 -38.02
C HIS A 86 -17.12 8.45 -38.41
N TYR A 87 -16.24 8.68 -37.43
CA TYR A 87 -14.84 9.05 -37.71
C TYR A 87 -14.20 8.04 -38.68
N HIS A 88 -14.38 6.73 -38.41
CA HIS A 88 -13.66 5.70 -39.19
C HIS A 88 -14.35 5.45 -40.53
N SER A 89 -15.49 6.07 -40.79
CA SER A 89 -16.14 6.15 -42.13
C SER A 89 -15.47 7.23 -42.99
N GLN A 90 -14.68 8.16 -42.40
CA GLN A 90 -13.98 9.27 -43.11
C GLN A 90 -12.47 8.99 -43.21
N GLU A 91 -11.84 8.54 -42.12
CA GLU A 91 -10.38 8.21 -42.07
C GLU A 91 -10.21 6.76 -41.55
N SER A 92 -9.40 5.96 -42.24
CA SER A 92 -9.06 4.58 -41.80
C SER A 92 -8.23 4.67 -40.50
N ASP A 93 -7.16 5.46 -40.52
CA ASP A 93 -6.36 5.82 -39.32
C ASP A 93 -5.96 4.55 -38.55
N GLY A 94 -5.47 3.52 -39.25
CA GLY A 94 -4.90 2.30 -38.67
C GLY A 94 -5.88 1.14 -38.62
N LEU A 95 -7.17 1.40 -38.86
CA LEU A 95 -8.20 0.35 -38.98
C LEU A 95 -7.91 -0.43 -40.27
N VAL A 96 -8.37 -1.69 -40.34
CA VAL A 96 -8.07 -2.57 -41.51
C VAL A 96 -8.52 -1.90 -42.82
N CYS A 97 -9.58 -1.12 -42.77
CA CYS A 97 -10.16 -0.39 -43.93
C CYS A 97 -11.14 0.68 -43.43
N LEU A 98 -11.70 1.45 -44.34
CA LEU A 98 -12.73 2.47 -44.07
C LEU A 98 -14.02 1.74 -43.74
N LEU A 99 -14.78 2.25 -42.79
CA LEU A 99 -16.15 1.73 -42.50
C LEU A 99 -17.08 2.28 -43.59
N LYS A 100 -17.64 1.40 -44.43
CA LYS A 100 -18.43 1.80 -45.63
C LYS A 100 -19.92 1.68 -45.33
N LYS A 101 -20.38 0.56 -44.76
CA LYS A 101 -21.82 0.22 -44.71
C LYS A 101 -22.15 -0.47 -43.39
N PRO A 102 -23.04 0.09 -42.56
CA PRO A 102 -23.46 -0.58 -41.34
C PRO A 102 -24.30 -1.82 -41.72
N PHE A 103 -24.13 -2.92 -40.99
CA PHE A 103 -25.07 -4.07 -41.01
C PHE A 103 -26.10 -3.85 -39.89
N ASN A 104 -27.33 -3.52 -40.25
CA ASN A 104 -28.39 -3.15 -39.27
C ASN A 104 -29.02 -4.44 -38.72
N ARG A 105 -29.48 -4.38 -37.47
CA ARG A 105 -30.32 -5.45 -36.89
C ARG A 105 -31.54 -5.56 -37.82
N PRO A 106 -31.91 -6.76 -38.30
CA PRO A 106 -33.21 -6.97 -38.93
C PRO A 106 -34.38 -6.41 -38.10
N GLN A 107 -35.42 -5.88 -38.74
CA GLN A 107 -36.46 -5.08 -38.02
C GLN A 107 -37.08 -5.97 -36.92
N GLY A 108 -37.25 -5.44 -35.70
CA GLY A 108 -37.90 -6.15 -34.59
C GLY A 108 -36.97 -7.12 -33.85
N VAL A 109 -35.75 -7.36 -34.37
CA VAL A 109 -34.65 -8.04 -33.61
C VAL A 109 -34.01 -7.00 -32.66
N GLN A 110 -34.04 -7.26 -31.36
CA GLN A 110 -33.53 -6.32 -30.35
C GLN A 110 -32.05 -6.61 -30.06
N PRO A 111 -31.35 -5.61 -29.49
CA PRO A 111 -30.03 -5.83 -28.93
C PRO A 111 -30.17 -6.95 -27.89
N LYS A 112 -29.21 -7.88 -27.86
CA LYS A 112 -29.19 -8.93 -26.81
C LYS A 112 -28.73 -8.27 -25.50
N THR A 113 -29.33 -8.72 -24.40
CA THR A 113 -29.00 -8.35 -23.00
C THR A 113 -28.62 -9.64 -22.30
N GLY A 114 -27.59 -9.65 -21.46
CA GLY A 114 -27.33 -10.83 -20.61
C GLY A 114 -28.22 -10.84 -19.37
N PRO A 115 -28.09 -11.87 -18.51
CA PRO A 115 -28.71 -11.88 -17.20
C PRO A 115 -28.44 -10.64 -16.34
N PHE A 116 -27.20 -10.15 -16.32
CA PHE A 116 -26.84 -8.95 -15.53
C PHE A 116 -27.62 -7.74 -16.04
N GLU A 117 -27.59 -7.53 -17.35
CA GLU A 117 -28.31 -6.40 -18.00
C GLU A 117 -29.79 -6.46 -17.61
N ASP A 118 -30.38 -7.65 -17.51
CA ASP A 118 -31.83 -7.80 -17.27
C ASP A 118 -32.16 -7.46 -15.81
N LEU A 119 -31.21 -7.64 -14.91
CA LEU A 119 -31.35 -7.48 -13.44
C LEU A 119 -30.95 -6.08 -13.02
N LYS A 120 -30.14 -5.38 -13.82
CA LYS A 120 -29.40 -4.13 -13.48
C LYS A 120 -30.34 -3.08 -12.86
N GLU A 121 -31.47 -2.76 -13.47
CA GLU A 121 -32.42 -1.73 -12.93
C GLU A 121 -32.92 -2.12 -11.55
N ASN A 122 -33.28 -3.39 -11.36
CA ASN A 122 -33.77 -3.90 -10.04
C ASN A 122 -32.62 -3.80 -9.01
N LEU A 123 -31.38 -4.11 -9.38
CA LEU A 123 -30.22 -4.04 -8.43
C LEU A 123 -30.00 -2.58 -7.98
N ILE A 124 -30.11 -1.63 -8.89
CA ILE A 124 -29.94 -0.18 -8.60
C ILE A 124 -31.05 0.22 -7.62
N ARG A 125 -32.28 -0.17 -7.92
CA ARG A 125 -33.48 0.14 -7.09
C ARG A 125 -33.28 -0.45 -5.68
N GLU A 126 -32.90 -1.71 -5.57
CA GLU A 126 -32.73 -2.41 -4.27
C GLU A 126 -31.62 -1.70 -3.48
N TYR A 127 -30.52 -1.34 -4.15
CA TYR A 127 -29.36 -0.70 -3.50
C TYR A 127 -29.80 0.65 -2.92
N VAL A 128 -30.50 1.46 -3.70
CA VAL A 128 -30.92 2.82 -3.27
C VAL A 128 -31.95 2.70 -2.14
N LYS A 129 -32.93 1.81 -2.24
CA LYS A 129 -33.93 1.51 -1.17
C LYS A 129 -33.19 1.19 0.15
N GLN A 130 -32.20 0.30 0.11
CA GLN A 130 -31.42 -0.17 1.27
C GLN A 130 -30.50 0.93 1.84
N THR A 131 -29.77 1.67 1.01
CA THR A 131 -28.80 2.69 1.50
C THR A 131 -29.52 3.99 1.92
N TRP A 132 -30.55 4.41 1.20
CA TRP A 132 -31.23 5.72 1.34
C TRP A 132 -32.47 5.61 2.24
N ASN A 133 -33.06 4.43 2.29
CA ASN A 133 -34.27 4.11 3.10
C ASN A 133 -35.34 5.16 2.80
N LEU A 134 -35.66 5.32 1.52
CA LEU A 134 -36.69 6.22 0.99
C LEU A 134 -37.83 5.39 0.42
N GLN A 135 -38.96 6.06 0.17
CA GLN A 135 -40.20 5.47 -0.38
C GLN A 135 -40.83 6.48 -1.33
N GLY A 136 -41.77 6.01 -2.14
CA GLY A 136 -42.59 6.84 -3.04
C GLY A 136 -41.70 7.65 -3.97
N GLN A 137 -42.14 8.89 -4.24
CA GLN A 137 -41.51 9.78 -5.24
C GLN A 137 -40.09 10.16 -4.82
N ALA A 138 -39.85 10.34 -3.52
CA ALA A 138 -38.51 10.66 -3.00
C ALA A 138 -37.51 9.56 -3.43
N LEU A 139 -37.93 8.29 -3.37
CA LEU A 139 -37.09 7.12 -3.74
C LEU A 139 -36.84 7.18 -5.25
N GLU A 140 -37.89 7.43 -6.04
CA GLU A 140 -37.84 7.49 -7.52
C GLU A 140 -36.84 8.57 -7.94
N GLN A 141 -36.81 9.72 -7.27
CA GLN A 141 -35.92 10.86 -7.58
C GLN A 141 -34.48 10.50 -7.23
N ALA A 142 -34.27 9.90 -6.06
CA ALA A 142 -32.93 9.47 -5.60
C ALA A 142 -32.35 8.46 -6.60
N ILE A 143 -33.18 7.55 -7.09
CA ILE A 143 -32.76 6.53 -8.10
C ILE A 143 -32.29 7.28 -9.33
N ILE A 144 -33.10 8.20 -9.85
CA ILE A 144 -32.79 8.94 -11.11
C ILE A 144 -31.49 9.72 -10.90
N SER A 145 -31.36 10.42 -9.77
CA SER A 145 -30.21 11.29 -9.45
C SER A 145 -28.91 10.48 -9.36
N GLN A 146 -28.93 9.30 -8.77
CA GLN A 146 -27.71 8.53 -8.42
C GLN A 146 -27.39 7.43 -9.45
N LYS A 147 -28.33 7.11 -10.35
CA LYS A 147 -28.17 5.97 -11.29
C LYS A 147 -26.78 6.04 -11.95
N PRO A 148 -26.40 7.14 -12.62
CA PRO A 148 -25.12 7.20 -13.35
C PRO A 148 -23.90 7.05 -12.44
N GLN A 149 -23.98 7.58 -11.21
CA GLN A 149 -22.89 7.49 -10.19
C GLN A 149 -22.78 6.03 -9.69
N LEU A 150 -23.90 5.31 -9.59
CA LEU A 150 -23.98 3.94 -9.01
C LEU A 150 -23.74 2.83 -10.04
N GLU A 151 -23.79 3.10 -11.34
CA GLU A 151 -23.71 2.04 -12.39
C GLU A 151 -22.45 1.17 -12.18
N LYS A 152 -21.29 1.80 -12.00
CA LYS A 152 -20.02 1.04 -11.85
C LYS A 152 -20.01 0.26 -10.53
N LEU A 153 -20.54 0.81 -9.44
CA LEU A 153 -20.62 0.10 -8.14
C LEU A 153 -21.50 -1.14 -8.30
N ILE A 154 -22.69 -1.01 -8.87
CA ILE A 154 -23.62 -2.15 -9.04
C ILE A 154 -23.01 -3.20 -9.98
N ALA A 155 -22.36 -2.78 -11.07
CA ALA A 155 -21.67 -3.71 -12.01
C ALA A 155 -20.62 -4.54 -11.26
N THR A 156 -19.85 -3.95 -10.35
CA THR A 156 -18.71 -4.64 -9.68
C THR A 156 -19.19 -5.50 -8.51
N THR A 157 -20.44 -5.35 -8.04
CA THR A 157 -20.96 -6.09 -6.86
C THR A 157 -22.18 -6.96 -7.18
N ALA A 158 -22.77 -6.80 -8.36
CA ALA A 158 -23.95 -7.55 -8.88
C ALA A 158 -23.78 -9.05 -8.77
N HIS A 159 -22.57 -9.60 -8.84
CA HIS A 159 -22.36 -11.07 -8.71
C HIS A 159 -22.89 -11.57 -7.35
N GLU A 160 -22.84 -10.75 -6.31
CA GLU A 160 -23.27 -11.13 -4.93
C GLU A 160 -24.74 -11.55 -4.96
N LYS A 161 -25.54 -10.93 -5.84
CA LYS A 161 -27.02 -11.11 -5.92
C LYS A 161 -27.40 -12.07 -7.05
N MET A 162 -26.45 -12.81 -7.64
CA MET A 162 -26.77 -13.70 -8.79
C MET A 162 -26.82 -15.13 -8.29
N PRO A 163 -27.71 -15.97 -8.86
CA PRO A 163 -28.02 -17.27 -8.26
C PRO A 163 -26.82 -18.21 -8.16
N TRP A 164 -25.82 -18.08 -9.05
CA TRP A 164 -24.65 -19.00 -9.10
C TRP A 164 -23.56 -18.59 -8.11
N PHE A 165 -23.67 -17.44 -7.41
CA PHE A 165 -22.60 -16.98 -6.50
C PHE A 165 -22.91 -17.38 -5.06
N HIS A 166 -22.05 -18.20 -4.43
CA HIS A 166 -22.36 -18.81 -3.10
C HIS A 166 -21.49 -18.19 -2.01
N GLY A 167 -20.70 -17.17 -2.34
CA GLY A 167 -19.85 -16.48 -1.35
C GLY A 167 -18.71 -17.36 -0.85
N LYS A 168 -18.30 -17.15 0.40
CA LYS A 168 -17.13 -17.82 1.02
C LYS A 168 -17.59 -19.19 1.55
N ILE A 169 -17.57 -20.21 0.70
CA ILE A 169 -17.81 -21.63 1.12
C ILE A 169 -16.56 -22.40 0.77
N SER A 170 -16.33 -23.52 1.45
CA SER A 170 -15.13 -24.35 1.23
C SER A 170 -15.30 -25.14 -0.09
N ARG A 171 -14.20 -25.72 -0.57
CA ARG A 171 -14.19 -26.69 -1.66
C ARG A 171 -15.22 -27.79 -1.35
N GLU A 172 -15.15 -28.36 -0.14
CA GLU A 172 -15.98 -29.52 0.29
C GLU A 172 -17.46 -29.11 0.28
N GLU A 173 -17.81 -27.96 0.83
CA GLU A 173 -19.19 -27.45 0.85
C GLU A 173 -19.66 -27.30 -0.60
N SER A 174 -18.79 -26.85 -1.50
CA SER A 174 -19.19 -26.56 -2.89
C SER A 174 -19.47 -27.88 -3.60
N GLU A 175 -18.66 -28.91 -3.37
CA GLU A 175 -18.93 -30.29 -3.90
C GLU A 175 -20.31 -30.76 -3.39
N GLN A 176 -20.56 -30.65 -2.10
CA GLN A 176 -21.81 -31.15 -1.47
C GLN A 176 -23.02 -30.49 -2.14
N ILE A 177 -22.98 -29.17 -2.29
CA ILE A 177 -24.13 -28.38 -2.85
C ILE A 177 -24.34 -28.76 -4.33
N VAL A 178 -23.26 -28.95 -5.09
CA VAL A 178 -23.37 -29.25 -6.56
C VAL A 178 -23.93 -30.69 -6.73
N LEU A 179 -23.59 -31.64 -5.84
CA LEU A 179 -23.97 -33.06 -5.99
C LEU A 179 -25.38 -33.33 -5.42
N ILE A 180 -26.05 -32.34 -4.84
CA ILE A 180 -27.49 -32.42 -4.45
C ILE A 180 -28.36 -32.35 -5.71
N GLY A 181 -29.33 -33.24 -5.85
CA GLY A 181 -30.29 -33.22 -6.97
C GLY A 181 -29.73 -33.78 -8.26
N SER A 182 -30.37 -33.41 -9.37
CA SER A 182 -30.04 -33.84 -10.76
C SER A 182 -28.57 -33.51 -11.04
N LYS A 183 -27.82 -34.48 -11.56
CA LYS A 183 -26.38 -34.35 -11.86
C LYS A 183 -26.22 -33.85 -13.30
N THR A 184 -26.94 -32.78 -13.63
CA THR A 184 -26.92 -32.12 -14.96
C THR A 184 -25.46 -31.70 -15.27
N ASN A 185 -24.90 -32.21 -16.36
CA ASN A 185 -23.61 -31.70 -16.88
C ASN A 185 -23.66 -30.17 -17.03
N GLY A 186 -22.62 -29.50 -16.56
CA GLY A 186 -22.50 -28.04 -16.69
C GLY A 186 -23.08 -27.30 -15.51
N LYS A 187 -23.73 -28.00 -14.59
CA LYS A 187 -24.24 -27.39 -13.34
C LYS A 187 -23.03 -26.75 -12.66
N PHE A 188 -23.15 -25.54 -12.15
CA PHE A 188 -21.97 -24.78 -11.71
C PHE A 188 -22.33 -23.79 -10.61
N LEU A 189 -21.33 -23.43 -9.85
CA LEU A 189 -21.37 -22.22 -8.98
C LEU A 189 -20.00 -21.56 -8.97
N ILE A 190 -19.93 -20.36 -8.40
CA ILE A 190 -18.66 -19.65 -8.10
C ILE A 190 -18.64 -19.38 -6.60
N ARG A 191 -17.49 -19.64 -5.97
CA ARG A 191 -17.24 -19.36 -4.54
C ARG A 191 -16.03 -18.41 -4.43
N ALA A 192 -16.03 -17.55 -3.41
CA ALA A 192 -14.85 -16.75 -2.99
C ALA A 192 -13.87 -17.67 -2.27
N ARG A 193 -12.59 -17.49 -2.50
CA ARG A 193 -11.54 -18.18 -1.70
C ARG A 193 -10.96 -17.24 -0.62
N ASP A 194 -10.59 -16.02 -0.99
CA ASP A 194 -9.64 -15.20 -0.18
C ASP A 194 -10.42 -14.01 0.33
N ASN A 195 -11.55 -13.64 -0.31
CA ASN A 195 -12.13 -12.26 -0.32
C ASN A 195 -10.98 -11.28 -0.62
N ASN A 196 -10.32 -11.53 -1.77
CA ASN A 196 -9.05 -10.89 -2.22
C ASN A 196 -9.10 -10.76 -3.75
N GLY A 197 -10.26 -11.06 -4.34
CA GLY A 197 -10.42 -11.23 -5.80
C GLY A 197 -9.98 -12.62 -6.26
N SER A 198 -9.87 -13.58 -5.32
CA SER A 198 -9.68 -15.01 -5.65
C SER A 198 -11.00 -15.77 -5.53
N TYR A 199 -11.32 -16.57 -6.54
CA TYR A 199 -12.57 -17.34 -6.62
C TYR A 199 -12.28 -18.69 -7.22
N ALA A 200 -13.28 -19.59 -7.15
CA ALA A 200 -13.23 -20.89 -7.85
C ALA A 200 -14.55 -21.05 -8.60
N LEU A 201 -14.45 -21.54 -9.83
CA LEU A 201 -15.58 -22.02 -10.63
C LEU A 201 -15.68 -23.53 -10.37
N CYS A 202 -16.83 -23.98 -9.85
CA CYS A 202 -17.09 -25.41 -9.55
C CYS A 202 -18.14 -25.88 -10.55
N LEU A 203 -17.77 -26.88 -11.33
CA LEU A 203 -18.46 -27.30 -12.55
C LEU A 203 -18.66 -28.82 -12.46
N LEU A 204 -19.87 -29.30 -12.74
CA LEU A 204 -20.18 -30.75 -12.73
C LEU A 204 -19.94 -31.34 -14.13
N HIS A 205 -19.06 -32.32 -14.21
CA HIS A 205 -18.71 -33.04 -15.47
C HIS A 205 -18.80 -34.55 -15.21
N GLU A 206 -19.78 -35.23 -15.79
CA GLU A 206 -19.91 -36.72 -15.68
C GLU A 206 -19.85 -37.12 -14.19
N GLY A 207 -20.69 -36.52 -13.36
CA GLY A 207 -20.83 -36.84 -11.93
C GLY A 207 -19.68 -36.37 -11.05
N LYS A 208 -18.64 -35.75 -11.59
CA LYS A 208 -17.48 -35.25 -10.79
C LYS A 208 -17.45 -33.72 -10.81
N VAL A 209 -17.11 -33.12 -9.68
CA VAL A 209 -17.00 -31.64 -9.52
C VAL A 209 -15.56 -31.22 -9.84
N LEU A 210 -15.37 -30.42 -10.90
CA LEU A 210 -14.09 -29.78 -11.29
C LEU A 210 -14.05 -28.39 -10.69
N HIS A 211 -12.86 -28.02 -10.22
CA HIS A 211 -12.58 -26.69 -9.61
C HIS A 211 -11.58 -25.97 -10.52
N TYR A 212 -11.97 -24.82 -11.06
CA TYR A 212 -11.07 -23.90 -11.81
C TYR A 212 -10.84 -22.66 -10.96
N ARG A 213 -9.58 -22.30 -10.76
CA ARG A 213 -9.17 -21.10 -10.00
C ARG A 213 -9.48 -19.87 -10.86
N ILE A 214 -9.96 -18.81 -10.23
CA ILE A 214 -10.13 -17.48 -10.86
C ILE A 214 -9.30 -16.50 -10.02
N ASP A 215 -8.38 -15.76 -10.65
CA ASP A 215 -7.55 -14.77 -9.93
C ASP A 215 -7.69 -13.38 -10.56
N LYS A 216 -7.56 -12.37 -9.70
CA LYS A 216 -7.44 -10.93 -10.05
C LYS A 216 -5.97 -10.68 -10.33
N ASP A 217 -5.62 -10.21 -11.53
CA ASP A 217 -4.24 -9.76 -11.85
C ASP A 217 -4.05 -8.32 -11.32
N LYS A 218 -2.91 -7.71 -11.62
CA LYS A 218 -2.54 -6.37 -11.07
C LYS A 218 -3.38 -5.25 -11.70
N THR A 219 -3.93 -5.47 -12.91
CA THR A 219 -4.85 -4.55 -13.63
C THR A 219 -6.24 -4.58 -12.99
N GLY A 220 -6.53 -5.57 -12.12
CA GLY A 220 -7.89 -5.81 -11.59
C GLY A 220 -8.75 -6.68 -12.50
N LYS A 221 -8.16 -7.39 -13.45
CA LYS A 221 -8.90 -8.32 -14.35
C LYS A 221 -8.96 -9.73 -13.73
N LEU A 222 -10.09 -10.40 -13.94
CA LEU A 222 -10.36 -11.78 -13.47
C LEU A 222 -10.14 -12.75 -14.62
N SER A 223 -9.51 -13.87 -14.34
CA SER A 223 -9.32 -14.94 -15.34
C SER A 223 -9.03 -16.27 -14.63
N ILE A 224 -9.42 -17.34 -15.30
CA ILE A 224 -8.81 -18.69 -15.13
C ILE A 224 -7.43 -18.60 -15.78
N PRO A 225 -6.37 -19.19 -15.18
CA PRO A 225 -5.02 -18.98 -15.68
C PRO A 225 -4.90 -19.27 -17.18
N GLU A 226 -4.36 -18.31 -17.94
CA GLU A 226 -4.11 -18.34 -19.40
C GLU A 226 -5.42 -18.20 -20.17
N GLY A 227 -6.50 -17.85 -19.47
CA GLY A 227 -7.83 -17.67 -20.07
C GLY A 227 -8.11 -16.23 -20.43
N LYS A 228 -9.22 -16.00 -21.13
CA LYS A 228 -9.76 -14.64 -21.37
C LYS A 228 -9.88 -13.89 -20.04
N LYS A 229 -9.65 -12.58 -20.08
CA LYS A 229 -9.69 -11.68 -18.90
C LYS A 229 -11.01 -10.89 -18.93
N PHE A 230 -11.62 -10.70 -17.76
CA PHE A 230 -12.91 -10.01 -17.57
C PHE A 230 -12.78 -8.99 -16.45
N ASP A 231 -13.58 -7.94 -16.53
CA ASP A 231 -13.69 -6.95 -15.44
C ASP A 231 -14.59 -7.51 -14.34
N THR A 232 -15.56 -8.38 -14.65
CA THR A 232 -16.54 -8.88 -13.63
C THR A 232 -16.75 -10.39 -13.75
N LEU A 233 -17.16 -10.99 -12.64
CA LEU A 233 -17.51 -12.44 -12.58
C LEU A 233 -18.73 -12.71 -13.47
N TRP A 234 -19.71 -11.79 -13.51
CA TRP A 234 -20.91 -12.05 -14.35
C TRP A 234 -20.51 -12.11 -15.82
N GLN A 235 -19.54 -11.30 -16.24
CA GLN A 235 -19.02 -11.39 -17.63
C GLN A 235 -18.43 -12.76 -17.87
N LEU A 236 -17.60 -13.24 -16.92
CA LEU A 236 -16.92 -14.54 -17.01
C LEU A 236 -17.96 -15.66 -17.14
N VAL A 237 -18.99 -15.63 -16.30
CA VAL A 237 -20.07 -16.65 -16.37
C VAL A 237 -20.81 -16.57 -17.71
N GLU A 238 -21.13 -15.38 -18.18
CA GLU A 238 -21.87 -15.23 -19.47
C GLU A 238 -21.00 -15.82 -20.59
N HIS A 239 -19.70 -15.58 -20.56
CA HIS A 239 -18.75 -16.09 -21.58
C HIS A 239 -18.75 -17.63 -21.61
N TYR A 240 -18.53 -18.25 -20.46
CA TYR A 240 -18.36 -19.73 -20.38
C TYR A 240 -19.72 -20.43 -20.40
N SER A 241 -20.84 -19.69 -20.39
CA SER A 241 -22.21 -20.23 -20.62
C SER A 241 -22.48 -20.35 -22.11
N TYR A 242 -21.71 -19.65 -22.96
CA TYR A 242 -21.85 -19.71 -24.43
C TYR A 242 -20.91 -20.77 -25.03
N LYS A 243 -19.69 -20.88 -24.51
CA LYS A 243 -18.58 -21.66 -25.11
C LYS A 243 -17.74 -22.28 -24.00
N ALA A 244 -17.27 -23.50 -24.16
CA ALA A 244 -16.36 -24.16 -23.20
C ALA A 244 -15.09 -23.32 -23.12
N ASP A 245 -14.56 -22.90 -24.26
CA ASP A 245 -13.33 -22.10 -24.39
C ASP A 245 -12.26 -22.61 -23.41
N GLY A 246 -12.04 -23.93 -23.34
CA GLY A 246 -10.94 -24.51 -22.54
C GLY A 246 -11.44 -25.24 -21.29
N LEU A 247 -12.65 -24.94 -20.82
CA LEU A 247 -13.30 -25.76 -19.76
C LEU A 247 -13.58 -27.14 -20.38
N LEU A 248 -13.81 -28.17 -19.57
CA LEU A 248 -14.19 -29.50 -20.10
C LEU A 248 -15.57 -29.41 -20.74
N ARG A 249 -16.38 -28.42 -20.36
CA ARG A 249 -17.73 -28.22 -20.99
C ARG A 249 -18.27 -26.85 -20.64
N VAL A 250 -19.30 -26.45 -21.37
CA VAL A 250 -20.01 -25.15 -21.21
C VAL A 250 -20.75 -25.16 -19.86
N LEU A 251 -20.88 -24.00 -19.19
CA LEU A 251 -21.73 -23.84 -18.00
C LEU A 251 -23.20 -23.89 -18.44
N THR A 252 -24.05 -24.61 -17.68
CA THR A 252 -25.50 -24.73 -17.96
C THR A 252 -26.26 -24.12 -16.78
N VAL A 253 -26.74 -24.94 -15.85
CA VAL A 253 -27.72 -24.52 -14.82
C VAL A 253 -26.95 -24.03 -13.60
N PRO A 254 -27.30 -22.83 -13.08
CA PRO A 254 -26.69 -22.37 -11.84
C PRO A 254 -27.12 -23.30 -10.71
N CYS A 255 -26.19 -23.71 -9.88
CA CYS A 255 -26.49 -24.40 -8.61
C CYS A 255 -27.12 -23.36 -7.69
N GLN A 256 -28.37 -23.59 -7.29
CA GLN A 256 -29.17 -22.69 -6.42
C GLN A 256 -28.53 -22.73 -5.03
N LYS A 257 -28.47 -21.59 -4.35
CA LYS A 257 -28.04 -21.49 -2.92
C LYS A 257 -29.10 -22.14 -2.00
N ILE A 258 -28.62 -22.78 -0.95
CA ILE A 258 -29.31 -23.86 -0.19
C ILE A 258 -29.49 -23.37 1.25
N ASP B 4 -32.44 4.98 9.02
CA ASP B 4 -32.14 4.03 10.15
C ASP B 4 -33.31 3.89 11.14
N SER B 5 -34.44 4.59 10.94
CA SER B 5 -35.57 4.62 11.90
C SER B 5 -35.93 3.20 12.39
N ALA B 6 -35.29 2.80 13.49
CA ALA B 6 -35.63 1.71 14.43
C ALA B 6 -36.53 2.23 15.57
N ASN B 7 -36.97 3.49 15.50
CA ASN B 7 -37.84 4.15 16.50
C ASN B 7 -39.20 3.46 16.59
N HIS B 8 -39.64 2.83 15.52
CA HIS B 8 -40.96 2.15 15.42
C HIS B 8 -40.92 0.82 16.21
N LEU B 9 -39.73 0.33 16.61
CA LEU B 9 -39.62 -0.93 17.39
C LEU B 9 -39.87 -0.61 18.86
N PRO B 10 -40.83 -1.29 19.52
CA PRO B 10 -41.14 -1.00 20.92
C PRO B 10 -39.99 -1.33 21.89
N PHE B 11 -39.02 -2.15 21.46
CA PHE B 11 -37.89 -2.67 22.27
C PHE B 11 -36.57 -1.98 21.86
N PHE B 12 -36.65 -0.88 21.11
CA PHE B 12 -35.49 0.00 20.79
C PHE B 12 -35.41 1.13 21.82
N PHE B 13 -34.25 1.29 22.47
CA PHE B 13 -34.08 2.18 23.64
C PHE B 13 -33.26 3.42 23.25
N GLY B 14 -32.83 3.47 22.00
CA GLY B 14 -31.96 4.55 21.50
C GLY B 14 -30.62 4.48 22.17
N ASN B 15 -30.09 5.65 22.55
CA ASN B 15 -28.70 5.87 22.97
C ASN B 15 -28.55 5.63 24.46
N ILE B 16 -28.87 4.42 24.94
CA ILE B 16 -28.64 4.03 26.35
C ILE B 16 -27.28 3.34 26.44
N THR B 17 -26.72 3.30 27.63
CA THR B 17 -25.42 2.64 27.89
C THR B 17 -25.65 1.14 28.10
N ARG B 18 -24.56 0.38 28.04
CA ARG B 18 -24.56 -1.05 28.39
C ARG B 18 -25.15 -1.24 29.77
N GLU B 19 -24.71 -0.43 30.74
CA GLU B 19 -25.13 -0.58 32.15
C GLU B 19 -26.65 -0.38 32.20
N GLU B 20 -27.17 0.64 31.52
CA GLU B 20 -28.61 0.94 31.46
C GLU B 20 -29.34 -0.23 30.79
N ALA B 21 -28.75 -0.80 29.73
CA ALA B 21 -29.37 -1.94 29.01
C ALA B 21 -29.49 -3.11 29.98
N GLU B 22 -28.41 -3.41 30.70
CA GLU B 22 -28.37 -4.50 31.69
C GLU B 22 -29.38 -4.22 32.80
N ASP B 23 -29.49 -2.99 33.29
CA ASP B 23 -30.46 -2.63 34.35
C ASP B 23 -31.87 -2.93 33.83
N TYR B 24 -32.15 -2.62 32.56
CA TYR B 24 -33.47 -2.86 31.93
C TYR B 24 -33.74 -4.35 31.83
N LEU B 25 -32.74 -5.16 31.47
CA LEU B 25 -32.92 -6.63 31.29
C LEU B 25 -33.25 -7.24 32.67
N VAL B 26 -32.61 -6.77 33.76
CA VAL B 26 -32.87 -7.28 35.14
C VAL B 26 -34.30 -6.87 35.54
N GLN B 27 -34.68 -5.62 35.30
CA GLN B 27 -36.06 -5.12 35.55
C GLN B 27 -37.06 -6.02 34.83
N GLY B 28 -36.71 -6.54 33.65
CA GLY B 28 -37.59 -7.40 32.84
C GLY B 28 -37.56 -8.86 33.23
N GLY B 29 -36.77 -9.25 34.24
CA GLY B 29 -36.75 -10.61 34.78
C GLY B 29 -35.50 -11.38 34.38
N MET B 30 -34.69 -10.82 33.48
CA MET B 30 -33.44 -11.47 33.03
C MET B 30 -33.72 -12.93 32.59
N SER B 31 -34.90 -13.18 31.99
CA SER B 31 -35.28 -14.50 31.42
C SER B 31 -34.45 -14.82 30.17
N ASP B 32 -34.12 -16.08 29.97
CA ASP B 32 -33.38 -16.58 28.77
C ASP B 32 -34.08 -16.06 27.51
N GLY B 33 -33.31 -15.43 26.62
CA GLY B 33 -33.80 -14.90 25.33
C GLY B 33 -34.54 -13.60 25.47
N LEU B 34 -34.53 -12.96 26.64
CA LEU B 34 -35.04 -11.57 26.78
C LEU B 34 -34.01 -10.68 26.10
N TYR B 35 -34.45 -9.70 25.31
CA TYR B 35 -33.52 -8.90 24.48
C TYR B 35 -34.09 -7.51 24.29
N LEU B 36 -33.20 -6.55 24.10
CA LEU B 36 -33.58 -5.22 23.64
C LEU B 36 -32.54 -4.77 22.60
N LEU B 37 -32.90 -3.70 21.92
CA LEU B 37 -32.06 -3.09 20.88
C LEU B 37 -31.70 -1.68 21.36
N ARG B 38 -30.46 -1.28 21.10
CA ARG B 38 -30.02 0.09 21.39
C ARG B 38 -29.12 0.55 20.25
N GLN B 39 -28.85 1.84 20.25
CA GLN B 39 -27.97 2.49 19.22
C GLN B 39 -26.53 2.22 19.63
N SER B 40 -25.66 1.81 18.72
CA SER B 40 -24.21 1.66 19.05
C SER B 40 -23.68 3.03 19.48
N ARG B 41 -22.90 3.06 20.55
CA ARG B 41 -22.30 4.31 21.09
C ARG B 41 -20.88 4.43 20.56
N ASN B 42 -20.36 3.46 19.80
CA ASN B 42 -18.99 3.60 19.29
C ASN B 42 -18.85 3.15 17.82
N TYR B 43 -19.91 2.68 17.17
CA TYR B 43 -19.90 2.35 15.74
C TYR B 43 -20.97 3.22 15.06
N LEU B 44 -20.51 4.11 14.19
CA LEU B 44 -21.37 5.03 13.45
C LEU B 44 -22.38 4.22 12.63
N GLY B 45 -23.65 4.59 12.71
CA GLY B 45 -24.77 3.94 12.01
C GLY B 45 -25.11 2.58 12.59
N GLY B 46 -24.37 2.15 13.62
CA GLY B 46 -24.51 0.81 14.21
C GLY B 46 -25.58 0.71 15.28
N PHE B 47 -25.93 -0.51 15.64
CA PHE B 47 -26.85 -0.86 16.75
C PHE B 47 -26.16 -1.86 17.67
N ALA B 48 -26.72 -2.07 18.86
CA ALA B 48 -26.25 -3.10 19.80
C ALA B 48 -27.47 -3.94 20.18
N LEU B 49 -27.31 -5.25 20.16
CA LEU B 49 -28.30 -6.23 20.64
C LEU B 49 -27.84 -6.69 22.02
N SER B 50 -28.71 -6.57 23.02
CA SER B 50 -28.43 -6.93 24.42
C SER B 50 -29.38 -8.07 24.78
N VAL B 51 -28.84 -9.23 25.11
CA VAL B 51 -29.64 -10.49 25.29
C VAL B 51 -29.26 -11.13 26.61
N ALA B 52 -30.28 -11.51 27.40
CA ALA B 52 -30.13 -12.25 28.67
C ALA B 52 -30.05 -13.75 28.37
N HIS B 53 -29.06 -14.45 28.93
CA HIS B 53 -28.98 -15.92 28.92
C HIS B 53 -28.11 -16.41 30.08
N GLY B 54 -28.59 -17.43 30.81
CA GLY B 54 -27.88 -17.95 31.98
C GLY B 54 -27.72 -16.87 33.04
N ARG B 55 -28.74 -16.00 33.15
CA ARG B 55 -28.78 -14.83 34.07
C ARG B 55 -27.63 -13.84 33.82
N LYS B 56 -26.94 -13.92 32.67
CA LYS B 56 -25.88 -12.97 32.25
C LYS B 56 -26.37 -12.16 31.03
N ALA B 57 -25.80 -10.98 30.83
CA ALA B 57 -26.04 -10.10 29.67
C ALA B 57 -25.00 -10.40 28.60
N HIS B 58 -25.44 -10.55 27.36
CA HIS B 58 -24.56 -10.76 26.17
C HIS B 58 -24.87 -9.59 25.20
N HIS B 59 -23.82 -8.88 24.78
CA HIS B 59 -23.91 -7.65 23.96
C HIS B 59 -23.24 -7.90 22.61
N TYR B 60 -23.97 -7.63 21.54
CA TYR B 60 -23.50 -7.77 20.15
C TYR B 60 -23.61 -6.43 19.43
N THR B 61 -22.56 -6.02 18.73
CA THR B 61 -22.60 -4.87 17.80
C THR B 61 -23.14 -5.33 16.44
N ILE B 62 -24.21 -4.67 16.00
CA ILE B 62 -24.75 -4.76 14.62
C ILE B 62 -24.18 -3.59 13.82
N GLU B 63 -23.23 -3.86 12.91
CA GLU B 63 -22.60 -2.82 12.05
C GLU B 63 -23.47 -2.60 10.81
N ARG B 64 -23.54 -1.37 10.34
CA ARG B 64 -24.04 -1.04 8.98
C ARG B 64 -22.92 -1.33 7.96
N GLU B 65 -23.17 -2.25 7.04
CA GLU B 65 -22.20 -2.67 5.99
C GLU B 65 -22.07 -1.59 4.94
N LEU B 66 -21.04 -1.68 4.10
CA LEU B 66 -20.77 -0.71 2.99
C LEU B 66 -22.01 -0.61 2.11
N ASN B 67 -22.68 -1.72 1.85
CA ASN B 67 -23.85 -1.83 0.94
C ASN B 67 -25.16 -1.46 1.66
N GLY B 68 -25.12 -1.03 2.93
CA GLY B 68 -26.29 -0.50 3.66
C GLY B 68 -27.10 -1.57 4.37
N THR B 69 -26.68 -2.83 4.32
CA THR B 69 -27.28 -3.91 5.13
C THR B 69 -26.65 -3.88 6.53
N TYR B 70 -27.12 -4.77 7.41
CA TYR B 70 -26.73 -4.84 8.83
C TYR B 70 -26.27 -6.24 9.13
N ALA B 71 -25.17 -6.36 9.86
CA ALA B 71 -24.61 -7.67 10.27
C ALA B 71 -23.85 -7.51 11.57
N ILE B 72 -23.96 -8.50 12.44
CA ILE B 72 -22.97 -8.79 13.51
C ILE B 72 -21.77 -9.41 12.79
N ALA B 73 -20.54 -9.08 13.21
CA ALA B 73 -19.31 -9.53 12.53
C ALA B 73 -19.38 -11.07 12.40
N GLY B 74 -19.19 -11.59 11.18
CA GLY B 74 -19.14 -13.03 10.86
C GLY B 74 -20.52 -13.64 10.63
N GLY B 75 -21.54 -12.79 10.48
CA GLY B 75 -22.94 -13.22 10.37
C GLY B 75 -23.52 -12.90 9.01
N ARG B 76 -24.66 -13.49 8.67
CA ARG B 76 -25.40 -13.15 7.43
C ARG B 76 -25.82 -11.67 7.55
N THR B 77 -26.08 -11.03 6.42
CA THR B 77 -26.53 -9.62 6.36
C THR B 77 -28.06 -9.59 6.42
N HIS B 78 -28.63 -8.48 6.84
CA HIS B 78 -30.10 -8.29 6.98
C HIS B 78 -30.41 -6.89 6.48
N ALA B 79 -31.64 -6.68 6.06
CA ALA B 79 -32.11 -5.40 5.50
C ALA B 79 -32.18 -4.36 6.63
N SER B 80 -32.42 -4.79 7.87
CA SER B 80 -32.73 -3.89 9.02
C SER B 80 -32.42 -4.60 10.33
N PRO B 81 -32.23 -3.85 11.43
CA PRO B 81 -32.08 -4.44 12.76
C PRO B 81 -33.31 -5.27 13.13
N ALA B 82 -34.49 -4.79 12.77
CA ALA B 82 -35.77 -5.52 13.01
C ALA B 82 -35.71 -6.91 12.36
N ASP B 83 -35.25 -6.99 11.11
CA ASP B 83 -35.15 -8.28 10.36
C ASP B 83 -34.12 -9.16 11.06
N LEU B 84 -33.03 -8.58 11.55
CA LEU B 84 -31.96 -9.35 12.26
C LEU B 84 -32.60 -9.98 13.51
N CYS B 85 -33.38 -9.22 14.26
CA CYS B 85 -34.03 -9.68 15.51
C CYS B 85 -35.07 -10.77 15.19
N HIS B 86 -35.90 -10.54 14.19
CA HIS B 86 -36.87 -11.57 13.70
C HIS B 86 -36.10 -12.84 13.34
N TYR B 87 -35.06 -12.74 12.52
CA TYR B 87 -34.26 -13.91 12.09
C TYR B 87 -33.77 -14.68 13.33
N HIS B 88 -33.24 -13.98 14.34
CA HIS B 88 -32.60 -14.65 15.50
C HIS B 88 -33.66 -15.13 16.50
N SER B 89 -34.93 -14.82 16.28
CA SER B 89 -36.07 -15.45 16.98
C SER B 89 -36.41 -16.82 16.36
N GLN B 90 -35.92 -17.14 15.16
CA GLN B 90 -36.16 -18.42 14.43
C GLN B 90 -34.93 -19.34 14.49
N GLU B 91 -33.73 -18.80 14.27
CA GLU B 91 -32.43 -19.52 14.30
C GLU B 91 -31.46 -18.82 15.26
N SER B 92 -30.77 -19.58 16.12
CA SER B 92 -29.67 -19.06 16.97
C SER B 92 -28.51 -18.57 16.06
N ASP B 93 -28.06 -19.43 15.14
CA ASP B 93 -27.04 -19.12 14.10
C ASP B 93 -25.84 -18.35 14.71
N GLY B 94 -25.30 -18.84 15.82
CA GLY B 94 -24.02 -18.35 16.41
C GLY B 94 -24.27 -17.43 17.60
N LEU B 95 -25.50 -16.95 17.76
CA LEU B 95 -25.90 -16.13 18.92
C LEU B 95 -25.92 -17.03 20.15
N VAL B 96 -25.76 -16.48 21.34
CA VAL B 96 -25.66 -17.26 22.61
C VAL B 96 -26.91 -18.14 22.76
N CYS B 97 -28.06 -17.67 22.27
CA CYS B 97 -29.35 -18.36 22.36
C CYS B 97 -30.35 -17.71 21.40
N LEU B 98 -31.52 -18.30 21.28
CA LEU B 98 -32.65 -17.80 20.49
C LEU B 98 -33.20 -16.56 21.19
N LEU B 99 -33.60 -15.57 20.42
CA LEU B 99 -34.33 -14.41 20.93
C LEU B 99 -35.78 -14.86 21.16
N LYS B 100 -36.25 -14.82 22.41
CA LYS B 100 -37.60 -15.32 22.79
C LYS B 100 -38.56 -14.14 22.96
N LYS B 101 -38.16 -13.12 23.71
CA LYS B 101 -39.11 -12.10 24.25
C LYS B 101 -38.46 -10.72 24.24
N PRO B 102 -39.02 -9.75 23.52
CA PRO B 102 -38.49 -8.39 23.56
C PRO B 102 -38.79 -7.79 24.93
N PHE B 103 -37.84 -7.01 25.48
CA PHE B 103 -38.10 -6.12 26.62
C PHE B 103 -38.45 -4.74 26.06
N ASN B 104 -39.71 -4.35 26.16
CA ASN B 104 -40.25 -3.11 25.57
C ASN B 104 -39.94 -1.92 26.47
N ARG B 105 -39.76 -0.75 25.87
CA ARG B 105 -39.65 0.52 26.64
C ARG B 105 -40.87 0.62 27.55
N PRO B 106 -40.69 0.78 28.88
CA PRO B 106 -41.83 1.06 29.76
C PRO B 106 -42.62 2.28 29.26
N GLN B 107 -43.88 2.38 29.67
CA GLN B 107 -44.80 3.48 29.29
C GLN B 107 -44.09 4.84 29.54
N GLY B 108 -44.16 5.75 28.56
CA GLY B 108 -43.61 7.11 28.67
C GLY B 108 -42.10 7.22 28.48
N VAL B 109 -41.39 6.07 28.41
CA VAL B 109 -39.92 6.04 28.13
C VAL B 109 -39.72 6.11 26.61
N GLN B 110 -39.05 7.16 26.13
CA GLN B 110 -38.75 7.33 24.68
C GLN B 110 -37.34 6.82 24.41
N PRO B 111 -36.99 6.52 23.14
CA PRO B 111 -35.60 6.23 22.80
C PRO B 111 -34.75 7.45 23.18
N LYS B 112 -33.59 7.23 23.80
CA LYS B 112 -32.65 8.32 24.13
C LYS B 112 -31.96 8.75 22.83
N THR B 113 -31.76 10.06 22.66
CA THR B 113 -30.98 10.66 21.55
C THR B 113 -29.79 11.40 22.18
N GLY B 114 -28.61 11.36 21.60
CA GLY B 114 -27.50 12.21 22.08
C GLY B 114 -27.58 13.63 21.51
N PRO B 115 -26.67 14.52 21.96
CA PRO B 115 -26.59 15.87 21.41
C PRO B 115 -26.38 15.89 19.88
N PHE B 116 -25.50 15.03 19.36
CA PHE B 116 -25.21 14.94 17.91
C PHE B 116 -26.48 14.59 17.15
N GLU B 117 -27.18 13.54 17.60
CA GLU B 117 -28.44 13.07 16.96
C GLU B 117 -29.42 14.26 16.86
N ASP B 118 -29.47 15.11 17.88
CA ASP B 118 -30.45 16.23 17.96
C ASP B 118 -30.06 17.32 16.95
N LEU B 119 -28.77 17.48 16.62
CA LEU B 119 -28.24 18.52 15.71
C LEU B 119 -28.21 18.04 14.25
N LYS B 120 -28.12 16.73 14.02
CA LYS B 120 -27.68 16.07 12.75
C LYS B 120 -28.42 16.64 11.52
N GLU B 121 -29.76 16.62 11.53
CA GLU B 121 -30.61 17.07 10.39
C GLU B 121 -30.32 18.54 10.09
N ASN B 122 -30.24 19.39 11.13
CA ASN B 122 -30.01 20.84 10.96
C ASN B 122 -28.61 21.04 10.38
N LEU B 123 -27.58 20.28 10.82
CA LEU B 123 -26.20 20.45 10.28
C LEU B 123 -26.16 20.09 8.79
N ILE B 124 -26.86 19.04 8.38
CA ILE B 124 -26.91 18.62 6.95
C ILE B 124 -27.54 19.76 6.15
N ARG B 125 -28.68 20.27 6.63
CA ARG B 125 -29.42 21.38 5.98
C ARG B 125 -28.52 22.62 5.85
N GLU B 126 -27.87 23.03 6.93
CA GLU B 126 -26.99 24.24 6.96
C GLU B 126 -25.82 24.02 6.02
N TYR B 127 -25.24 22.83 5.96
CA TYR B 127 -24.10 22.52 5.04
C TYR B 127 -24.57 22.73 3.60
N VAL B 128 -25.72 22.19 3.23
CA VAL B 128 -26.20 22.30 1.82
C VAL B 128 -26.52 23.78 1.50
N LYS B 129 -27.23 24.46 2.39
CA LYS B 129 -27.59 25.90 2.29
C LYS B 129 -26.31 26.74 2.05
N GLN B 130 -25.29 26.55 2.88
CA GLN B 130 -24.15 27.51 2.98
C GLN B 130 -23.11 27.12 1.94
N THR B 131 -22.71 25.85 1.92
CA THR B 131 -21.57 25.36 1.11
C THR B 131 -22.00 25.17 -0.35
N TRP B 132 -23.22 24.71 -0.61
CA TRP B 132 -23.72 24.44 -1.99
C TRP B 132 -24.64 25.54 -2.48
N ASN B 133 -25.04 26.49 -1.62
CA ASN B 133 -25.74 27.73 -2.03
C ASN B 133 -27.02 27.30 -2.72
N LEU B 134 -27.76 26.36 -2.13
CA LEU B 134 -29.06 25.86 -2.65
C LEU B 134 -30.18 26.39 -1.73
N GLN B 135 -31.34 26.61 -2.30
CA GLN B 135 -32.55 27.14 -1.60
C GLN B 135 -33.76 26.43 -2.15
N GLY B 136 -34.90 26.47 -1.47
CA GLY B 136 -36.19 25.97 -1.98
C GLY B 136 -36.08 24.50 -2.38
N GLN B 137 -36.73 24.14 -3.48
CA GLN B 137 -36.84 22.75 -3.98
C GLN B 137 -35.47 22.19 -4.31
N ALA B 138 -34.58 22.99 -4.90
CA ALA B 138 -33.21 22.53 -5.27
C ALA B 138 -32.50 22.02 -4.00
N LEU B 139 -32.65 22.71 -2.87
CA LEU B 139 -32.01 22.34 -1.57
C LEU B 139 -32.61 21.01 -1.09
N GLU B 140 -33.95 20.92 -1.15
CA GLU B 140 -34.70 19.73 -0.66
C GLU B 140 -34.26 18.50 -1.44
N GLN B 141 -34.08 18.64 -2.77
CA GLN B 141 -33.70 17.53 -3.68
C GLN B 141 -32.27 17.11 -3.37
N ALA B 142 -31.35 18.07 -3.22
CA ALA B 142 -29.92 17.81 -2.96
C ALA B 142 -29.78 17.04 -1.65
N ILE B 143 -30.57 17.41 -0.64
CA ILE B 143 -30.55 16.73 0.68
C ILE B 143 -30.94 15.25 0.44
N ILE B 144 -32.07 15.03 -0.22
CA ILE B 144 -32.63 13.67 -0.46
C ILE B 144 -31.60 12.86 -1.27
N SER B 145 -31.07 13.45 -2.33
CA SER B 145 -30.19 12.79 -3.34
C SER B 145 -28.89 12.37 -2.68
N GLN B 146 -28.32 13.22 -1.79
CA GLN B 146 -26.94 13.05 -1.29
C GLN B 146 -27.02 12.60 0.17
N LYS B 147 -28.21 12.21 0.64
CA LYS B 147 -28.49 11.92 2.06
C LYS B 147 -27.36 11.10 2.65
N PRO B 148 -27.03 9.90 2.12
CA PRO B 148 -26.03 9.04 2.75
C PRO B 148 -24.63 9.66 2.76
N GLN B 149 -24.27 10.44 1.74
CA GLN B 149 -22.96 11.15 1.66
C GLN B 149 -22.92 12.30 2.69
N LEU B 150 -24.06 12.98 2.90
CA LEU B 150 -24.18 14.14 3.81
C LEU B 150 -24.24 13.63 5.24
N GLU B 151 -24.95 12.56 5.54
CA GLU B 151 -24.92 11.90 6.88
C GLU B 151 -23.46 11.58 7.26
N LYS B 152 -22.71 10.93 6.41
CA LYS B 152 -21.31 10.51 6.73
C LYS B 152 -20.41 11.76 6.86
N LEU B 153 -20.58 12.78 6.02
CA LEU B 153 -19.76 14.00 6.09
C LEU B 153 -20.07 14.70 7.43
N ILE B 154 -21.33 14.92 7.76
CA ILE B 154 -21.75 15.63 9.01
C ILE B 154 -21.29 14.81 10.22
N ALA B 155 -21.41 13.49 10.21
CA ALA B 155 -20.98 12.65 11.36
C ALA B 155 -19.48 12.84 11.60
N THR B 156 -18.66 12.92 10.55
CA THR B 156 -17.17 13.00 10.69
C THR B 156 -16.71 14.43 11.01
N THR B 157 -17.54 15.46 10.85
CA THR B 157 -17.13 16.88 11.03
C THR B 157 -17.97 17.61 12.10
N ALA B 158 -19.08 17.05 12.58
CA ALA B 158 -20.03 17.72 13.49
C ALA B 158 -19.35 18.17 14.78
N HIS B 159 -18.26 17.54 15.22
CA HIS B 159 -17.50 17.98 16.42
C HIS B 159 -17.06 19.44 16.26
N GLU B 160 -16.77 19.89 15.04
CA GLU B 160 -16.28 21.28 14.77
C GLU B 160 -17.29 22.29 15.31
N LYS B 161 -18.58 21.96 15.29
CA LYS B 161 -19.71 22.86 15.62
C LYS B 161 -20.17 22.66 17.08
N MET B 162 -19.49 21.84 17.89
CA MET B 162 -19.95 21.52 19.25
C MET B 162 -19.20 22.35 20.28
N PRO B 163 -19.85 22.72 21.39
CA PRO B 163 -19.31 23.73 22.30
C PRO B 163 -17.96 23.34 22.93
N TRP B 164 -17.68 22.04 23.09
CA TRP B 164 -16.43 21.55 23.73
C TRP B 164 -15.25 21.52 22.77
N PHE B 165 -15.43 21.73 21.48
CA PHE B 165 -14.33 21.62 20.49
C PHE B 165 -13.72 23.00 20.20
N HIS B 166 -12.44 23.18 20.50
CA HIS B 166 -11.78 24.52 20.45
C HIS B 166 -10.79 24.59 19.29
N GLY B 167 -10.72 23.56 18.46
CA GLY B 167 -9.88 23.57 17.25
C GLY B 167 -8.40 23.54 17.57
N LYS B 168 -7.59 24.20 16.73
CA LYS B 168 -6.11 24.15 16.83
C LYS B 168 -5.69 25.26 17.79
N ILE B 169 -5.66 24.95 19.09
CA ILE B 169 -5.10 25.85 20.15
C ILE B 169 -3.98 25.04 20.81
N SER B 170 -3.04 25.73 21.41
CA SER B 170 -1.86 25.10 22.08
C SER B 170 -2.30 24.48 23.40
N ARG B 171 -1.46 23.63 23.97
CA ARG B 171 -1.59 23.12 25.35
C ARG B 171 -1.78 24.32 26.29
N GLU B 172 -0.89 25.32 26.17
CA GLU B 172 -0.83 26.49 27.08
C GLU B 172 -2.15 27.28 26.98
N GLU B 173 -2.60 27.57 25.76
CA GLU B 173 -3.89 28.27 25.54
C GLU B 173 -5.02 27.46 26.17
N SER B 174 -4.97 26.13 26.09
CA SER B 174 -6.09 25.27 26.57
C SER B 174 -6.12 25.34 28.09
N GLU B 175 -4.97 25.31 28.76
CA GLU B 175 -4.90 25.51 30.23
C GLU B 175 -5.50 26.87 30.60
N GLN B 176 -5.11 27.93 29.92
CA GLN B 176 -5.56 29.31 30.23
C GLN B 176 -7.09 29.37 30.13
N ILE B 177 -7.67 28.85 29.06
CA ILE B 177 -9.14 28.90 28.77
C ILE B 177 -9.89 28.08 29.83
N VAL B 178 -9.35 26.91 30.21
CA VAL B 178 -10.03 26.01 31.19
C VAL B 178 -10.01 26.65 32.59
N LEU B 179 -8.95 27.37 32.95
CA LEU B 179 -8.78 27.94 34.32
C LEU B 179 -9.47 29.30 34.45
N ILE B 180 -10.07 29.85 33.41
CA ILE B 180 -10.91 31.08 33.47
C ILE B 180 -12.26 30.72 34.09
N GLY B 181 -12.73 31.51 35.05
CA GLY B 181 -14.09 31.38 35.57
C GLY B 181 -14.19 30.32 36.65
N SER B 182 -15.41 29.89 36.93
CA SER B 182 -15.72 28.80 37.92
C SER B 182 -14.89 27.55 37.61
N LYS B 183 -14.19 27.00 38.60
CA LYS B 183 -13.29 25.84 38.45
C LYS B 183 -14.09 24.55 38.69
N THR B 184 -15.23 24.43 38.03
CA THR B 184 -16.13 23.26 38.04
C THR B 184 -15.33 22.01 37.66
N ASN B 185 -15.26 21.04 38.56
CA ASN B 185 -14.66 19.73 38.25
C ASN B 185 -15.36 19.14 37.01
N GLY B 186 -14.57 18.59 36.10
CA GLY B 186 -15.06 17.91 34.89
C GLY B 186 -15.21 18.88 33.73
N LYS B 187 -15.05 20.18 33.95
CA LYS B 187 -15.00 21.18 32.88
C LYS B 187 -13.94 20.70 31.89
N PHE B 188 -14.24 20.76 30.59
CA PHE B 188 -13.36 20.07 29.59
C PHE B 188 -13.49 20.73 28.24
N LEU B 189 -12.45 20.55 27.45
CA LEU B 189 -12.50 20.81 25.99
C LEU B 189 -11.67 19.76 25.27
N ILE B 190 -11.83 19.72 23.95
CA ILE B 190 -10.96 18.92 23.04
C ILE B 190 -10.33 19.91 22.06
N ARG B 191 -9.03 19.77 21.85
CA ARG B 191 -8.24 20.56 20.86
C ARG B 191 -7.61 19.60 19.84
N ALA B 192 -7.47 20.06 18.61
CA ALA B 192 -6.68 19.39 17.56
C ALA B 192 -5.19 19.61 17.87
N ARG B 193 -4.37 18.59 17.67
CA ARG B 193 -2.89 18.72 17.66
C ARG B 193 -2.43 18.76 16.18
N ASP B 194 -1.15 18.99 15.92
CA ASP B 194 -0.61 19.14 14.54
C ASP B 194 -1.08 17.97 13.65
N ASN B 195 -0.77 16.73 14.06
CA ASN B 195 -1.04 15.49 13.30
C ASN B 195 -2.54 15.37 12.98
N ASN B 196 -2.82 14.90 11.77
CA ASN B 196 -4.17 14.58 11.20
C ASN B 196 -4.80 13.47 12.06
N GLY B 197 -5.97 13.73 12.67
CA GLY B 197 -6.71 12.82 13.56
C GLY B 197 -6.08 12.71 14.96
N SER B 198 -5.21 13.65 15.33
CA SER B 198 -4.62 13.73 16.68
C SER B 198 -5.28 14.88 17.44
N TYR B 199 -5.69 14.61 18.68
CA TYR B 199 -6.42 15.57 19.55
C TYR B 199 -5.94 15.40 20.97
N ALA B 200 -6.32 16.32 21.85
CA ALA B 200 -6.15 16.19 23.31
C ALA B 200 -7.48 16.52 23.99
N LEU B 201 -7.83 15.73 24.99
CA LEU B 201 -8.91 16.02 25.97
C LEU B 201 -8.28 16.76 27.16
N CYS B 202 -8.72 17.97 27.42
CA CYS B 202 -8.22 18.82 28.54
C CYS B 202 -9.35 18.93 29.57
N LEU B 203 -9.07 18.47 30.77
CA LEU B 203 -10.07 18.15 31.80
C LEU B 203 -9.63 18.83 33.10
N LEU B 204 -10.55 19.53 33.76
CA LEU B 204 -10.24 20.22 35.05
C LEU B 204 -10.55 19.25 36.20
N HIS B 205 -9.54 18.96 37.01
CA HIS B 205 -9.65 18.07 38.19
C HIS B 205 -8.99 18.78 39.38
N GLU B 206 -9.78 19.22 40.37
CA GLU B 206 -9.24 19.84 41.63
C GLU B 206 -8.26 20.97 41.25
N GLY B 207 -8.70 21.92 40.42
CA GLY B 207 -7.92 23.11 40.06
C GLY B 207 -6.78 22.85 39.09
N LYS B 208 -6.51 21.59 38.68
CA LYS B 208 -5.41 21.26 37.75
C LYS B 208 -5.99 20.78 36.41
N VAL B 209 -5.36 21.16 35.31
CA VAL B 209 -5.74 20.76 33.93
C VAL B 209 -4.95 19.49 33.57
N LEU B 210 -5.67 18.39 33.33
CA LEU B 210 -5.13 17.11 32.82
C LEU B 210 -5.30 17.06 31.31
N HIS B 211 -4.30 16.54 30.61
CA HIS B 211 -4.29 16.38 29.14
C HIS B 211 -4.22 14.89 28.80
N TYR B 212 -5.23 14.39 28.11
CA TYR B 212 -5.28 13.00 27.59
C TYR B 212 -5.18 13.04 26.07
N ARG B 213 -4.22 12.32 25.49
CA ARG B 213 -4.03 12.32 24.02
C ARG B 213 -5.12 11.43 23.38
N ILE B 214 -5.64 11.85 22.23
CA ILE B 214 -6.59 11.06 21.41
C ILE B 214 -5.97 10.85 20.03
N ASP B 215 -5.86 9.61 19.57
CA ASP B 215 -5.20 9.29 18.28
C ASP B 215 -6.12 8.40 17.42
N LYS B 216 -6.02 8.56 16.11
CA LYS B 216 -6.66 7.72 15.07
C LYS B 216 -5.71 6.55 14.82
N ASP B 217 -6.13 5.32 15.09
CA ASP B 217 -5.36 4.09 14.80
C ASP B 217 -5.57 3.72 13.32
N LYS B 218 -5.00 2.60 12.90
CA LYS B 218 -4.99 2.17 11.47
C LYS B 218 -6.37 1.64 11.05
N THR B 219 -7.23 1.25 11.99
CA THR B 219 -8.66 0.86 11.74
C THR B 219 -9.53 2.11 11.50
N GLY B 220 -8.99 3.31 11.71
CA GLY B 220 -9.74 4.59 11.63
C GLY B 220 -10.48 4.92 12.92
N LYS B 221 -10.13 4.26 14.04
CA LYS B 221 -10.81 4.47 15.34
C LYS B 221 -10.04 5.52 16.14
N LEU B 222 -10.76 6.32 16.91
CA LEU B 222 -10.22 7.31 17.88
C LEU B 222 -10.22 6.70 19.28
N SER B 223 -9.13 6.90 20.00
CA SER B 223 -9.05 6.45 21.41
C SER B 223 -7.97 7.24 22.16
N ILE B 224 -8.16 7.39 23.46
CA ILE B 224 -7.08 7.59 24.44
C ILE B 224 -6.35 6.24 24.53
N PRO B 225 -5.00 6.22 24.63
CA PRO B 225 -4.28 4.95 24.76
C PRO B 225 -4.89 4.07 25.85
N GLU B 226 -5.12 2.80 25.51
CA GLU B 226 -5.68 1.72 26.38
C GLU B 226 -7.19 1.89 26.49
N GLY B 227 -7.79 2.88 25.83
CA GLY B 227 -9.20 3.23 26.05
C GLY B 227 -10.13 2.62 25.03
N LYS B 228 -11.42 2.73 25.28
CA LYS B 228 -12.47 2.32 24.31
C LYS B 228 -12.22 3.07 22.99
N LYS B 229 -12.58 2.43 21.88
CA LYS B 229 -12.37 2.93 20.51
C LYS B 229 -13.71 3.44 19.96
N PHE B 230 -13.69 4.58 19.25
CA PHE B 230 -14.89 5.23 18.68
C PHE B 230 -14.63 5.59 17.22
N ASP B 231 -15.70 5.70 16.42
CA ASP B 231 -15.61 6.26 15.05
C ASP B 231 -15.50 7.78 15.12
N THR B 232 -16.06 8.46 16.12
CA THR B 232 -16.13 9.95 16.15
C THR B 232 -15.81 10.50 17.52
N LEU B 233 -15.38 11.76 17.55
CA LEU B 233 -15.08 12.49 18.81
C LEU B 233 -16.34 12.68 19.62
N TRP B 234 -17.49 12.94 18.97
CA TRP B 234 -18.74 13.19 19.74
C TRP B 234 -19.14 11.89 20.45
N GLN B 235 -18.90 10.73 19.84
CA GLN B 235 -19.15 9.44 20.55
C GLN B 235 -18.26 9.36 21.80
N LEU B 236 -16.97 9.70 21.64
CA LEU B 236 -15.97 9.65 22.73
C LEU B 236 -16.41 10.57 23.88
N VAL B 237 -16.84 11.79 23.56
CA VAL B 237 -17.31 12.76 24.60
C VAL B 237 -18.57 12.22 25.28
N GLU B 238 -19.52 11.66 24.53
CA GLU B 238 -20.75 11.10 25.14
C GLU B 238 -20.37 10.00 26.13
N HIS B 239 -19.42 9.15 25.75
CA HIS B 239 -18.98 8.02 26.62
C HIS B 239 -18.39 8.54 27.94
N TYR B 240 -17.43 9.44 27.87
CA TYR B 240 -16.67 9.92 29.05
C TYR B 240 -17.49 10.94 29.86
N SER B 241 -18.64 11.38 29.35
CA SER B 241 -19.60 12.22 30.08
C SER B 241 -20.51 11.35 30.97
N TYR B 242 -20.60 10.05 30.69
CA TYR B 242 -21.42 9.08 31.48
C TYR B 242 -20.58 8.40 32.57
N LYS B 243 -19.32 8.09 32.29
CA LYS B 243 -18.46 7.20 33.10
C LYS B 243 -17.03 7.71 32.99
N ALA B 244 -16.30 7.79 34.11
CA ALA B 244 -14.88 8.17 34.10
C ALA B 244 -14.12 7.17 33.22
N ASP B 245 -14.42 5.87 33.40
CA ASP B 245 -13.82 4.77 32.59
C ASP B 245 -12.31 5.00 32.43
N GLY B 246 -11.60 5.35 33.51
CA GLY B 246 -10.13 5.47 33.47
C GLY B 246 -9.63 6.90 33.52
N LEU B 247 -10.46 7.88 33.13
CA LEU B 247 -10.18 9.32 33.43
C LEU B 247 -10.19 9.50 34.93
N LEU B 248 -9.55 10.55 35.44
CA LEU B 248 -9.61 10.82 36.91
C LEU B 248 -11.03 11.22 37.32
N ARG B 249 -11.88 11.65 36.38
CA ARG B 249 -13.30 11.94 36.66
C ARG B 249 -14.08 12.06 35.36
N VAL B 250 -15.39 12.04 35.47
CA VAL B 250 -16.36 12.14 34.35
C VAL B 250 -16.29 13.56 33.78
N LEU B 251 -16.52 13.73 32.47
CA LEU B 251 -16.63 15.07 31.84
C LEU B 251 -17.99 15.67 32.23
N THR B 252 -18.02 16.97 32.55
CA THR B 252 -19.25 17.71 32.94
C THR B 252 -19.50 18.82 31.92
N VAL B 253 -19.12 20.05 32.24
CA VAL B 253 -19.54 21.25 31.47
C VAL B 253 -18.49 21.50 30.40
N PRO B 254 -18.92 21.71 29.14
CA PRO B 254 -18.01 22.12 28.09
C PRO B 254 -17.43 23.49 28.44
N CYS B 255 -16.13 23.62 28.28
CA CYS B 255 -15.43 24.91 28.43
C CYS B 255 -15.89 25.82 27.29
N GLN B 256 -16.50 26.95 27.67
CA GLN B 256 -16.93 28.07 26.78
C GLN B 256 -15.77 28.46 25.85
N LYS B 257 -16.00 28.52 24.53
CA LYS B 257 -15.09 29.22 23.58
C LYS B 257 -15.29 30.74 23.82
N ILE B 258 -14.21 31.53 23.83
CA ILE B 258 -14.18 32.85 24.55
C ILE B 258 -14.20 34.00 23.52
N GLY B 259 -15.36 34.65 23.36
CA GLY B 259 -15.50 36.00 22.77
C GLY B 259 -15.50 35.95 21.25
N THR B 260 -14.63 36.74 20.63
CA THR B 260 -14.42 36.79 19.16
C THR B 260 -13.78 35.47 18.71
N SER C 5 -20.04 33.73 -5.48
CA SER C 5 -19.71 33.15 -4.14
C SER C 5 -19.21 34.25 -3.19
N ALA C 6 -17.94 34.66 -3.36
CA ALA C 6 -17.30 35.87 -2.78
C ALA C 6 -17.42 37.06 -3.75
N ASN C 7 -18.17 36.90 -4.85
CA ASN C 7 -18.33 37.94 -5.91
C ASN C 7 -19.04 39.17 -5.35
N HIS C 8 -19.82 38.99 -4.30
CA HIS C 8 -20.62 40.06 -3.65
CA HIS C 8 -20.62 40.09 -3.67
C HIS C 8 -19.71 40.99 -2.82
N LEU C 9 -18.46 40.58 -2.56
CA LEU C 9 -17.52 41.42 -1.77
C LEU C 9 -16.87 42.43 -2.69
N PRO C 10 -16.95 43.74 -2.39
CA PRO C 10 -16.35 44.76 -3.25
C PRO C 10 -14.82 44.68 -3.35
N PHE C 11 -14.16 44.00 -2.41
CA PHE C 11 -12.69 43.88 -2.33
C PHE C 11 -12.21 42.48 -2.78
N PHE C 12 -13.07 41.71 -3.44
CA PHE C 12 -12.72 40.43 -4.10
C PHE C 12 -12.38 40.68 -5.57
N PHE C 13 -11.20 40.24 -6.03
CA PHE C 13 -10.66 40.59 -7.36
C PHE C 13 -10.71 39.38 -8.31
N GLY C 14 -11.22 38.26 -7.84
CA GLY C 14 -11.29 37.02 -8.62
C GLY C 14 -9.90 36.51 -8.91
N ASN C 15 -9.65 36.04 -10.14
CA ASN C 15 -8.44 35.30 -10.52
C ASN C 15 -7.33 36.28 -10.96
N ILE C 16 -6.90 37.19 -10.07
CA ILE C 16 -5.70 38.03 -10.31
C ILE C 16 -4.48 37.31 -9.73
N THR C 17 -3.30 37.70 -10.20
CA THR C 17 -2.02 37.14 -9.73
C THR C 17 -1.61 37.89 -8.46
N ARG C 18 -0.65 37.32 -7.73
CA ARG C 18 0.04 37.99 -6.62
C ARG C 18 0.55 39.35 -7.06
N GLU C 19 1.21 39.40 -8.22
CA GLU C 19 1.86 40.64 -8.70
C GLU C 19 0.77 41.69 -8.92
N GLU C 20 -0.35 41.28 -9.53
CA GLU C 20 -1.50 42.19 -9.76
C GLU C 20 -2.08 42.64 -8.42
N ALA C 21 -2.15 41.74 -7.44
CA ALA C 21 -2.66 42.07 -6.09
C ALA C 21 -1.77 43.15 -5.49
N GLU C 22 -0.45 42.94 -5.55
CA GLU C 22 0.56 43.89 -5.02
C GLU C 22 0.45 45.22 -5.75
N ASP C 23 0.28 45.22 -7.07
CA ASP C 23 0.08 46.47 -7.87
C ASP C 23 -1.13 47.21 -7.33
N TYR C 24 -2.22 46.49 -7.03
CA TYR C 24 -3.47 47.09 -6.51
C TYR C 24 -3.23 47.68 -5.12
N LEU C 25 -2.48 46.99 -4.26
CA LEU C 25 -2.22 47.47 -2.87
C LEU C 25 -1.41 48.76 -2.92
N VAL C 26 -0.43 48.87 -3.85
CA VAL C 26 0.40 50.11 -4.04
C VAL C 26 -0.51 51.25 -4.54
N GLN C 27 -1.35 50.97 -5.54
CA GLN C 27 -2.34 51.93 -6.07
C GLN C 27 -3.22 52.45 -4.93
N GLY C 28 -3.51 51.61 -3.94
CA GLY C 28 -4.35 51.96 -2.78
C GLY C 28 -3.59 52.65 -1.65
N GLY C 29 -2.28 52.85 -1.79
CA GLY C 29 -1.47 53.61 -0.82
C GLY C 29 -0.59 52.73 0.03
N MET C 30 -0.75 51.41 -0.07
CA MET C 30 0.07 50.47 0.72
C MET C 30 0.08 50.85 2.21
N SER C 31 -1.05 51.37 2.72
CA SER C 31 -1.25 51.69 4.16
C SER C 31 -1.35 50.40 4.99
N ASP C 32 -0.79 50.41 6.20
CA ASP C 32 -0.84 49.27 7.15
C ASP C 32 -2.30 48.81 7.28
N GLY C 33 -2.56 47.52 7.08
CA GLY C 33 -3.89 46.90 7.20
C GLY C 33 -4.76 47.13 5.97
N LEU C 34 -4.22 47.66 4.87
CA LEU C 34 -4.95 47.64 3.58
C LEU C 34 -4.93 46.21 3.08
N TYR C 35 -6.04 45.70 2.56
CA TYR C 35 -6.18 44.25 2.22
C TYR C 35 -7.17 44.09 1.07
N LEU C 36 -6.97 43.03 0.30
CA LEU C 36 -7.95 42.59 -0.69
C LEU C 36 -7.97 41.07 -0.67
N LEU C 37 -8.97 40.52 -1.32
CA LEU C 37 -9.20 39.08 -1.44
C LEU C 37 -9.11 38.70 -2.92
N ARG C 38 -8.59 37.52 -3.20
CA ARG C 38 -8.52 36.99 -4.58
C ARG C 38 -8.74 35.48 -4.50
N GLN C 39 -8.97 34.88 -5.66
CA GLN C 39 -9.17 33.41 -5.81
C GLN C 39 -7.79 32.76 -5.77
N SER C 40 -7.62 31.68 -5.01
CA SER C 40 -6.36 30.89 -5.06
C SER C 40 -6.15 30.38 -6.50
N ARG C 41 -4.92 30.49 -6.99
CA ARG C 41 -4.50 30.03 -8.33
C ARG C 41 -3.84 28.69 -8.19
N ASN C 42 -3.68 28.13 -6.98
CA ASN C 42 -3.11 26.76 -6.89
C ASN C 42 -3.85 25.87 -5.88
N TYR C 43 -4.86 26.37 -5.18
CA TYR C 43 -5.72 25.56 -4.28
C TYR C 43 -7.14 25.67 -4.79
N LEU C 44 -7.65 24.54 -5.25
CA LEU C 44 -9.05 24.44 -5.73
C LEU C 44 -10.01 24.85 -4.61
N GLY C 45 -10.97 25.69 -4.91
CA GLY C 45 -11.98 26.20 -3.95
C GLY C 45 -11.39 27.22 -3.00
N GLY C 46 -10.09 27.51 -3.13
CA GLY C 46 -9.36 28.35 -2.16
C GLY C 46 -9.41 29.84 -2.51
N PHE C 47 -9.02 30.68 -1.55
CA PHE C 47 -8.86 32.14 -1.73
C PHE C 47 -7.47 32.53 -1.23
N ALA C 48 -7.04 33.74 -1.57
CA ALA C 48 -5.82 34.34 -1.01
C ALA C 48 -6.18 35.70 -0.43
N LEU C 49 -5.70 35.97 0.78
CA LEU C 49 -5.76 37.30 1.43
C LEU C 49 -4.39 37.97 1.23
N SER C 50 -4.42 39.19 0.68
CA SER C 50 -3.23 40.02 0.39
C SER C 50 -3.32 41.28 1.24
N VAL C 51 -2.36 41.47 2.15
CA VAL C 51 -2.42 42.55 3.19
C VAL C 51 -1.10 43.34 3.18
N ALA C 52 -1.20 44.66 3.18
CA ALA C 52 -0.06 45.60 3.29
C ALA C 52 0.32 45.81 4.76
N HIS C 53 1.59 45.66 5.09
CA HIS C 53 2.15 46.06 6.41
C HIS C 53 3.65 46.32 6.30
N GLY C 54 4.12 47.42 6.89
CA GLY C 54 5.54 47.80 6.84
C GLY C 54 5.99 48.02 5.40
N ARG C 55 5.09 48.58 4.58
CA ARG C 55 5.28 48.88 3.14
C ARG C 55 5.57 47.59 2.34
N LYS C 56 5.32 46.40 2.90
CA LYS C 56 5.45 45.09 2.19
C LYS C 56 4.05 44.46 2.04
N ALA C 57 3.88 43.58 1.05
CA ALA C 57 2.68 42.74 0.83
C ALA C 57 2.89 41.40 1.51
N HIS C 58 1.87 40.93 2.24
CA HIS C 58 1.83 39.63 2.92
C HIS C 58 0.63 38.84 2.40
N HIS C 59 0.88 37.59 1.95
CA HIS C 59 -0.10 36.76 1.23
C HIS C 59 -0.39 35.49 2.03
N TYR C 60 -1.66 35.23 2.25
CA TYR C 60 -2.17 34.07 3.02
C TYR C 60 -3.14 33.29 2.12
N THR C 61 -2.92 31.98 1.99
CA THR C 61 -3.91 31.08 1.36
C THR C 61 -5.00 30.73 2.38
N ILE C 62 -6.25 30.99 2.01
CA ILE C 62 -7.46 30.49 2.71
C ILE C 62 -7.94 29.20 2.01
N GLU C 63 -7.71 28.05 2.65
CA GLU C 63 -8.18 26.74 2.14
C GLU C 63 -9.62 26.47 2.58
N ARG C 64 -10.39 25.82 1.71
CA ARG C 64 -11.73 25.27 2.03
C ARG C 64 -11.56 23.93 2.74
N GLU C 65 -12.03 23.83 3.97
CA GLU C 65 -12.00 22.59 4.81
C GLU C 65 -13.04 21.57 4.27
N LEU C 66 -12.98 20.33 4.74
CA LEU C 66 -13.86 19.23 4.25
C LEU C 66 -15.33 19.62 4.48
N ASN C 67 -15.60 20.27 5.62
CA ASN C 67 -16.94 20.66 6.09
C ASN C 67 -17.39 21.98 5.46
N GLY C 68 -16.59 22.59 4.56
CA GLY C 68 -16.98 23.77 3.78
C GLY C 68 -16.72 25.08 4.52
N THR C 69 -16.05 25.03 5.67
CA THR C 69 -15.52 26.24 6.33
C THR C 69 -14.18 26.58 5.68
N TYR C 70 -13.62 27.71 6.09
CA TYR C 70 -12.41 28.33 5.48
C TYR C 70 -11.42 28.61 6.62
N ALA C 71 -10.16 28.31 6.37
CA ALA C 71 -9.07 28.61 7.32
C ALA C 71 -7.76 28.80 6.55
N ILE C 72 -6.98 29.73 7.06
CA ILE C 72 -5.52 29.81 6.79
C ILE C 72 -4.90 28.71 7.64
N ALA C 73 -3.86 28.03 7.15
CA ALA C 73 -3.17 26.96 7.87
C ALA C 73 -2.83 27.43 9.29
N GLY C 74 -3.24 26.66 10.30
CA GLY C 74 -2.96 26.88 11.73
C GLY C 74 -3.97 27.80 12.41
N GLY C 75 -5.05 28.15 11.72
CA GLY C 75 -6.00 29.18 12.19
C GLY C 75 -7.37 28.60 12.49
N ARG C 76 -8.19 29.35 13.22
CA ARG C 76 -9.59 28.98 13.49
C ARG C 76 -10.31 28.92 12.13
N THR C 77 -11.43 28.21 12.08
CA THR C 77 -12.28 28.07 10.87
C THR C 77 -13.31 29.21 10.86
N HIS C 78 -13.82 29.54 9.68
CA HIS C 78 -14.83 30.61 9.50
C HIS C 78 -15.81 30.12 8.44
N ALA C 79 -17.05 30.62 8.45
CA ALA C 79 -18.11 30.15 7.54
C ALA C 79 -17.81 30.58 6.09
N SER C 80 -17.11 31.70 5.91
CA SER C 80 -16.87 32.37 4.61
C SER C 80 -15.58 33.18 4.66
N PRO C 81 -14.98 33.49 3.47
CA PRO C 81 -13.84 34.38 3.44
C PRO C 81 -14.19 35.76 4.02
N ALA C 82 -15.40 36.24 3.77
CA ALA C 82 -15.92 37.50 4.33
C ALA C 82 -15.85 37.48 5.86
N ASP C 83 -16.29 36.39 6.48
CA ASP C 83 -16.28 36.23 7.96
C ASP C 83 -14.84 36.21 8.44
N LEU C 84 -13.94 35.57 7.68
CA LEU C 84 -12.49 35.53 8.04
C LEU C 84 -11.94 36.95 8.08
N CYS C 85 -12.29 37.76 7.07
CA CYS C 85 -11.79 39.16 6.93
C CYS C 85 -12.39 40.01 8.06
N HIS C 86 -13.70 39.89 8.30
CA HIS C 86 -14.38 40.59 9.43
C HIS C 86 -13.67 40.22 10.74
N TYR C 87 -13.48 38.93 11.01
CA TYR C 87 -12.81 38.48 12.25
C TYR C 87 -11.44 39.16 12.38
N HIS C 88 -10.66 39.21 11.30
CA HIS C 88 -9.26 39.69 11.39
C HIS C 88 -9.23 41.22 11.38
N SER C 89 -10.37 41.89 11.20
CA SER C 89 -10.53 43.35 11.44
C SER C 89 -10.71 43.65 12.94
N GLN C 90 -11.01 42.64 13.77
CA GLN C 90 -11.22 42.78 15.25
C GLN C 90 -10.02 42.21 16.02
N GLU C 91 -9.51 41.04 15.63
CA GLU C 91 -8.38 40.32 16.28
C GLU C 91 -7.30 40.02 15.23
N SER C 92 -6.04 40.30 15.53
CA SER C 92 -4.87 39.94 14.68
C SER C 92 -4.75 38.41 14.64
N ASP C 93 -4.70 37.78 15.81
CA ASP C 93 -4.69 36.29 16.01
C ASP C 93 -3.66 35.64 15.06
N GLY C 94 -2.44 36.18 15.01
CA GLY C 94 -1.30 35.57 14.30
C GLY C 94 -1.06 36.16 12.91
N LEU C 95 -2.02 36.94 12.40
CA LEU C 95 -1.87 37.67 11.11
C LEU C 95 -0.82 38.75 11.32
N VAL C 96 -0.16 39.20 10.25
CA VAL C 96 0.95 40.19 10.33
C VAL C 96 0.44 41.46 11.04
N CYS C 97 -0.83 41.79 10.88
CA CYS C 97 -1.46 42.97 11.50
C CYS C 97 -2.99 42.85 11.39
N LEU C 98 -3.70 43.78 11.99
CA LEU C 98 -5.16 43.91 11.94
C LEU C 98 -5.54 44.37 10.55
N LEU C 99 -6.64 43.85 10.02
CA LEU C 99 -7.21 44.30 8.73
C LEU C 99 -7.96 45.60 8.99
N LYS C 100 -7.50 46.73 8.44
CA LYS C 100 -8.04 48.08 8.74
C LYS C 100 -8.97 48.56 7.61
N LYS C 101 -8.58 48.40 6.34
CA LYS C 101 -9.26 49.06 5.20
C LYS C 101 -9.26 48.15 3.98
N PRO C 102 -10.42 47.77 3.45
CA PRO C 102 -10.46 46.99 2.22
C PRO C 102 -10.01 47.89 1.05
N PHE C 103 -9.26 47.32 0.11
CA PHE C 103 -9.04 47.95 -1.21
C PHE C 103 -10.09 47.42 -2.17
N ASN C 104 -11.05 48.26 -2.55
CA ASN C 104 -12.20 47.83 -3.39
C ASN C 104 -11.78 47.83 -4.87
N ARG C 105 -12.41 46.97 -5.66
CA ARG C 105 -12.25 46.97 -7.14
C ARG C 105 -12.50 48.38 -7.65
N PRO C 106 -11.53 49.00 -8.37
CA PRO C 106 -11.77 50.27 -9.05
C PRO C 106 -13.00 50.19 -9.95
N GLN C 107 -13.57 51.35 -10.26
CA GLN C 107 -14.70 51.55 -11.19
C GLN C 107 -14.47 50.72 -12.46
N GLY C 108 -15.48 49.95 -12.88
CA GLY C 108 -15.45 49.13 -14.11
C GLY C 108 -14.70 47.81 -14.00
N VAL C 109 -13.94 47.58 -12.93
CA VAL C 109 -13.11 46.34 -12.74
C VAL C 109 -14.02 45.27 -12.14
N GLN C 110 -14.21 44.18 -12.85
CA GLN C 110 -14.94 42.98 -12.33
C GLN C 110 -13.93 41.98 -11.80
N PRO C 111 -14.40 40.99 -11.00
CA PRO C 111 -13.53 39.87 -10.63
C PRO C 111 -13.05 39.19 -11.91
N LYS C 112 -11.75 38.89 -12.01
CA LYS C 112 -11.17 38.25 -13.20
C LYS C 112 -11.56 36.77 -13.18
N THR C 113 -11.85 36.23 -14.36
CA THR C 113 -12.06 34.79 -14.60
C THR C 113 -10.96 34.33 -15.57
N GLY C 114 -10.35 33.19 -15.34
CA GLY C 114 -9.40 32.63 -16.33
C GLY C 114 -10.12 31.78 -17.36
N PRO C 115 -9.37 31.12 -18.26
CA PRO C 115 -9.94 30.28 -19.29
C PRO C 115 -10.83 29.16 -18.75
N PHE C 116 -10.42 28.47 -17.69
CA PHE C 116 -11.19 27.36 -17.08
C PHE C 116 -12.55 27.90 -16.59
N GLU C 117 -12.51 29.00 -15.84
CA GLU C 117 -13.73 29.63 -15.28
CA GLU C 117 -13.74 29.62 -15.28
C GLU C 117 -14.69 29.97 -16.45
N ASP C 118 -14.17 30.37 -17.59
CA ASP C 118 -15.00 30.80 -18.75
C ASP C 118 -15.66 29.58 -19.42
N LEU C 119 -15.07 28.40 -19.31
CA LEU C 119 -15.55 27.13 -19.91
C LEU C 119 -16.51 26.40 -18.96
N LYS C 120 -16.35 26.62 -17.65
CA LYS C 120 -16.91 25.83 -16.52
C LYS C 120 -18.42 25.67 -16.67
N GLU C 121 -19.17 26.76 -16.87
CA GLU C 121 -20.65 26.75 -17.01
C GLU C 121 -21.08 25.85 -18.18
N ASN C 122 -20.42 25.96 -19.33
CA ASN C 122 -20.74 25.15 -20.52
C ASN C 122 -20.46 23.66 -20.23
N LEU C 123 -19.35 23.35 -19.56
CA LEU C 123 -19.00 21.93 -19.23
C LEU C 123 -20.07 21.33 -18.30
N ILE C 124 -20.55 22.09 -17.32
CA ILE C 124 -21.58 21.63 -16.35
C ILE C 124 -22.85 21.35 -17.13
N ARG C 125 -23.25 22.27 -18.02
CA ARG C 125 -24.48 22.15 -18.85
C ARG C 125 -24.38 20.87 -19.71
N GLU C 126 -23.27 20.70 -20.42
CA GLU C 126 -23.07 19.52 -21.32
C GLU C 126 -23.12 18.23 -20.50
N TYR C 127 -22.47 18.22 -19.34
CA TYR C 127 -22.41 17.02 -18.47
C TYR C 127 -23.82 16.64 -18.01
N VAL C 128 -24.60 17.61 -17.52
CA VAL C 128 -25.97 17.34 -16.99
C VAL C 128 -26.86 16.87 -18.15
N LYS C 129 -26.83 17.55 -19.30
CA LYS C 129 -27.60 17.19 -20.51
C LYS C 129 -27.32 15.74 -20.88
N GLN C 130 -26.05 15.36 -20.98
CA GLN C 130 -25.61 14.03 -21.48
C GLN C 130 -25.92 12.94 -20.44
N THR C 131 -25.67 13.19 -19.15
CA THR C 131 -25.70 12.18 -18.09
C THR C 131 -27.15 11.80 -17.72
N TRP C 132 -28.08 12.76 -17.68
CA TRP C 132 -29.48 12.51 -17.25
C TRP C 132 -30.43 12.68 -18.42
N ASN C 133 -29.95 13.02 -19.62
CA ASN C 133 -30.78 13.10 -20.85
CA ASN C 133 -30.77 13.11 -20.86
C ASN C 133 -31.97 14.04 -20.58
N LEU C 134 -31.69 15.28 -20.20
CA LEU C 134 -32.68 16.33 -19.85
C LEU C 134 -32.70 17.42 -20.91
N GLN C 135 -33.77 18.23 -20.93
CA GLN C 135 -33.93 19.41 -21.83
C GLN C 135 -34.86 20.39 -21.13
N GLY C 136 -34.95 21.62 -21.63
CA GLY C 136 -35.84 22.69 -21.14
C GLY C 136 -35.67 22.92 -19.66
N GLN C 137 -36.78 23.14 -18.95
CA GLN C 137 -36.81 23.56 -17.52
C GLN C 137 -36.19 22.47 -16.65
N ALA C 138 -36.43 21.20 -16.96
CA ALA C 138 -35.89 20.07 -16.19
C ALA C 138 -34.36 20.16 -16.18
N LEU C 139 -33.74 20.49 -17.32
CA LEU C 139 -32.27 20.65 -17.47
C LEU C 139 -31.80 21.83 -16.62
N GLU C 140 -32.51 22.95 -16.68
CA GLU C 140 -32.15 24.21 -15.96
C GLU C 140 -32.14 23.93 -14.44
N GLN C 141 -33.13 23.17 -13.94
CA GLN C 141 -33.27 22.85 -12.51
C GLN C 141 -32.16 21.90 -12.07
N ALA C 142 -31.89 20.88 -12.89
CA ALA C 142 -30.84 19.87 -12.63
C ALA C 142 -29.49 20.56 -12.56
N ILE C 143 -29.24 21.56 -13.43
CA ILE C 143 -27.96 22.33 -13.44
C ILE C 143 -27.86 23.03 -12.10
N ILE C 144 -28.91 23.71 -11.67
CA ILE C 144 -28.91 24.48 -10.38
C ILE C 144 -28.63 23.50 -9.24
N SER C 145 -29.31 22.36 -9.21
CA SER C 145 -29.19 21.36 -8.10
C SER C 145 -27.77 20.75 -8.06
N GLN C 146 -27.20 20.44 -9.22
CA GLN C 146 -25.96 19.64 -9.37
C GLN C 146 -24.70 20.49 -9.50
N LYS C 147 -24.80 21.77 -9.80
CA LYS C 147 -23.59 22.62 -10.03
C LYS C 147 -22.62 22.39 -8.87
N PRO C 148 -23.03 22.65 -7.59
CA PRO C 148 -22.11 22.54 -6.47
C PRO C 148 -21.59 21.12 -6.24
N GLN C 149 -22.39 20.11 -6.55
CA GLN C 149 -22.05 18.66 -6.43
C GLN C 149 -20.99 18.30 -7.48
N LEU C 150 -21.05 18.90 -8.68
CA LEU C 150 -20.20 18.57 -9.86
C LEU C 150 -18.92 19.41 -9.89
N GLU C 151 -18.80 20.50 -9.12
CA GLU C 151 -17.72 21.51 -9.27
C GLU C 151 -16.35 20.81 -9.25
N LYS C 152 -16.11 19.99 -8.24
CA LYS C 152 -14.79 19.32 -8.05
C LYS C 152 -14.56 18.32 -9.19
N LEU C 153 -15.56 17.58 -9.64
CA LEU C 153 -15.40 16.60 -10.74
C LEU C 153 -14.98 17.37 -12.01
N ILE C 154 -15.71 18.42 -12.37
CA ILE C 154 -15.43 19.18 -13.62
C ILE C 154 -14.04 19.83 -13.51
N ALA C 155 -13.70 20.41 -12.35
CA ALA C 155 -12.38 21.06 -12.14
C ALA C 155 -11.26 20.04 -12.38
N THR C 156 -11.39 18.80 -11.93
CA THR C 156 -10.30 17.80 -11.99
C THR C 156 -10.22 17.14 -13.38
N THR C 157 -11.22 17.30 -14.25
CA THR C 157 -11.26 16.63 -15.59
C THR C 157 -11.32 17.63 -16.76
N ALA C 158 -11.56 18.91 -16.51
CA ALA C 158 -11.73 19.96 -17.54
C ALA C 158 -10.51 20.05 -18.48
N HIS C 159 -9.31 19.68 -18.03
CA HIS C 159 -8.09 19.71 -18.89
C HIS C 159 -8.30 18.84 -20.13
N GLU C 160 -9.09 17.77 -20.02
CA GLU C 160 -9.27 16.79 -21.14
C GLU C 160 -9.85 17.53 -22.35
N LYS C 161 -10.65 18.57 -22.12
CA LYS C 161 -11.41 19.31 -23.17
C LYS C 161 -10.68 20.60 -23.57
N MET C 162 -9.45 20.85 -23.13
CA MET C 162 -8.74 22.13 -23.40
C MET C 162 -7.74 21.93 -24.54
N PRO C 163 -7.54 22.97 -25.38
CA PRO C 163 -6.78 22.81 -26.62
C PRO C 163 -5.33 22.35 -26.42
N TRP C 164 -4.72 22.65 -25.26
CA TRP C 164 -3.29 22.33 -25.00
C TRP C 164 -3.09 20.89 -24.51
N PHE C 165 -4.17 20.16 -24.22
CA PHE C 165 -4.05 18.78 -23.68
C PHE C 165 -4.18 17.77 -24.82
N HIS C 166 -3.15 16.98 -25.08
CA HIS C 166 -3.09 16.07 -26.26
C HIS C 166 -3.26 14.61 -25.82
N GLY C 167 -3.47 14.34 -24.53
CA GLY C 167 -3.62 12.98 -24.01
C GLY C 167 -2.32 12.18 -24.11
N LYS C 168 -2.42 10.87 -24.29
CA LYS C 168 -1.25 9.96 -24.18
C LYS C 168 -0.60 9.86 -25.55
N ILE C 169 0.32 10.80 -25.83
CA ILE C 169 1.19 10.78 -27.03
C ILE C 169 2.62 10.66 -26.52
N SER C 170 3.50 10.10 -27.33
CA SER C 170 4.91 9.87 -26.97
C SER C 170 5.66 11.20 -26.98
N ARG C 171 6.85 11.22 -26.42
CA ARG C 171 7.82 12.33 -26.53
C ARG C 171 7.98 12.68 -28.01
N GLU C 172 8.25 11.67 -28.84
CA GLU C 172 8.57 11.84 -30.29
C GLU C 172 7.36 12.45 -31.00
N GLU C 173 6.16 11.92 -30.77
CA GLU C 173 4.91 12.48 -31.36
C GLU C 173 4.76 13.94 -30.93
N SER C 174 5.11 14.27 -29.69
CA SER C 174 4.90 15.64 -29.14
C SER C 174 5.86 16.59 -29.85
N GLU C 175 7.12 16.20 -30.05
CA GLU C 175 8.08 16.99 -30.85
C GLU C 175 7.55 17.21 -32.28
N GLN C 176 7.08 16.16 -32.94
CA GLN C 176 6.61 16.22 -34.35
C GLN C 176 5.47 17.25 -34.44
N ILE C 177 4.49 17.16 -33.54
CA ILE C 177 3.28 18.02 -33.65
C ILE C 177 3.64 19.46 -33.25
N VAL C 178 4.59 19.69 -32.34
CA VAL C 178 4.98 21.08 -31.94
C VAL C 178 5.75 21.74 -33.09
N LEU C 179 6.55 20.98 -33.85
CA LEU C 179 7.42 21.55 -34.92
C LEU C 179 6.65 21.71 -36.25
N ILE C 180 5.40 21.28 -36.34
CA ILE C 180 4.50 21.55 -37.50
C ILE C 180 4.01 23.00 -37.42
N GLY C 181 4.07 23.75 -38.50
CA GLY C 181 3.47 25.09 -38.58
C GLY C 181 4.37 26.16 -38.00
N SER C 182 3.77 27.29 -37.61
CA SER C 182 4.43 28.46 -36.98
C SER C 182 5.23 28.02 -35.75
N LYS C 183 6.51 28.38 -35.70
CA LYS C 183 7.45 28.01 -34.61
C LYS C 183 7.44 29.14 -33.56
N THR C 184 6.25 29.60 -33.17
CA THR C 184 6.05 30.64 -32.15
C THR C 184 6.73 30.22 -30.85
N ASN C 185 7.67 30.99 -30.33
CA ASN C 185 8.22 30.76 -28.97
C ASN C 185 7.09 30.65 -27.94
N GLY C 186 7.15 29.66 -27.07
CA GLY C 186 6.17 29.44 -26.00
C GLY C 186 5.05 28.53 -26.44
N LYS C 187 5.00 28.18 -27.71
CA LYS C 187 4.02 27.17 -28.21
C LYS C 187 4.21 25.92 -27.35
N PHE C 188 3.13 25.30 -26.90
CA PHE C 188 3.22 24.27 -25.84
C PHE C 188 2.06 23.30 -25.93
N LEU C 189 2.28 22.12 -25.37
CA LEU C 189 1.20 21.17 -25.03
C LEU C 189 1.57 20.43 -23.76
N ILE C 190 0.57 19.74 -23.22
CA ILE C 190 0.74 18.77 -22.10
C ILE C 190 0.27 17.42 -22.59
N ARG C 191 1.09 16.40 -22.32
CA ARG C 191 0.80 14.99 -22.65
C ARG C 191 0.78 14.17 -21.36
N ALA C 192 -0.07 13.15 -21.30
CA ALA C 192 -0.07 12.12 -20.24
C ALA C 192 1.10 11.17 -20.47
N ARG C 193 1.79 10.76 -19.41
CA ARG C 193 2.78 9.66 -19.43
C ARG C 193 2.11 8.42 -18.82
N ASP C 194 2.81 7.29 -18.72
CA ASP C 194 2.19 5.99 -18.32
C ASP C 194 1.40 6.13 -17.01
N ASN C 195 2.10 6.55 -15.95
CA ASN C 195 1.55 6.61 -14.57
C ASN C 195 0.36 7.58 -14.54
N ASN C 196 -0.70 7.23 -13.78
CA ASN C 196 -1.83 8.12 -13.42
C ASN C 196 -1.31 9.33 -12.65
N GLY C 197 -1.61 10.53 -13.16
CA GLY C 197 -1.16 11.81 -12.58
C GLY C 197 0.26 12.17 -13.01
N SER C 198 0.84 11.43 -13.96
CA SER C 198 2.14 11.79 -14.57
C SER C 198 1.92 12.40 -15.95
N TYR C 199 2.56 13.53 -16.23
CA TYR C 199 2.39 14.31 -17.48
C TYR C 199 3.75 14.90 -17.87
N ALA C 200 3.85 15.45 -19.07
CA ALA C 200 4.98 16.29 -19.50
C ALA C 200 4.45 17.58 -20.12
N LEU C 201 5.13 18.68 -19.84
CA LEU C 201 4.96 19.97 -20.54
C LEU C 201 5.99 20.02 -21.66
N CYS C 202 5.54 20.16 -22.90
CA CYS C 202 6.41 20.30 -24.10
C CYS C 202 6.28 21.73 -24.60
N LEU C 203 7.42 22.41 -24.67
CA LEU C 203 7.50 23.88 -24.83
C LEU C 203 8.49 24.17 -25.96
N LEU C 204 8.15 25.03 -26.90
CA LEU C 204 9.02 25.43 -28.02
C LEU C 204 9.83 26.66 -27.61
N HIS C 205 11.16 26.55 -27.65
CA HIS C 205 12.12 27.62 -27.27
C HIS C 205 13.20 27.71 -28.35
N GLU C 206 13.20 28.78 -29.15
CA GLU C 206 14.22 29.01 -30.21
C GLU C 206 14.33 27.76 -31.09
N GLY C 207 13.21 27.30 -31.65
CA GLY C 207 13.11 26.16 -32.56
C GLY C 207 13.37 24.79 -31.94
N LYS C 208 13.65 24.70 -30.63
CA LYS C 208 13.86 23.40 -29.94
C LYS C 208 12.73 23.09 -28.96
N VAL C 209 12.35 21.81 -28.86
CA VAL C 209 11.26 21.34 -27.95
C VAL C 209 11.89 20.92 -26.63
N LEU C 210 11.52 21.61 -25.55
CA LEU C 210 11.89 21.28 -24.14
C LEU C 210 10.77 20.46 -23.52
N HIS C 211 11.13 19.47 -22.71
CA HIS C 211 10.21 18.59 -21.97
C HIS C 211 10.43 18.80 -20.47
N TYR C 212 9.39 19.20 -19.74
CA TYR C 212 9.37 19.26 -18.26
C TYR C 212 8.42 18.19 -17.75
N ARG C 213 8.85 17.35 -16.82
CA ARG C 213 7.97 16.31 -16.22
C ARG C 213 7.03 17.00 -15.21
N ILE C 214 5.79 16.52 -15.14
CA ILE C 214 4.80 16.91 -14.12
C ILE C 214 4.40 15.64 -13.35
N ASP C 215 4.52 15.64 -12.02
CA ASP C 215 4.17 14.47 -11.18
C ASP C 215 3.16 14.88 -10.10
N LYS C 216 2.32 13.92 -9.74
CA LYS C 216 1.39 13.93 -8.59
C LYS C 216 2.21 13.47 -7.38
N ASP C 217 2.31 14.29 -6.34
CA ASP C 217 2.95 13.91 -5.04
C ASP C 217 1.92 13.11 -4.21
N LYS C 218 2.24 12.79 -2.96
CA LYS C 218 1.42 11.92 -2.09
C LYS C 218 0.14 12.64 -1.63
N THR C 219 0.14 13.98 -1.60
CA THR C 219 -1.04 14.84 -1.29
C THR C 219 -2.01 14.86 -2.48
N GLY C 220 -1.60 14.39 -3.67
CA GLY C 220 -2.39 14.54 -4.91
C GLY C 220 -2.14 15.87 -5.63
N LYS C 221 -1.07 16.60 -5.28
CA LYS C 221 -0.70 17.88 -5.93
C LYS C 221 0.23 17.65 -7.13
N LEU C 222 0.07 18.46 -8.17
CA LEU C 222 0.84 18.40 -9.44
C LEU C 222 1.94 19.46 -9.42
N SER C 223 3.12 19.10 -9.88
CA SER C 223 4.26 20.05 -10.00
C SER C 223 5.30 19.50 -10.95
N ILE C 224 6.02 20.39 -11.60
CA ILE C 224 7.39 20.16 -12.13
C ILE C 224 8.29 20.06 -10.91
N PRO C 225 9.27 19.13 -10.87
CA PRO C 225 10.17 19.00 -9.73
C PRO C 225 10.74 20.37 -9.31
N GLU C 226 10.62 20.67 -8.01
CA GLU C 226 11.09 21.92 -7.35
C GLU C 226 10.19 23.11 -7.71
N GLY C 227 9.07 22.85 -8.37
CA GLY C 227 8.15 23.91 -8.84
C GLY C 227 7.01 24.15 -7.87
N LYS C 228 6.26 25.21 -8.10
CA LYS C 228 4.97 25.47 -7.39
C LYS C 228 4.07 24.24 -7.53
N LYS C 229 3.25 23.97 -6.52
CA LYS C 229 2.29 22.83 -6.51
C LYS C 229 0.86 23.33 -6.81
N PHE C 230 0.10 22.55 -7.57
CA PHE C 230 -1.27 22.87 -8.02
C PHE C 230 -2.18 21.66 -7.81
N ASP C 231 -3.47 21.91 -7.59
CA ASP C 231 -4.50 20.86 -7.54
C ASP C 231 -4.86 20.40 -8.96
N THR C 232 -4.73 21.25 -9.98
CA THR C 232 -5.13 20.88 -11.37
C THR C 232 -4.11 21.33 -12.40
N LEU C 233 -4.11 20.65 -13.54
CA LEU C 233 -3.26 20.98 -14.72
C LEU C 233 -3.65 22.35 -15.26
N TRP C 234 -4.94 22.71 -15.28
CA TRP C 234 -5.32 24.02 -15.85
C TRP C 234 -4.75 25.13 -14.96
N GLN C 235 -4.68 24.93 -13.64
CA GLN C 235 -4.04 25.92 -12.74
C GLN C 235 -2.56 26.07 -13.14
N LEU C 236 -1.88 24.94 -13.36
CA LEU C 236 -0.44 24.90 -13.72
C LEU C 236 -0.24 25.66 -15.03
N VAL C 237 -1.07 25.41 -16.03
CA VAL C 237 -0.96 26.10 -17.34
C VAL C 237 -1.24 27.60 -17.17
N GLU C 238 -2.24 27.98 -16.40
CA GLU C 238 -2.57 29.42 -16.21
C GLU C 238 -1.37 30.09 -15.54
N HIS C 239 -0.73 29.42 -14.57
CA HIS C 239 0.43 29.99 -13.85
C HIS C 239 1.60 30.26 -14.82
N TYR C 240 2.00 29.26 -15.57
CA TYR C 240 3.20 29.33 -16.44
C TYR C 240 2.89 30.08 -17.73
N SER C 241 1.63 30.43 -17.99
CA SER C 241 1.19 31.34 -19.08
C SER C 241 1.39 32.80 -18.68
N TYR C 242 1.46 33.09 -17.38
CA TYR C 242 1.62 34.45 -16.83
C TYR C 242 3.11 34.75 -16.59
N LYS C 243 3.89 33.78 -16.11
CA LYS C 243 5.32 33.99 -15.82
C LYS C 243 6.09 32.68 -15.94
N ALA C 244 7.30 32.77 -16.43
CA ALA C 244 8.22 31.63 -16.67
C ALA C 244 8.41 30.89 -15.36
N ASP C 245 8.66 31.58 -14.25
CA ASP C 245 8.83 30.99 -12.90
C ASP C 245 9.72 29.73 -13.00
N GLY C 246 10.86 29.81 -13.71
CA GLY C 246 11.81 28.70 -13.74
C GLY C 246 11.85 27.99 -15.08
N LEU C 247 10.78 28.05 -15.87
CA LEU C 247 10.80 27.59 -17.29
C LEU C 247 11.74 28.52 -18.05
N LEU C 248 12.28 28.10 -19.19
CA LEU C 248 13.12 28.98 -20.03
C LEU C 248 12.28 30.13 -20.59
N ARG C 249 10.95 30.00 -20.66
CA ARG C 249 10.08 31.10 -21.11
C ARG C 249 8.63 30.82 -20.76
N VAL C 250 7.81 31.85 -20.87
CA VAL C 250 6.35 31.77 -20.55
C VAL C 250 5.66 30.91 -21.63
N LEU C 251 4.59 30.18 -21.27
CA LEU C 251 3.74 29.47 -22.27
C LEU C 251 2.90 30.51 -23.02
N THR C 252 2.77 30.35 -24.34
CA THR C 252 2.00 31.27 -25.20
C THR C 252 0.85 30.49 -25.85
N VAL C 253 1.02 30.06 -27.10
CA VAL C 253 -0.07 29.51 -27.94
C VAL C 253 -0.17 28.00 -27.68
N PRO C 254 -1.36 27.47 -27.40
CA PRO C 254 -1.54 26.02 -27.33
C PRO C 254 -1.25 25.42 -28.70
N CYS C 255 -0.45 24.36 -28.75
CA CYS C 255 -0.26 23.54 -29.95
C CYS C 255 -1.60 22.89 -30.31
N GLN C 256 -2.12 23.16 -31.50
CA GLN C 256 -3.33 22.50 -32.07
C GLN C 256 -3.19 20.98 -32.03
N LYS C 257 -4.16 20.28 -31.46
CA LYS C 257 -4.06 18.79 -31.37
C LYS C 257 -4.56 18.21 -32.70
N ILE C 258 -4.04 17.05 -33.08
CA ILE C 258 -4.71 16.09 -34.03
C ILE C 258 -5.44 15.03 -33.21
N GLY C 259 -6.67 15.32 -32.77
CA GLY C 259 -7.41 14.57 -31.73
C GLY C 259 -6.77 14.62 -30.34
N THR C 260 -7.33 13.86 -29.39
CA THR C 260 -6.75 13.60 -28.06
C THR C 260 -6.43 12.10 -28.00
N GLN C 261 -5.19 11.70 -27.75
CA GLN C 261 -4.81 10.27 -27.76
C GLN C 261 -5.28 9.58 -26.47
N GLY C 262 -5.83 8.37 -26.59
CA GLY C 262 -6.34 7.60 -25.43
C GLY C 262 -5.19 6.92 -24.73
N ASN C 263 -5.43 6.36 -23.53
CA ASN C 263 -4.42 5.68 -22.67
C ASN C 263 -4.26 4.18 -23.01
N VAL C 264 -5.22 3.62 -23.78
CA VAL C 264 -5.41 2.15 -23.98
C VAL C 264 -4.08 1.53 -24.48
N ASN C 265 -3.25 2.30 -25.21
CA ASN C 265 -1.75 2.18 -25.30
C ASN C 265 -1.24 2.73 -26.64
N ALA D 6 10.80 -17.71 36.52
CA ALA D 6 9.71 -18.64 36.89
C ALA D 6 10.06 -20.09 36.52
N ASN D 7 11.31 -20.34 36.08
CA ASN D 7 11.82 -21.68 35.71
C ASN D 7 11.80 -22.62 36.92
N HIS D 8 11.89 -22.08 38.13
CA HIS D 8 11.95 -22.84 39.39
C HIS D 8 10.56 -23.38 39.76
N LEU D 9 9.49 -22.92 39.10
CA LEU D 9 8.12 -23.42 39.37
C LEU D 9 7.91 -24.71 38.59
N PRO D 10 7.51 -25.80 39.27
CA PRO D 10 7.27 -27.08 38.60
C PRO D 10 6.12 -27.05 37.57
N PHE D 11 5.22 -26.07 37.65
CA PHE D 11 4.00 -25.96 36.81
C PHE D 11 4.16 -24.84 35.76
N PHE D 12 5.40 -24.36 35.55
CA PHE D 12 5.75 -23.39 34.48
C PHE D 12 6.22 -24.16 33.24
N PHE D 13 5.61 -23.92 32.08
CA PHE D 13 5.79 -24.73 30.84
C PHE D 13 6.58 -23.93 29.81
N GLY D 14 6.96 -22.70 30.14
CA GLY D 14 7.68 -21.83 29.20
C GLY D 14 6.81 -21.49 28.01
N ASN D 15 7.40 -21.48 26.81
CA ASN D 15 6.82 -20.91 25.58
C ASN D 15 6.04 -22.00 24.84
N ILE D 16 5.00 -22.54 25.46
CA ILE D 16 4.04 -23.47 24.79
C ILE D 16 2.88 -22.65 24.22
N THR D 17 2.10 -23.25 23.32
CA THR D 17 0.92 -22.61 22.71
C THR D 17 -0.28 -22.84 23.62
N ARG D 18 -1.33 -22.06 23.41
CA ARG D 18 -2.65 -22.25 24.09
C ARG D 18 -3.09 -23.71 23.88
N GLU D 19 -3.00 -24.21 22.65
CA GLU D 19 -3.50 -25.57 22.31
C GLU D 19 -2.71 -26.58 23.13
N GLU D 20 -1.39 -26.41 23.22
CA GLU D 20 -0.53 -27.31 24.02
C GLU D 20 -0.92 -27.20 25.50
N ALA D 21 -1.22 -25.98 25.98
CA ALA D 21 -1.62 -25.75 27.39
C ALA D 21 -2.92 -26.53 27.65
N GLU D 22 -3.88 -26.40 26.74
CA GLU D 22 -5.20 -27.08 26.86
C GLU D 22 -4.98 -28.60 26.79
N ASP D 23 -4.11 -29.09 25.90
CA ASP D 23 -3.79 -30.55 25.82
C ASP D 23 -3.26 -31.02 27.18
N TYR D 24 -2.41 -30.21 27.82
CA TYR D 24 -1.81 -30.54 29.14
C TYR D 24 -2.91 -30.58 30.21
N LEU D 25 -3.86 -29.64 30.17
CA LEU D 25 -4.95 -29.56 31.19
C LEU D 25 -5.84 -30.82 31.07
N VAL D 26 -6.11 -31.29 29.85
CA VAL D 26 -6.93 -32.52 29.62
C VAL D 26 -6.15 -33.74 30.11
N GLN D 27 -4.86 -33.82 29.79
CA GLN D 27 -3.95 -34.89 30.29
C GLN D 27 -4.00 -34.93 31.81
N GLY D 28 -4.18 -33.77 32.46
CA GLY D 28 -4.20 -33.67 33.94
C GLY D 28 -5.59 -33.91 34.52
N GLY D 29 -6.60 -34.19 33.70
CA GLY D 29 -7.94 -34.56 34.16
C GLY D 29 -8.95 -33.45 33.99
N MET D 30 -8.50 -32.25 33.60
CA MET D 30 -9.42 -31.10 33.37
C MET D 30 -10.31 -30.89 34.61
N SER D 31 -9.80 -31.15 35.81
CA SER D 31 -10.50 -30.92 37.10
C SER D 31 -10.62 -29.42 37.38
N ASP D 32 -11.74 -28.98 37.96
CA ASP D 32 -11.98 -27.57 38.35
C ASP D 32 -10.78 -27.08 39.17
N GLY D 33 -10.21 -25.93 38.78
CA GLY D 33 -9.08 -25.30 39.49
C GLY D 33 -7.74 -25.96 39.18
N LEU D 34 -7.67 -26.87 38.22
CA LEU D 34 -6.36 -27.33 37.68
C LEU D 34 -5.80 -26.16 36.84
N TYR D 35 -4.51 -25.88 36.97
CA TYR D 35 -3.90 -24.68 36.36
C TYR D 35 -2.44 -24.96 36.03
N LEU D 36 -1.94 -24.26 35.02
CA LEU D 36 -0.49 -24.18 34.76
C LEU D 36 -0.16 -22.75 34.38
N LEU D 37 1.14 -22.48 34.36
CA LEU D 37 1.69 -21.18 34.01
C LEU D 37 2.54 -21.35 32.75
N ARG D 38 2.51 -20.36 31.87
CA ARG D 38 3.30 -20.38 30.61
C ARG D 38 3.73 -18.95 30.32
N GLN D 39 4.63 -18.79 29.37
CA GLN D 39 5.18 -17.48 28.97
C GLN D 39 4.18 -16.79 28.05
N SER D 40 3.90 -15.51 28.24
CA SER D 40 3.08 -14.72 27.30
C SER D 40 3.78 -14.73 25.93
N ARG D 41 3.01 -14.92 24.86
CA ARG D 41 3.54 -14.92 23.47
C ARG D 41 3.43 -13.51 22.87
N ASN D 42 2.79 -12.56 23.56
CA ASN D 42 2.64 -11.20 22.98
C ASN D 42 2.87 -10.07 24.00
N TYR D 43 3.16 -10.39 25.26
CA TYR D 43 3.57 -9.38 26.28
C TYR D 43 4.96 -9.75 26.76
N LEU D 44 5.91 -8.89 26.46
CA LEU D 44 7.33 -9.07 26.84
C LEU D 44 7.39 -9.14 28.37
N GLY D 45 8.10 -10.13 28.90
CA GLY D 45 8.24 -10.33 30.36
C GLY D 45 6.98 -10.87 30.98
N GLY D 46 5.92 -11.07 30.20
CA GLY D 46 4.60 -11.48 30.69
C GLY D 46 4.43 -12.99 30.78
N PHE D 47 3.35 -13.43 31.44
CA PHE D 47 2.99 -14.86 31.61
C PHE D 47 1.53 -15.03 31.21
N ALA D 48 1.13 -16.28 31.04
CA ALA D 48 -0.29 -16.67 30.84
C ALA D 48 -0.62 -17.72 31.89
N LEU D 49 -1.76 -17.54 32.55
CA LEU D 49 -2.35 -18.50 33.51
C LEU D 49 -3.45 -19.23 32.76
N SER D 50 -3.38 -20.56 32.73
CA SER D 50 -4.34 -21.44 32.02
C SER D 50 -5.04 -22.30 33.08
N VAL D 51 -6.36 -22.16 33.22
CA VAL D 51 -7.15 -22.79 34.31
C VAL D 51 -8.33 -23.57 33.72
N ALA D 52 -8.52 -24.80 34.18
CA ALA D 52 -9.71 -25.63 33.87
C ALA D 52 -10.86 -25.28 34.83
N HIS D 53 -12.06 -25.04 34.30
CA HIS D 53 -13.31 -24.91 35.08
C HIS D 53 -14.52 -25.18 34.20
N GLY D 54 -15.46 -26.00 34.69
CA GLY D 54 -16.65 -26.41 33.92
C GLY D 54 -16.24 -27.15 32.67
N ARG D 55 -15.15 -27.93 32.74
CA ARG D 55 -14.55 -28.72 31.63
C ARG D 55 -14.12 -27.81 30.47
N LYS D 56 -13.99 -26.49 30.70
CA LYS D 56 -13.47 -25.51 29.70
C LYS D 56 -12.12 -24.95 30.20
N ALA D 57 -11.27 -24.51 29.27
CA ALA D 57 -9.99 -23.83 29.56
C ALA D 57 -10.23 -22.32 29.59
N HIS D 58 -9.70 -21.64 30.61
CA HIS D 58 -9.74 -20.17 30.77
C HIS D 58 -8.30 -19.66 30.81
N HIS D 59 -7.96 -18.69 29.96
CA HIS D 59 -6.59 -18.16 29.77
C HIS D 59 -6.55 -16.68 30.17
N TYR D 60 -5.59 -16.35 31.04
CA TYR D 60 -5.38 -14.99 31.58
C TYR D 60 -3.95 -14.53 31.28
N THR D 61 -3.78 -13.33 30.75
CA THR D 61 -2.45 -12.70 30.59
C THR D 61 -2.07 -12.02 31.90
N ILE D 62 -0.92 -12.42 32.45
CA ILE D 62 -0.23 -11.73 33.57
C ILE D 62 0.83 -10.80 32.97
N GLU D 63 0.57 -9.48 32.97
CA GLU D 63 1.50 -8.48 32.41
C GLU D 63 2.52 -8.10 33.48
N ARG D 64 3.77 -7.86 33.05
CA ARG D 64 4.81 -7.18 33.87
C ARG D 64 4.53 -5.68 33.79
N GLU D 65 4.27 -5.07 34.95
CA GLU D 65 3.94 -3.62 35.07
C GLU D 65 5.23 -2.83 34.87
N LEU D 66 5.12 -1.52 34.68
CA LEU D 66 6.28 -0.61 34.48
C LEU D 66 7.24 -0.76 35.67
N ASN D 67 6.68 -0.90 36.88
CA ASN D 67 7.43 -0.96 38.16
C ASN D 67 7.94 -2.38 38.45
N GLY D 68 7.72 -3.37 37.56
CA GLY D 68 8.29 -4.72 37.69
C GLY D 68 7.45 -5.66 38.56
N THR D 69 6.26 -5.25 38.97
CA THR D 69 5.25 -6.16 39.57
C THR D 69 4.46 -6.82 38.43
N TYR D 70 3.57 -7.74 38.79
CA TYR D 70 2.79 -8.58 37.86
C TYR D 70 1.32 -8.43 38.19
N ALA D 71 0.48 -8.28 37.17
CA ALA D 71 -0.98 -8.14 37.33
C ALA D 71 -1.69 -8.63 36.08
N ILE D 72 -2.83 -9.27 36.27
CA ILE D 72 -3.87 -9.43 35.22
C ILE D 72 -4.56 -8.08 35.15
N ALA D 73 -4.94 -7.62 33.95
CA ALA D 73 -5.54 -6.28 33.75
C ALA D 73 -6.71 -6.10 34.72
N GLY D 74 -6.67 -5.01 35.50
CA GLY D 74 -7.74 -4.59 36.43
C GLY D 74 -7.61 -5.23 37.80
N GLY D 75 -6.50 -5.91 38.07
CA GLY D 75 -6.30 -6.71 39.29
C GLY D 75 -5.21 -6.14 40.17
N ARG D 76 -5.15 -6.61 41.40
CA ARG D 76 -4.08 -6.35 42.38
C ARG D 76 -2.72 -6.67 41.73
N THR D 77 -1.65 -6.00 42.15
CA THR D 77 -0.27 -6.30 41.70
C THR D 77 0.32 -7.35 42.64
N HIS D 78 1.32 -8.09 42.16
CA HIS D 78 2.01 -9.15 42.94
C HIS D 78 3.49 -9.04 42.60
N ALA D 79 4.35 -9.47 43.50
CA ALA D 79 5.82 -9.40 43.36
C ALA D 79 6.28 -10.36 42.26
N SER D 80 5.55 -11.46 42.05
CA SER D 80 5.98 -12.57 41.16
C SER D 80 4.77 -13.35 40.65
N PRO D 81 4.90 -14.09 39.54
CA PRO D 81 3.83 -14.97 39.07
C PRO D 81 3.47 -16.01 40.13
N ALA D 82 4.47 -16.54 40.83
CA ALA D 82 4.29 -17.52 41.93
C ALA D 82 3.37 -16.90 43.01
N ASP D 83 3.60 -15.65 43.40
CA ASP D 83 2.77 -14.95 44.43
C ASP D 83 1.36 -14.79 43.88
N LEU D 84 1.21 -14.49 42.59
CA LEU D 84 -0.13 -14.30 41.96
C LEU D 84 -0.89 -15.63 42.07
N CYS D 85 -0.22 -16.75 41.77
CA CYS D 85 -0.84 -18.10 41.78
C CYS D 85 -1.20 -18.47 43.22
N HIS D 86 -0.28 -18.27 44.16
CA HIS D 86 -0.54 -18.51 45.60
C HIS D 86 -1.74 -17.68 46.05
N TYR D 87 -1.77 -16.39 45.76
CA TYR D 87 -2.90 -15.51 46.14
C TYR D 87 -4.21 -16.11 45.60
N HIS D 88 -4.24 -16.55 44.34
CA HIS D 88 -5.51 -16.97 43.71
C HIS D 88 -5.86 -18.41 44.12
N SER D 89 -4.99 -19.08 44.87
CA SER D 89 -5.30 -20.36 45.57
C SER D 89 -6.06 -20.09 46.88
N GLN D 90 -6.08 -18.85 47.39
CA GLN D 90 -6.77 -18.44 48.65
C GLN D 90 -8.06 -17.66 48.33
N GLU D 91 -7.99 -16.69 47.41
CA GLU D 91 -9.14 -15.84 46.98
C GLU D 91 -9.31 -15.92 45.46
N SER D 92 -10.54 -16.16 44.97
CA SER D 92 -10.85 -16.15 43.52
C SER D 92 -10.66 -14.73 42.97
N ASP D 93 -11.27 -13.74 43.63
CA ASP D 93 -11.06 -12.29 43.40
C ASP D 93 -11.15 -11.98 41.89
N GLY D 94 -12.19 -12.47 41.23
CA GLY D 94 -12.54 -12.10 39.84
C GLY D 94 -12.12 -13.18 38.85
N LEU D 95 -11.27 -14.10 39.27
CA LEU D 95 -10.86 -15.27 38.44
C LEU D 95 -12.06 -16.19 38.33
N VAL D 96 -12.12 -17.02 37.28
CA VAL D 96 -13.28 -17.92 37.01
C VAL D 96 -13.53 -18.81 38.23
N CYS D 97 -12.48 -19.18 38.97
CA CYS D 97 -12.57 -20.06 40.16
C CYS D 97 -11.27 -19.98 40.96
N LEU D 98 -11.23 -20.67 42.09
CA LEU D 98 -10.02 -20.80 42.94
C LEU D 98 -9.02 -21.68 42.22
N LEU D 99 -7.74 -21.36 42.30
CA LEU D 99 -6.67 -22.25 41.80
C LEU D 99 -6.49 -23.36 42.85
N LYS D 100 -6.78 -24.61 42.50
CA LYS D 100 -6.82 -25.75 43.48
C LYS D 100 -5.55 -26.59 43.34
N LYS D 101 -5.15 -26.95 42.12
CA LYS D 101 -4.10 -27.97 41.90
C LYS D 101 -3.23 -27.58 40.71
N PRO D 102 -1.90 -27.37 40.90
CA PRO D 102 -1.02 -27.12 39.77
C PRO D 102 -0.92 -28.39 38.93
N PHE D 103 -0.89 -28.25 37.60
CA PHE D 103 -0.47 -29.34 36.69
C PHE D 103 1.02 -29.17 36.43
N ASN D 104 1.84 -30.07 36.98
CA ASN D 104 3.32 -29.99 36.91
C ASN D 104 3.80 -30.53 35.56
N ARG D 105 4.92 -30.02 35.08
CA ARG D 105 5.59 -30.56 33.88
C ARG D 105 5.79 -32.05 34.08
N PRO D 106 5.29 -32.94 33.18
CA PRO D 106 5.67 -34.35 33.22
C PRO D 106 7.20 -34.52 33.26
N GLN D 107 7.65 -35.68 33.75
CA GLN D 107 9.09 -36.04 33.81
C GLN D 107 9.72 -35.84 32.41
N GLY D 108 10.89 -35.21 32.38
CA GLY D 108 11.68 -35.00 31.14
C GLY D 108 11.22 -33.79 30.35
N VAL D 109 10.05 -33.21 30.63
CA VAL D 109 9.50 -32.00 29.95
C VAL D 109 10.13 -30.77 30.60
N GLN D 110 10.88 -30.00 29.82
CA GLN D 110 11.48 -28.72 30.28
C GLN D 110 10.58 -27.58 29.82
N PRO D 111 10.71 -26.38 30.42
CA PRO D 111 10.04 -25.21 29.87
C PRO D 111 10.51 -25.02 28.42
N LYS D 112 9.59 -24.77 27.50
CA LYS D 112 9.92 -24.56 26.08
C LYS D 112 10.50 -23.14 25.94
N THR D 113 11.50 -23.03 25.07
CA THR D 113 12.16 -21.77 24.67
C THR D 113 11.91 -21.58 23.17
N GLY D 114 11.55 -20.39 22.73
CA GLY D 114 11.42 -20.11 21.28
C GLY D 114 12.74 -19.74 20.63
N PRO D 115 12.75 -19.44 19.31
CA PRO D 115 13.97 -19.04 18.61
C PRO D 115 14.63 -17.81 19.25
N PHE D 116 13.84 -16.78 19.60
CA PHE D 116 14.41 -15.53 20.18
C PHE D 116 15.07 -15.88 21.51
N GLU D 117 14.36 -16.61 22.38
CA GLU D 117 14.87 -16.98 23.72
C GLU D 117 16.23 -17.70 23.55
N ASP D 118 16.39 -18.52 22.51
CA ASP D 118 17.62 -19.33 22.32
C ASP D 118 18.79 -18.43 21.89
N LEU D 119 18.50 -17.32 21.21
CA LEU D 119 19.54 -16.36 20.73
C LEU D 119 19.90 -15.41 21.87
N LYS D 120 18.88 -14.93 22.58
CA LYS D 120 18.93 -13.97 23.71
C LYS D 120 19.86 -14.51 24.80
N GLU D 121 19.57 -15.73 25.28
CA GLU D 121 20.29 -16.38 26.41
C GLU D 121 21.75 -16.54 26.01
N ASN D 122 22.03 -17.00 24.78
CA ASN D 122 23.41 -17.24 24.29
C ASN D 122 24.17 -15.91 24.26
N LEU D 123 23.54 -14.82 23.79
CA LEU D 123 24.23 -13.51 23.68
C LEU D 123 24.62 -13.02 25.08
N ILE D 124 23.70 -13.15 26.04
CA ILE D 124 23.93 -12.67 27.43
C ILE D 124 25.10 -13.48 28.01
N ARG D 125 25.05 -14.80 27.85
CA ARG D 125 26.08 -15.74 28.39
C ARG D 125 27.44 -15.39 27.80
N GLU D 126 27.54 -15.25 26.46
CA GLU D 126 28.83 -14.96 25.79
C GLU D 126 29.36 -13.62 26.28
N TYR D 127 28.49 -12.61 26.38
CA TYR D 127 28.88 -11.24 26.81
C TYR D 127 29.46 -11.31 28.23
N VAL D 128 28.79 -11.98 29.16
CA VAL D 128 29.21 -12.00 30.57
C VAL D 128 30.53 -12.78 30.67
N LYS D 129 30.61 -13.95 30.03
CA LYS D 129 31.82 -14.80 30.00
C LYS D 129 33.02 -13.98 29.54
N GLN D 130 32.88 -13.26 28.41
CA GLN D 130 34.03 -12.59 27.74
C GLN D 130 34.37 -11.30 28.46
N THR D 131 33.37 -10.51 28.88
CA THR D 131 33.60 -9.10 29.31
C THR D 131 34.12 -9.07 30.76
N TRP D 132 33.61 -9.93 31.65
CA TRP D 132 34.04 -9.95 33.08
C TRP D 132 34.90 -11.18 33.37
N ASN D 133 35.05 -12.09 32.41
CA ASN D 133 35.67 -13.43 32.62
C ASN D 133 35.21 -14.07 33.94
N ALA D 138 29.59 -20.87 38.20
CA ALA D 138 28.49 -20.74 39.18
C ALA D 138 28.44 -19.30 39.72
N LEU D 139 29.60 -18.66 39.93
CA LEU D 139 29.67 -17.16 40.03
C LEU D 139 29.35 -16.57 38.65
N GLU D 140 29.80 -17.21 37.57
CA GLU D 140 29.41 -16.91 36.16
C GLU D 140 27.88 -16.90 36.00
N GLN D 141 27.19 -17.87 36.58
CA GLN D 141 25.70 -18.02 36.50
C GLN D 141 25.03 -16.89 37.27
N ALA D 142 25.51 -16.60 38.48
CA ALA D 142 24.98 -15.53 39.36
C ALA D 142 25.13 -14.17 38.65
N ILE D 143 26.25 -13.96 37.96
CA ILE D 143 26.50 -12.71 37.18
C ILE D 143 25.41 -12.61 36.10
N ILE D 144 25.22 -13.68 35.32
CA ILE D 144 24.23 -13.73 34.20
C ILE D 144 22.84 -13.45 34.77
N SER D 145 22.48 -14.09 35.89
CA SER D 145 21.16 -14.03 36.56
C SER D 145 20.76 -12.60 36.92
N GLN D 146 21.67 -11.72 37.35
CA GLN D 146 21.35 -10.26 37.60
C GLN D 146 21.58 -9.34 36.36
N LYS D 147 20.80 -9.59 35.30
CA LYS D 147 20.81 -8.79 34.04
C LYS D 147 19.37 -8.64 33.52
N PRO D 148 18.48 -7.95 34.26
CA PRO D 148 17.25 -7.43 33.68
C PRO D 148 17.49 -6.40 32.55
N GLN D 149 18.61 -5.68 32.60
CA GLN D 149 18.94 -4.53 31.72
C GLN D 149 19.18 -5.02 30.29
N LEU D 150 19.79 -6.20 30.12
CA LEU D 150 20.14 -6.74 28.78
C LEU D 150 18.87 -7.27 28.07
N GLU D 151 17.98 -7.93 28.80
CA GLU D 151 16.73 -8.52 28.24
C GLU D 151 15.99 -7.49 27.39
N LYS D 152 15.73 -6.28 27.91
CA LYS D 152 14.89 -5.30 27.17
C LYS D 152 15.64 -4.80 25.92
N LEU D 153 16.95 -4.57 26.01
CA LEU D 153 17.76 -4.10 24.85
C LEU D 153 17.70 -5.18 23.75
N ILE D 154 18.00 -6.44 24.10
CA ILE D 154 18.06 -7.55 23.11
C ILE D 154 16.66 -7.76 22.53
N ALA D 155 15.60 -7.71 23.34
CA ALA D 155 14.20 -7.90 22.89
C ALA D 155 13.86 -6.86 21.82
N THR D 156 14.28 -5.61 21.99
CA THR D 156 13.88 -4.50 21.08
C THR D 156 14.75 -4.49 19.82
N THR D 157 15.88 -5.20 19.75
CA THR D 157 16.82 -5.14 18.59
C THR D 157 17.08 -6.50 17.95
N ALA D 158 16.70 -7.62 18.57
CA ALA D 158 17.10 -8.98 18.12
C ALA D 158 16.54 -9.27 16.71
N HIS D 159 15.44 -8.64 16.31
CA HIS D 159 14.83 -8.85 14.97
C HIS D 159 15.85 -8.50 13.87
N GLU D 160 16.74 -7.53 14.14
CA GLU D 160 17.71 -7.02 13.12
C GLU D 160 18.58 -8.19 12.64
N LYS D 161 18.87 -9.16 13.52
CA LYS D 161 19.82 -10.26 13.28
C LYS D 161 19.08 -11.54 12.86
N MET D 162 17.76 -11.50 12.61
CA MET D 162 17.00 -12.72 12.29
C MET D 162 16.79 -12.82 10.78
N PRO D 163 16.76 -14.06 10.25
CA PRO D 163 16.85 -14.26 8.80
C PRO D 163 15.69 -13.63 8.00
N TRP D 164 14.52 -13.45 8.63
CA TRP D 164 13.31 -12.91 7.95
C TRP D 164 13.28 -11.40 7.90
N PHE D 165 14.21 -10.71 8.58
CA PHE D 165 14.19 -9.23 8.64
C PHE D 165 15.17 -8.67 7.61
N HIS D 166 14.67 -7.89 6.64
CA HIS D 166 15.47 -7.43 5.47
C HIS D 166 15.73 -5.93 5.59
N GLY D 167 15.33 -5.29 6.68
CA GLY D 167 15.55 -3.84 6.90
C GLY D 167 14.77 -2.98 5.93
N LYS D 168 15.32 -1.83 5.54
CA LYS D 168 14.64 -0.81 4.72
C LYS D 168 14.81 -1.18 3.25
N ILE D 169 13.87 -1.97 2.74
CA ILE D 169 13.74 -2.37 1.31
C ILE D 169 12.40 -1.81 0.86
N SER D 170 12.26 -1.52 -0.43
CA SER D 170 11.01 -1.00 -1.02
C SER D 170 10.01 -2.16 -1.16
N ARG D 171 8.75 -1.84 -1.37
CA ARG D 171 7.71 -2.80 -1.78
C ARG D 171 8.23 -3.59 -2.98
N GLU D 172 8.71 -2.89 -4.00
CA GLU D 172 9.14 -3.47 -5.30
C GLU D 172 10.29 -4.44 -5.07
N GLU D 173 11.31 -4.02 -4.32
CA GLU D 173 12.47 -4.89 -3.98
C GLU D 173 11.96 -6.14 -3.26
N SER D 174 10.97 -6.00 -2.38
CA SER D 174 10.48 -7.11 -1.53
C SER D 174 9.75 -8.11 -2.42
N GLU D 175 8.95 -7.65 -3.38
CA GLU D 175 8.29 -8.54 -4.36
C GLU D 175 9.36 -9.31 -5.15
N GLN D 176 10.36 -8.62 -5.66
CA GLN D 176 11.42 -9.22 -6.52
C GLN D 176 12.10 -10.34 -5.73
N ILE D 177 12.51 -10.07 -4.49
CA ILE D 177 13.32 -11.04 -3.71
C ILE D 177 12.43 -12.21 -3.27
N VAL D 178 11.13 -12.01 -3.02
CA VAL D 178 10.23 -13.12 -2.59
C VAL D 178 9.94 -14.03 -3.80
N LEU D 179 9.87 -13.49 -5.02
CA LEU D 179 9.52 -14.27 -6.23
C LEU D 179 10.75 -15.00 -6.81
N ILE D 180 11.95 -14.71 -6.35
CA ILE D 180 13.15 -15.42 -6.90
C ILE D 180 13.31 -16.71 -6.10
N GLY D 181 13.62 -17.80 -6.79
CA GLY D 181 13.94 -19.08 -6.14
C GLY D 181 12.69 -19.88 -5.84
N SER D 182 12.79 -20.80 -4.88
CA SER D 182 11.72 -21.74 -4.46
C SER D 182 10.42 -20.98 -4.15
N LYS D 183 9.31 -21.37 -4.76
CA LYS D 183 8.00 -20.65 -4.62
C LYS D 183 7.20 -21.32 -3.50
N THR D 184 7.87 -21.65 -2.40
CA THR D 184 7.26 -22.27 -1.20
C THR D 184 6.17 -21.32 -0.67
N ASN D 185 4.93 -21.80 -0.60
CA ASN D 185 3.85 -21.04 0.07
C ASN D 185 4.30 -20.69 1.50
N GLY D 186 4.04 -19.46 1.92
CA GLY D 186 4.36 -19.01 3.30
C GLY D 186 5.75 -18.41 3.38
N LYS D 187 6.54 -18.49 2.32
CA LYS D 187 7.86 -17.80 2.26
C LYS D 187 7.59 -16.33 2.57
N PHE D 188 8.38 -15.71 3.42
CA PHE D 188 7.99 -14.38 3.96
C PHE D 188 9.23 -13.60 4.38
N LEU D 189 9.07 -12.29 4.41
CA LEU D 189 10.02 -11.39 5.09
C LEU D 189 9.24 -10.24 5.73
N ILE D 190 9.95 -9.51 6.58
CA ILE D 190 9.49 -8.22 7.14
C ILE D 190 10.51 -7.16 6.71
N ARG D 191 9.99 -6.02 6.25
CA ARG D 191 10.75 -4.83 5.86
C ARG D 191 10.31 -3.65 6.73
N ALA D 192 11.24 -2.75 7.05
CA ALA D 192 10.98 -1.44 7.67
C ALA D 192 10.42 -0.53 6.60
N ARG D 193 9.43 0.30 6.96
CA ARG D 193 8.96 1.43 6.11
C ARG D 193 9.55 2.72 6.69
N ASP D 194 9.33 3.88 6.05
CA ASP D 194 9.93 5.17 6.48
C ASP D 194 9.73 5.40 7.98
N ASN D 195 8.46 5.42 8.43
CA ASN D 195 8.08 5.78 9.81
C ASN D 195 8.75 4.82 10.80
N ASN D 196 9.19 5.37 11.94
CA ASN D 196 9.68 4.65 13.14
C ASN D 196 8.54 3.74 13.66
N GLY D 197 8.81 2.44 13.77
CA GLY D 197 7.86 1.41 14.22
C GLY D 197 6.89 0.99 13.12
N SER D 198 7.12 1.40 11.87
CA SER D 198 6.29 0.97 10.72
C SER D 198 7.03 -0.09 9.91
N TYR D 199 6.36 -1.20 9.61
CA TYR D 199 6.93 -2.35 8.88
C TYR D 199 5.88 -2.89 7.92
N ALA D 200 6.28 -3.79 7.05
CA ALA D 200 5.36 -4.62 6.23
C ALA D 200 5.77 -6.08 6.33
N LEU D 201 4.77 -6.95 6.42
CA LEU D 201 4.95 -8.42 6.24
C LEU D 201 4.67 -8.73 4.77
N CYS D 202 5.64 -9.31 4.08
CA CYS D 202 5.50 -9.76 2.67
C CYS D 202 5.49 -11.30 2.67
N LEU D 203 4.42 -11.85 2.14
CA LEU D 203 4.09 -13.29 2.24
C LEU D 203 3.80 -13.83 0.84
N LEU D 204 4.37 -14.98 0.47
CA LEU D 204 4.12 -15.62 -0.85
C LEU D 204 2.91 -16.56 -0.70
N HIS D 205 1.85 -16.32 -1.47
CA HIS D 205 0.64 -17.18 -1.51
C HIS D 205 0.32 -17.50 -2.96
N GLU D 206 0.47 -18.75 -3.40
CA GLU D 206 0.06 -19.20 -4.76
C GLU D 206 0.67 -18.25 -5.81
N GLY D 207 1.98 -18.08 -5.78
CA GLY D 207 2.74 -17.26 -6.75
C GLY D 207 2.54 -15.75 -6.63
N LYS D 208 1.73 -15.26 -5.69
CA LYS D 208 1.46 -13.80 -5.53
C LYS D 208 2.04 -13.33 -4.18
N VAL D 209 2.58 -12.11 -4.15
CA VAL D 209 3.14 -11.50 -2.92
C VAL D 209 2.03 -10.65 -2.28
N LEU D 210 1.65 -11.01 -1.05
CA LEU D 210 0.73 -10.24 -0.19
C LEU D 210 1.58 -9.34 0.73
N HIS D 211 1.13 -8.11 0.92
CA HIS D 211 1.73 -7.11 1.81
C HIS D 211 0.75 -6.77 2.92
N TYR D 212 1.14 -7.02 4.17
CA TYR D 212 0.36 -6.63 5.37
C TYR D 212 1.12 -5.52 6.10
N ARG D 213 0.49 -4.38 6.35
CA ARG D 213 1.16 -3.26 7.06
C ARG D 213 1.23 -3.60 8.57
N ILE D 214 2.33 -3.27 9.22
CA ILE D 214 2.51 -3.44 10.69
C ILE D 214 2.81 -2.05 11.26
N ASP D 215 2.02 -1.60 12.24
CA ASP D 215 2.20 -0.25 12.85
C ASP D 215 2.32 -0.36 14.38
N LYS D 216 3.08 0.56 14.96
CA LYS D 216 3.19 0.79 16.41
C LYS D 216 2.05 1.73 16.80
N ASP D 217 1.14 1.29 17.67
CA ASP D 217 0.05 2.15 18.21
C ASP D 217 0.63 2.97 19.38
N LYS D 218 -0.22 3.74 20.03
CA LYS D 218 0.18 4.71 21.09
C LYS D 218 0.53 3.98 22.39
N THR D 219 0.07 2.74 22.59
CA THR D 219 0.44 1.83 23.72
C THR D 219 1.86 1.27 23.51
N GLY D 220 2.44 1.44 22.32
CA GLY D 220 3.74 0.86 21.93
C GLY D 220 3.61 -0.56 21.37
N LYS D 221 2.42 -0.99 21.01
CA LYS D 221 2.17 -2.36 20.49
C LYS D 221 2.26 -2.35 18.97
N LEU D 222 2.77 -3.44 18.40
CA LEU D 222 2.83 -3.70 16.94
C LEU D 222 1.64 -4.59 16.55
N SER D 223 1.00 -4.27 15.44
CA SER D 223 -0.07 -5.12 14.88
C SER D 223 -0.25 -4.79 13.40
N ILE D 224 -0.74 -5.79 12.66
CA ILE D 224 -1.49 -5.59 11.41
C ILE D 224 -2.86 -5.04 11.82
N PRO D 225 -3.45 -4.08 11.09
CA PRO D 225 -4.78 -3.58 11.43
C PRO D 225 -5.78 -4.72 11.72
N GLU D 226 -6.48 -4.64 12.85
CA GLU D 226 -7.52 -5.59 13.32
C GLU D 226 -6.84 -6.83 13.91
N GLY D 227 -5.50 -6.88 13.97
CA GLY D 227 -4.78 -8.09 14.36
C GLY D 227 -4.40 -8.10 15.83
N LYS D 228 -3.98 -9.26 16.33
CA LYS D 228 -3.38 -9.42 17.67
C LYS D 228 -2.23 -8.41 17.79
N LYS D 229 -2.03 -7.92 19.02
CA LYS D 229 -1.02 -6.89 19.36
C LYS D 229 0.18 -7.58 20.03
N PHE D 230 1.39 -7.13 19.70
CA PHE D 230 2.68 -7.68 20.20
C PHE D 230 3.58 -6.54 20.64
N ASP D 231 4.45 -6.83 21.59
CA ASP D 231 5.51 -5.88 22.01
C ASP D 231 6.66 -5.90 21.01
N THR D 232 6.89 -7.02 20.31
CA THR D 232 8.04 -7.16 19.39
C THR D 232 7.66 -7.87 18.09
N LEU D 233 8.43 -7.61 17.04
CA LEU D 233 8.34 -8.24 15.71
C LEU D 233 8.58 -9.73 15.82
N TRP D 234 9.52 -10.18 16.65
CA TRP D 234 9.83 -11.62 16.73
C TRP D 234 8.62 -12.34 17.35
N GLN D 235 7.92 -11.70 18.29
CA GLN D 235 6.67 -12.31 18.84
C GLN D 235 5.66 -12.46 17.70
N LEU D 236 5.50 -11.42 16.89
CA LEU D 236 4.54 -11.38 15.76
C LEU D 236 4.86 -12.52 14.79
N VAL D 237 6.13 -12.68 14.43
CA VAL D 237 6.56 -13.77 13.50
C VAL D 237 6.31 -15.14 14.14
N GLU D 238 6.64 -15.31 15.42
CA GLU D 238 6.43 -16.63 16.09
C GLU D 238 4.93 -16.95 16.05
N HIS D 239 4.08 -15.95 16.30
CA HIS D 239 2.61 -16.14 16.34
C HIS D 239 2.10 -16.61 14.98
N TYR D 240 2.42 -15.87 13.92
CA TYR D 240 1.84 -16.10 12.58
C TYR D 240 2.55 -17.28 11.89
N SER D 241 3.61 -17.82 12.48
CA SER D 241 4.28 -19.08 12.04
C SER D 241 3.49 -20.29 12.52
N TYR D 242 2.71 -20.14 13.59
CA TYR D 242 1.92 -21.26 14.20
C TYR D 242 0.45 -21.18 13.71
N LYS D 243 -0.11 -19.99 13.50
CA LYS D 243 -1.56 -19.78 13.28
C LYS D 243 -1.76 -18.65 12.28
N ALA D 244 -2.54 -18.85 11.21
CA ALA D 244 -2.79 -17.84 10.18
C ALA D 244 -3.46 -16.63 10.85
N ASP D 245 -4.44 -16.87 11.70
CA ASP D 245 -5.15 -15.84 12.52
C ASP D 245 -5.43 -14.60 11.66
N GLY D 246 -5.98 -14.80 10.45
CA GLY D 246 -6.42 -13.69 9.59
C GLY D 246 -5.54 -13.49 8.37
N LEU D 247 -4.28 -13.92 8.42
CA LEU D 247 -3.42 -14.00 7.20
C LEU D 247 -4.05 -15.05 6.27
N LEU D 248 -3.74 -14.99 4.98
CA LEU D 248 -4.27 -16.01 4.03
C LEU D 248 -3.60 -17.36 4.33
N ARG D 249 -2.46 -17.37 5.01
CA ARG D 249 -1.79 -18.64 5.40
C ARG D 249 -0.71 -18.35 6.44
N VAL D 250 -0.23 -19.41 7.08
CA VAL D 250 0.86 -19.37 8.10
C VAL D 250 2.17 -18.98 7.39
N LEU D 251 3.05 -18.30 8.12
CA LEU D 251 4.44 -18.01 7.69
C LEU D 251 5.25 -19.30 7.77
N THR D 252 6.06 -19.62 6.76
CA THR D 252 6.88 -20.86 6.71
C THR D 252 8.36 -20.46 6.69
N VAL D 253 8.98 -20.44 5.53
CA VAL D 253 10.45 -20.30 5.41
C VAL D 253 10.77 -18.81 5.27
N PRO D 254 11.74 -18.30 6.05
CA PRO D 254 12.21 -16.94 5.87
C PRO D 254 12.83 -16.81 4.47
N CYS D 255 12.46 -15.75 3.77
CA CYS D 255 13.04 -15.37 2.48
C CYS D 255 14.50 -15.01 2.74
N GLN D 256 15.40 -15.74 2.06
CA GLN D 256 16.87 -15.50 2.01
C GLN D 256 17.15 -14.03 1.71
N LYS D 257 17.99 -13.39 2.54
CA LYS D 257 18.55 -12.03 2.27
C LYS D 257 19.51 -12.08 1.07
N ILE D 258 19.46 -11.03 0.26
CA ILE D 258 20.51 -10.62 -0.71
C ILE D 258 21.86 -10.63 0.03
N GLY D 259 22.72 -11.61 -0.30
CA GLY D 259 23.88 -12.02 0.52
C GLY D 259 25.07 -11.05 0.49
N SER E 5 32.81 -32.22 -20.51
CA SER E 5 32.58 -30.83 -21.00
C SER E 5 31.92 -29.98 -19.90
N ALA E 6 32.55 -28.86 -19.55
CA ALA E 6 32.06 -27.70 -18.77
C ALA E 6 32.32 -27.88 -17.28
N ASN E 7 32.74 -29.08 -16.84
CA ASN E 7 33.07 -29.37 -15.42
C ASN E 7 34.23 -28.52 -14.93
N HIS E 8 35.11 -28.12 -15.85
CA HIS E 8 36.34 -27.36 -15.55
C HIS E 8 36.00 -25.89 -15.29
N LEU E 9 34.77 -25.45 -15.55
CA LEU E 9 34.35 -24.05 -15.28
C LEU E 9 33.95 -23.92 -13.82
N PRO E 10 34.56 -22.99 -13.04
CA PRO E 10 34.22 -22.83 -11.63
C PRO E 10 32.77 -22.39 -11.36
N PHE E 11 32.10 -21.83 -12.37
CA PHE E 11 30.72 -21.25 -12.26
C PHE E 11 29.69 -22.15 -12.95
N PHE E 12 30.06 -23.39 -13.26
CA PHE E 12 29.16 -24.44 -13.78
C PHE E 12 28.62 -25.27 -12.62
N PHE E 13 27.30 -25.39 -12.50
CA PHE E 13 26.61 -25.99 -11.32
C PHE E 13 26.03 -27.36 -11.68
N GLY E 14 26.21 -27.79 -12.92
CA GLY E 14 25.68 -29.07 -13.40
C GLY E 14 24.16 -29.03 -13.43
N ASN E 15 23.54 -30.13 -13.00
CA ASN E 15 22.11 -30.42 -13.20
C ASN E 15 21.29 -29.87 -12.02
N ILE E 16 21.32 -28.57 -11.79
CA ILE E 16 20.48 -27.91 -10.74
C ILE E 16 19.19 -27.39 -11.41
N THR E 17 18.18 -27.07 -10.62
CA THR E 17 16.90 -26.52 -11.12
C THR E 17 17.05 -25.02 -11.27
N ARG E 18 16.13 -24.41 -12.03
CA ARG E 18 16.02 -22.94 -12.17
C ARG E 18 15.94 -22.32 -10.77
N GLU E 19 15.12 -22.89 -9.88
CA GLU E 19 14.87 -22.33 -8.54
C GLU E 19 16.20 -22.34 -7.78
N GLU E 20 16.94 -23.46 -7.85
CA GLU E 20 18.27 -23.57 -7.20
C GLU E 20 19.23 -22.54 -7.81
N ALA E 21 19.18 -22.35 -9.14
CA ALA E 21 20.04 -21.36 -9.83
C ALA E 21 19.74 -19.96 -9.28
N GLU E 22 18.46 -19.62 -9.19
CA GLU E 22 17.98 -18.32 -8.67
C GLU E 22 18.40 -18.17 -7.21
N ASP E 23 18.28 -19.22 -6.40
CA ASP E 23 18.72 -19.21 -4.97
C ASP E 23 20.22 -18.88 -4.92
N TYR E 24 21.00 -19.46 -5.83
CA TYR E 24 22.46 -19.23 -5.88
C TYR E 24 22.76 -17.78 -6.28
N LEU E 25 22.01 -17.22 -7.23
CA LEU E 25 22.19 -15.82 -7.69
C LEU E 25 21.91 -14.86 -6.52
N VAL E 26 20.88 -15.12 -5.70
CA VAL E 26 20.54 -14.27 -4.52
C VAL E 26 21.66 -14.40 -3.47
N GLN E 27 22.13 -15.62 -3.20
CA GLN E 27 23.28 -15.90 -2.29
C GLN E 27 24.49 -15.06 -2.76
N GLY E 28 24.64 -14.86 -4.06
CA GLY E 28 25.77 -14.11 -4.64
C GLY E 28 25.52 -12.61 -4.71
N GLY E 29 24.37 -12.12 -4.24
CA GLY E 29 24.09 -10.67 -4.14
C GLY E 29 23.12 -10.19 -5.19
N MET E 30 22.78 -11.04 -6.16
CA MET E 30 21.81 -10.68 -7.23
C MET E 30 22.20 -9.33 -7.87
N SER E 31 23.51 -9.07 -7.98
CA SER E 31 24.09 -7.87 -8.66
C SER E 31 23.90 -7.97 -10.17
N ASP E 32 23.61 -6.85 -10.82
CA ASP E 32 23.46 -6.76 -12.30
C ASP E 32 24.67 -7.43 -12.96
N GLY E 33 24.42 -8.35 -13.89
CA GLY E 33 25.45 -9.09 -14.64
C GLY E 33 26.12 -10.19 -13.84
N LEU E 34 25.58 -10.56 -12.67
CA LEU E 34 26.00 -11.81 -11.99
C LEU E 34 25.39 -12.97 -12.80
N TYR E 35 26.16 -14.04 -13.03
CA TYR E 35 25.73 -15.14 -13.91
C TYR E 35 26.34 -16.45 -13.42
N LEU E 36 25.62 -17.53 -13.70
CA LEU E 36 26.19 -18.90 -13.57
C LEU E 36 25.73 -19.72 -14.75
N LEU E 37 26.34 -20.87 -14.89
CA LEU E 37 26.04 -21.83 -15.97
C LEU E 37 25.52 -23.11 -15.34
N ARG E 38 24.57 -23.75 -16.00
CA ARG E 38 24.01 -25.05 -15.53
C ARG E 38 23.66 -25.88 -16.77
N GLN E 39 23.35 -27.15 -16.55
CA GLN E 39 23.06 -28.11 -17.64
C GLN E 39 21.63 -27.88 -18.15
N SER E 40 21.42 -27.86 -19.47
CA SER E 40 20.04 -27.81 -20.04
C SER E 40 19.29 -29.07 -19.58
N ARG E 41 18.03 -28.93 -19.20
CA ARG E 41 17.16 -30.06 -18.78
C ARG E 41 16.37 -30.59 -19.98
N ASN E 42 16.41 -29.93 -21.15
CA ASN E 42 15.64 -30.42 -22.31
C ASN E 42 16.41 -30.36 -23.63
N TYR E 43 17.66 -29.90 -23.63
CA TYR E 43 18.55 -29.94 -24.81
C TYR E 43 19.76 -30.76 -24.45
N LEU E 44 19.90 -31.90 -25.10
CA LEU E 44 21.04 -32.82 -24.91
C LEU E 44 22.33 -32.06 -25.24
N GLY E 45 23.34 -32.14 -24.38
CA GLY E 45 24.64 -31.46 -24.55
C GLY E 45 24.52 -29.95 -24.37
N GLY E 46 23.32 -29.45 -24.05
CA GLY E 46 23.02 -28.01 -23.93
C GLY E 46 23.29 -27.49 -22.53
N PHE E 47 23.29 -26.17 -22.39
CA PHE E 47 23.49 -25.47 -21.09
C PHE E 47 22.39 -24.43 -20.94
N ALA E 48 22.23 -23.95 -19.72
CA ALA E 48 21.40 -22.76 -19.41
C ALA E 48 22.29 -21.72 -18.75
N LEU E 49 22.20 -20.50 -19.24
CA LEU E 49 22.89 -19.32 -18.68
C LEU E 49 21.84 -18.56 -17.86
N SER E 50 22.15 -18.33 -16.59
CA SER E 50 21.24 -17.68 -15.61
C SER E 50 21.91 -16.39 -15.19
N VAL E 51 21.26 -15.26 -15.47
CA VAL E 51 21.84 -13.91 -15.30
C VAL E 51 20.88 -13.06 -14.45
N ALA E 52 21.43 -12.39 -13.42
CA ALA E 52 20.72 -11.37 -12.62
C ALA E 52 20.74 -10.02 -13.33
N HIS E 53 19.59 -9.37 -13.48
CA HIS E 53 19.48 -7.96 -13.91
C HIS E 53 18.15 -7.36 -13.43
N GLY E 54 18.21 -6.14 -12.87
CA GLY E 54 17.04 -5.46 -12.29
C GLY E 54 16.44 -6.30 -11.17
N ARG E 55 17.30 -6.97 -10.40
CA ARG E 55 16.95 -7.87 -9.26
C ARG E 55 16.05 -9.03 -9.73
N LYS E 56 15.98 -9.31 -11.04
CA LYS E 56 15.27 -10.48 -11.62
C LYS E 56 16.30 -11.45 -12.23
N ALA E 57 15.95 -12.72 -12.32
CA ALA E 57 16.73 -13.76 -13.00
C ALA E 57 16.24 -13.91 -14.44
N HIS E 58 17.19 -13.96 -15.38
CA HIS E 58 16.93 -14.17 -16.83
C HIS E 58 17.68 -15.43 -17.26
N HIS E 59 16.97 -16.36 -17.92
CA HIS E 59 17.44 -17.73 -18.24
C HIS E 59 17.51 -17.90 -19.76
N TYR E 60 18.66 -18.32 -20.26
CA TYR E 60 18.95 -18.52 -21.72
C TYR E 60 19.42 -19.96 -21.95
N THR E 61 18.86 -20.61 -22.97
CA THR E 61 19.35 -21.92 -23.44
C THR E 61 20.54 -21.70 -24.39
N ILE E 62 21.68 -22.32 -24.05
CA ILE E 62 22.83 -22.48 -24.97
C ILE E 62 22.75 -23.86 -25.59
N GLU E 63 22.39 -23.95 -26.86
CA GLU E 63 22.32 -25.25 -27.59
C GLU E 63 23.71 -25.60 -28.12
N ARG E 64 24.05 -26.90 -28.12
CA ARG E 64 25.17 -27.47 -28.91
C ARG E 64 24.68 -27.65 -30.35
N GLU E 65 25.32 -26.96 -31.28
CA GLU E 65 24.97 -26.96 -32.72
C GLU E 65 25.41 -28.30 -33.33
N LEU E 66 24.92 -28.62 -34.53
CA LEU E 66 25.25 -29.88 -35.26
C LEU E 66 26.77 -29.97 -35.40
N ASN E 67 27.44 -28.84 -35.66
CA ASN E 67 28.90 -28.75 -35.93
C ASN E 67 29.71 -28.69 -34.63
N GLY E 68 29.07 -28.77 -33.45
CA GLY E 68 29.76 -28.89 -32.15
C GLY E 68 30.13 -27.54 -31.54
N THR E 69 29.70 -26.43 -32.15
CA THR E 69 29.78 -25.10 -31.52
C THR E 69 28.56 -24.91 -30.61
N TYR E 70 28.51 -23.78 -29.92
CA TYR E 70 27.48 -23.43 -28.90
C TYR E 70 26.88 -22.07 -29.26
N ALA E 71 25.56 -21.97 -29.18
CA ALA E 71 24.84 -20.73 -29.53
C ALA E 71 23.50 -20.69 -28.78
N ILE E 72 23.16 -19.50 -28.32
CA ILE E 72 21.76 -19.14 -27.96
C ILE E 72 21.07 -18.91 -29.31
N ALA E 73 19.80 -19.31 -29.43
CA ALA E 73 19.03 -19.19 -30.69
C ALA E 73 19.13 -17.75 -31.21
N GLY E 74 19.55 -17.59 -32.47
CA GLY E 74 19.64 -16.30 -33.17
C GLY E 74 20.97 -15.58 -32.94
N GLY E 75 21.94 -16.25 -32.33
CA GLY E 75 23.20 -15.62 -31.89
C GLY E 75 24.40 -16.18 -32.62
N ARG E 76 25.53 -15.51 -32.47
CA ARG E 76 26.86 -15.97 -32.93
C ARG E 76 27.13 -17.35 -32.34
N THR E 77 27.92 -18.18 -33.01
CA THR E 77 28.38 -19.49 -32.49
C THR E 77 29.68 -19.25 -31.74
N HIS E 78 30.01 -20.14 -30.80
CA HIS E 78 31.23 -20.03 -29.96
C HIS E 78 31.78 -21.44 -29.82
N ALA E 79 33.08 -21.56 -29.58
CA ALA E 79 33.77 -22.86 -29.47
C ALA E 79 33.35 -23.58 -28.19
N SER E 80 32.97 -22.82 -27.16
CA SER E 80 32.67 -23.34 -25.81
C SER E 80 31.72 -22.40 -25.07
N PRO E 81 31.02 -22.90 -24.03
CA PRO E 81 30.23 -22.02 -23.16
C PRO E 81 31.11 -20.94 -22.51
N ALA E 82 32.33 -21.28 -22.11
CA ALA E 82 33.32 -20.32 -21.54
C ALA E 82 33.56 -19.17 -22.53
N ASP E 83 33.76 -19.48 -23.82
CA ASP E 83 33.98 -18.44 -24.86
C ASP E 83 32.73 -17.57 -24.98
N LEU E 84 31.54 -18.19 -24.91
CA LEU E 84 30.25 -17.46 -25.03
C LEU E 84 30.19 -16.46 -23.86
N CYS E 85 30.55 -16.88 -22.65
CA CYS E 85 30.47 -16.06 -21.42
C CYS E 85 31.50 -14.93 -21.51
N HIS E 86 32.75 -15.23 -21.90
CA HIS E 86 33.78 -14.20 -22.15
C HIS E 86 33.25 -13.18 -23.18
N TYR E 87 32.75 -13.64 -24.31
CA TYR E 87 32.23 -12.74 -25.37
C TYR E 87 31.16 -11.82 -24.77
N HIS E 88 30.23 -12.34 -23.97
CA HIS E 88 29.07 -11.55 -23.48
C HIS E 88 29.48 -10.69 -22.29
N SER E 89 30.73 -10.82 -21.80
CA SER E 89 31.35 -9.88 -20.85
C SER E 89 31.88 -8.63 -21.58
N GLN E 90 32.01 -8.67 -22.91
CA GLN E 90 32.50 -7.54 -23.76
C GLN E 90 31.33 -6.88 -24.50
N GLU E 91 30.45 -7.68 -25.12
CA GLU E 91 29.29 -7.22 -25.93
C GLU E 91 28.00 -7.84 -25.40
N SER E 92 26.95 -7.03 -25.20
CA SER E 92 25.60 -7.50 -24.80
C SER E 92 25.02 -8.36 -25.93
N ASP E 93 25.01 -7.83 -27.16
CA ASP E 93 24.62 -8.55 -28.40
C ASP E 93 23.30 -9.30 -28.19
N GLY E 94 22.29 -8.61 -27.64
CA GLY E 94 20.90 -9.08 -27.52
C GLY E 94 20.58 -9.64 -26.15
N LEU E 95 21.59 -9.90 -25.32
CA LEU E 95 21.40 -10.38 -23.93
C LEU E 95 20.78 -9.25 -23.12
N VAL E 96 20.07 -9.55 -22.03
CA VAL E 96 19.40 -8.54 -21.17
C VAL E 96 20.43 -7.50 -20.71
N CYS E 97 21.69 -7.90 -20.50
CA CYS E 97 22.76 -7.00 -20.02
C CYS E 97 24.14 -7.63 -20.25
N LEU E 98 25.19 -6.89 -19.95
CA LEU E 98 26.59 -7.40 -20.04
C LEU E 98 26.80 -8.35 -18.87
N LEU E 99 27.52 -9.44 -19.09
CA LEU E 99 27.97 -10.34 -18.02
C LEU E 99 29.13 -9.66 -17.28
N LYS E 100 29.01 -9.38 -16.00
CA LYS E 100 30.06 -8.74 -15.16
C LYS E 100 30.85 -9.77 -14.36
N LYS E 101 30.18 -10.69 -13.66
CA LYS E 101 30.82 -11.45 -12.56
C LYS E 101 30.24 -12.86 -12.50
N PRO E 102 31.08 -13.92 -12.67
CA PRO E 102 30.61 -15.27 -12.47
C PRO E 102 30.29 -15.49 -10.99
N PHE E 103 29.21 -16.22 -10.68
CA PHE E 103 28.98 -16.79 -9.34
C PHE E 103 29.56 -18.19 -9.31
N ASN E 104 30.67 -18.39 -8.59
CA ASN E 104 31.40 -19.68 -8.57
C ASN E 104 30.71 -20.63 -7.59
N ARG E 105 30.81 -21.94 -7.85
CA ARG E 105 30.40 -22.97 -6.87
C ARG E 105 31.07 -22.67 -5.54
N PRO E 106 30.31 -22.52 -4.43
CA PRO E 106 30.91 -22.43 -3.11
C PRO E 106 31.86 -23.61 -2.85
N GLN E 107 32.77 -23.44 -1.91
CA GLN E 107 33.77 -24.47 -1.51
C GLN E 107 33.04 -25.80 -1.23
N GLY E 108 33.55 -26.90 -1.77
CA GLY E 108 33.02 -28.26 -1.53
C GLY E 108 31.78 -28.60 -2.37
N VAL E 109 31.16 -27.64 -3.04
CA VAL E 109 29.97 -27.85 -3.92
C VAL E 109 30.46 -28.33 -5.29
N GLN E 110 30.06 -29.52 -5.69
CA GLN E 110 30.41 -30.10 -7.03
C GLN E 110 29.24 -29.84 -7.97
N PRO E 111 29.47 -29.92 -9.30
CA PRO E 111 28.34 -29.87 -10.24
C PRO E 111 27.40 -31.03 -9.91
N LYS E 112 26.09 -30.81 -9.92
CA LYS E 112 25.09 -31.88 -9.69
C LYS E 112 25.02 -32.74 -10.96
N THR E 113 24.92 -34.05 -10.76
CA THR E 113 24.86 -35.09 -11.81
C THR E 113 23.55 -35.84 -11.59
N GLY E 114 22.74 -36.05 -12.64
CA GLY E 114 21.46 -36.75 -12.44
C GLY E 114 21.63 -38.27 -12.41
N PRO E 115 20.55 -39.03 -12.10
CA PRO E 115 20.59 -40.49 -12.21
C PRO E 115 20.99 -40.98 -13.62
N PHE E 116 20.42 -40.36 -14.65
CA PHE E 116 20.67 -40.61 -16.08
C PHE E 116 22.17 -40.48 -16.34
N GLU E 117 22.80 -39.37 -15.95
CA GLU E 117 24.15 -38.97 -16.39
C GLU E 117 25.12 -40.13 -16.16
N ASP E 118 25.01 -40.81 -15.01
CA ASP E 118 26.05 -41.77 -14.55
C ASP E 118 25.84 -43.08 -15.32
N LEU E 119 24.60 -43.34 -15.75
CA LEU E 119 24.21 -44.59 -16.48
C LEU E 119 24.49 -44.40 -17.97
N LYS E 120 24.24 -43.19 -18.49
CA LYS E 120 24.51 -42.73 -19.88
C LYS E 120 26.00 -42.95 -20.20
N GLU E 121 26.90 -42.44 -19.36
CA GLU E 121 28.37 -42.51 -19.59
C GLU E 121 28.81 -44.00 -19.67
N ASN E 122 28.31 -44.83 -18.75
CA ASN E 122 28.63 -46.28 -18.69
C ASN E 122 28.13 -46.96 -19.97
N LEU E 123 26.92 -46.63 -20.46
CA LEU E 123 26.35 -47.27 -21.68
C LEU E 123 27.20 -46.92 -22.89
N ILE E 124 27.67 -45.67 -23.01
CA ILE E 124 28.52 -45.22 -24.15
C ILE E 124 29.80 -46.05 -24.11
N ARG E 125 30.42 -46.13 -22.93
CA ARG E 125 31.69 -46.87 -22.72
C ARG E 125 31.50 -48.36 -23.10
N GLU E 126 30.46 -49.01 -22.58
CA GLU E 126 30.16 -50.44 -22.85
C GLU E 126 29.94 -50.64 -24.36
N TYR E 127 29.19 -49.74 -25.00
CA TYR E 127 28.88 -49.85 -26.46
C TYR E 127 30.19 -49.79 -27.25
N VAL E 128 31.07 -48.84 -26.95
CA VAL E 128 32.33 -48.67 -27.74
C VAL E 128 33.23 -49.89 -27.48
N LYS E 129 33.38 -50.32 -26.23
CA LYS E 129 34.18 -51.51 -25.82
C LYS E 129 33.72 -52.73 -26.62
N GLN E 130 32.41 -52.99 -26.66
CA GLN E 130 31.82 -54.21 -27.26
C GLN E 130 31.88 -54.14 -28.79
N THR E 131 31.54 -53.00 -29.37
CA THR E 131 31.39 -52.84 -30.85
C THR E 131 32.78 -52.75 -31.51
N TRP E 132 33.73 -52.00 -30.92
CA TRP E 132 35.15 -51.98 -31.31
C TRP E 132 35.87 -52.51 -30.07
N ASN E 133 35.97 -53.83 -29.94
CA ASN E 133 36.79 -54.53 -28.89
C ASN E 133 38.10 -53.77 -28.63
N LEU E 134 37.97 -52.58 -28.05
CA LEU E 134 39.08 -51.73 -27.58
C LEU E 134 39.10 -51.74 -26.06
N GLN E 135 40.29 -51.49 -25.52
CA GLN E 135 40.59 -51.45 -24.08
C GLN E 135 41.60 -50.32 -23.85
N GLY E 136 41.77 -49.91 -22.59
CA GLY E 136 42.76 -48.91 -22.17
C GLY E 136 42.66 -47.63 -22.97
N GLN E 137 43.81 -47.05 -23.32
CA GLN E 137 43.93 -45.70 -23.95
C GLN E 137 43.20 -45.69 -25.30
N ALA E 138 43.31 -46.77 -26.09
CA ALA E 138 42.66 -46.86 -27.41
C ALA E 138 41.15 -46.65 -27.24
N LEU E 139 40.55 -47.26 -26.21
CA LEU E 139 39.09 -47.16 -25.93
C LEU E 139 38.75 -45.72 -25.54
N GLU E 140 39.57 -45.14 -24.66
CA GLU E 140 39.36 -43.77 -24.12
C GLU E 140 39.38 -42.77 -25.28
N GLN E 141 40.29 -42.93 -26.24
CA GLN E 141 40.44 -42.02 -27.41
C GLN E 141 39.23 -42.16 -28.34
N ALA E 142 38.80 -43.39 -28.61
CA ALA E 142 37.64 -43.67 -29.49
C ALA E 142 36.38 -43.04 -28.88
N ILE E 143 36.23 -43.12 -27.56
CA ILE E 143 35.07 -42.50 -26.85
C ILE E 143 35.11 -40.99 -27.10
N ILE E 144 36.27 -40.37 -26.84
CA ILE E 144 36.46 -38.89 -26.98
C ILE E 144 36.15 -38.49 -28.42
N SER E 145 36.67 -39.24 -29.41
CA SER E 145 36.56 -38.91 -30.85
C SER E 145 35.08 -38.91 -31.29
N GLN E 146 34.26 -39.87 -30.86
CA GLN E 146 32.86 -40.01 -31.37
C GLN E 146 31.84 -39.54 -30.31
N LYS E 147 32.32 -38.89 -29.25
CA LYS E 147 31.54 -38.58 -28.03
C LYS E 147 30.17 -38.05 -28.43
N PRO E 148 30.08 -36.93 -29.19
CA PRO E 148 28.77 -36.32 -29.48
C PRO E 148 27.85 -37.23 -30.31
N GLN E 149 28.40 -38.07 -31.19
CA GLN E 149 27.63 -39.04 -32.01
C GLN E 149 27.11 -40.18 -31.11
N LEU E 150 27.92 -40.59 -30.13
CA LEU E 150 27.59 -41.74 -29.23
C LEU E 150 26.58 -41.29 -28.18
N GLU E 151 26.75 -40.07 -27.64
CA GLU E 151 25.79 -39.43 -26.70
C GLU E 151 24.37 -39.53 -27.27
N LYS E 152 24.14 -39.17 -28.53
CA LYS E 152 22.76 -39.17 -29.11
C LYS E 152 22.18 -40.60 -29.18
N LEU E 153 22.98 -41.58 -29.56
CA LEU E 153 22.51 -42.99 -29.67
C LEU E 153 22.12 -43.48 -28.26
N ILE E 154 23.02 -43.29 -27.29
CA ILE E 154 22.78 -43.77 -25.90
C ILE E 154 21.59 -42.99 -25.29
N ALA E 155 21.47 -41.70 -25.53
CA ALA E 155 20.35 -40.87 -25.02
C ALA E 155 19.02 -41.42 -25.54
N THR E 156 18.94 -41.84 -26.81
CA THR E 156 17.66 -42.26 -27.43
C THR E 156 17.33 -43.72 -27.06
N THR E 157 18.25 -44.49 -26.48
CA THR E 157 18.00 -45.91 -26.09
C THR E 157 18.14 -46.16 -24.58
N ALA E 158 18.72 -45.26 -23.80
CA ALA E 158 19.02 -45.46 -22.35
C ALA E 158 17.73 -45.70 -21.55
N HIS E 159 16.63 -45.12 -22.00
CA HIS E 159 15.31 -45.26 -21.33
C HIS E 159 14.91 -46.73 -21.24
N GLU E 160 15.35 -47.57 -22.19
CA GLU E 160 15.05 -49.03 -22.19
C GLU E 160 15.40 -49.67 -20.85
N LYS E 161 16.44 -49.18 -20.19
CA LYS E 161 17.02 -49.79 -18.96
C LYS E 161 16.51 -49.10 -17.69
N MET E 162 15.55 -48.17 -17.78
CA MET E 162 15.09 -47.40 -16.60
C MET E 162 13.79 -47.99 -16.05
N PRO E 163 13.58 -47.91 -14.72
CA PRO E 163 12.50 -48.66 -14.08
C PRO E 163 11.10 -48.27 -14.56
N TRP E 164 10.89 -47.03 -15.03
CA TRP E 164 9.56 -46.52 -15.45
C TRP E 164 9.24 -46.91 -16.90
N PHE E 165 10.17 -47.49 -17.65
CA PHE E 165 9.96 -47.82 -19.09
C PHE E 165 9.56 -49.30 -19.21
N HIS E 166 8.35 -49.58 -19.70
CA HIS E 166 7.77 -50.95 -19.72
C HIS E 166 7.73 -51.52 -21.14
N GLY E 167 8.32 -50.83 -22.11
CA GLY E 167 8.42 -51.33 -23.49
C GLY E 167 7.08 -51.30 -24.20
N LYS E 168 6.92 -52.21 -25.14
CA LYS E 168 5.73 -52.29 -26.02
C LYS E 168 4.67 -53.12 -25.31
N ILE E 169 3.88 -52.47 -24.46
CA ILE E 169 2.69 -53.08 -23.80
C ILE E 169 1.49 -52.26 -24.25
N SER E 170 0.32 -52.88 -24.23
CA SER E 170 -0.95 -52.26 -24.67
C SER E 170 -1.41 -51.24 -23.62
N ARG E 171 -2.34 -50.39 -24.01
CA ARG E 171 -3.09 -49.52 -23.08
C ARG E 171 -3.63 -50.37 -21.92
N GLU E 172 -4.30 -51.47 -22.26
CA GLU E 172 -5.00 -52.35 -21.30
C GLU E 172 -3.99 -52.94 -20.31
N GLU E 173 -2.88 -53.49 -20.81
CA GLU E 173 -1.81 -54.05 -19.96
C GLU E 173 -1.30 -52.96 -19.01
N SER E 174 -1.18 -51.72 -19.52
CA SER E 174 -0.58 -50.61 -18.72
C SER E 174 -1.55 -50.24 -17.60
N GLU E 175 -2.85 -50.19 -17.86
CA GLU E 175 -3.87 -49.94 -16.81
C GLU E 175 -3.80 -51.03 -15.74
N GLN E 176 -3.75 -52.30 -16.16
CA GLN E 176 -3.75 -53.46 -15.23
C GLN E 176 -2.55 -53.32 -14.29
N ILE E 177 -1.36 -53.08 -14.83
CA ILE E 177 -0.10 -53.08 -14.02
C ILE E 177 -0.08 -51.83 -13.13
N VAL E 178 -0.63 -50.69 -13.56
CA VAL E 178 -0.64 -49.44 -12.72
C VAL E 178 -1.61 -49.62 -11.54
N LEU E 179 -2.72 -50.34 -11.73
CA LEU E 179 -3.78 -50.47 -10.69
C LEU E 179 -3.45 -51.60 -9.68
N ILE E 180 -2.40 -52.39 -9.92
CA ILE E 180 -1.91 -53.40 -8.95
C ILE E 180 -1.17 -52.69 -7.82
N GLY E 181 -1.40 -53.06 -6.57
CA GLY E 181 -0.58 -52.62 -5.42
C GLY E 181 -1.03 -51.27 -4.91
N SER E 182 -0.15 -50.56 -4.21
CA SER E 182 -0.42 -49.20 -3.64
C SER E 182 -0.87 -48.24 -4.73
N LYS E 183 -2.01 -47.56 -4.56
CA LYS E 183 -2.58 -46.63 -5.55
C LYS E 183 -2.05 -45.21 -5.27
N THR E 184 -0.75 -45.09 -5.06
CA THR E 184 -0.03 -43.80 -4.84
C THR E 184 -0.30 -42.87 -6.03
N ASN E 185 -0.90 -41.70 -5.78
CA ASN E 185 -1.01 -40.63 -6.79
C ASN E 185 0.36 -40.35 -7.43
N GLY E 186 0.38 -40.25 -8.76
CA GLY E 186 1.61 -39.92 -9.51
C GLY E 186 2.37 -41.16 -9.92
N LYS E 187 1.97 -42.34 -9.44
CA LYS E 187 2.56 -43.62 -9.91
C LYS E 187 2.45 -43.61 -11.43
N PHE E 188 3.50 -44.00 -12.14
CA PHE E 188 3.54 -43.77 -13.61
C PHE E 188 4.43 -44.80 -14.29
N LEU E 189 4.18 -44.97 -15.58
CA LEU E 189 5.13 -45.65 -16.49
C LEU E 189 5.02 -45.00 -17.86
N ILE E 190 5.99 -45.33 -18.71
CA ILE E 190 5.98 -44.98 -20.15
C ILE E 190 6.03 -46.29 -20.93
N ARG E 191 5.19 -46.38 -21.95
CA ARG E 191 5.12 -47.53 -22.88
C ARG E 191 5.38 -47.00 -24.30
N ALA E 192 6.02 -47.82 -25.12
CA ALA E 192 6.17 -47.61 -26.57
C ALA E 192 4.83 -47.90 -27.24
N ARG E 193 4.44 -47.09 -28.22
CA ARG E 193 3.17 -47.24 -28.95
C ARG E 193 3.53 -47.66 -30.37
N ASP E 194 4.77 -47.49 -30.79
CA ASP E 194 5.26 -47.57 -32.19
C ASP E 194 6.66 -48.18 -32.20
N ASN E 195 7.18 -48.42 -33.40
CA ASN E 195 8.58 -48.84 -33.64
C ASN E 195 9.51 -47.75 -33.11
N ASN E 196 9.31 -46.49 -33.52
CA ASN E 196 10.25 -45.36 -33.21
C ASN E 196 9.51 -44.07 -32.83
N GLY E 197 9.67 -43.65 -31.58
CA GLY E 197 9.46 -42.27 -31.13
C GLY E 197 8.03 -41.98 -30.77
N SER E 198 7.12 -42.96 -30.80
CA SER E 198 5.74 -42.77 -30.27
C SER E 198 5.63 -43.52 -28.94
N TYR E 199 5.14 -42.84 -27.90
CA TYR E 199 5.05 -43.41 -26.53
C TYR E 199 3.76 -42.89 -25.89
N ALA E 200 3.44 -43.45 -24.72
CA ALA E 200 2.35 -42.96 -23.85
C ALA E 200 2.89 -42.89 -22.44
N LEU E 201 2.55 -41.80 -21.75
CA LEU E 201 2.76 -41.66 -20.29
C LEU E 201 1.46 -42.10 -19.61
N CYS E 202 1.53 -43.10 -18.75
CA CYS E 202 0.38 -43.62 -17.97
C CYS E 202 0.59 -43.23 -16.52
N LEU E 203 -0.37 -42.50 -15.98
CA LEU E 203 -0.25 -41.74 -14.73
C LEU E 203 -1.47 -42.06 -13.86
N LEU E 204 -1.27 -42.39 -12.59
CA LEU E 204 -2.38 -42.71 -11.67
C LEU E 204 -2.82 -41.43 -10.96
N HIS E 205 -4.09 -41.08 -11.09
CA HIS E 205 -4.72 -39.91 -10.44
C HIS E 205 -6.01 -40.35 -9.75
N GLU E 206 -6.04 -40.41 -8.41
CA GLU E 206 -7.27 -40.75 -7.63
C GLU E 206 -7.89 -42.04 -8.19
N GLY E 207 -7.09 -43.12 -8.26
CA GLY E 207 -7.56 -44.45 -8.68
C GLY E 207 -7.84 -44.58 -10.17
N LYS E 208 -7.68 -43.53 -10.98
CA LYS E 208 -7.90 -43.59 -12.46
C LYS E 208 -6.56 -43.44 -13.19
N VAL E 209 -6.39 -44.21 -14.27
CA VAL E 209 -5.18 -44.16 -15.12
C VAL E 209 -5.42 -43.17 -16.25
N LEU E 210 -4.61 -42.10 -16.31
CA LEU E 210 -4.56 -41.11 -17.42
C LEU E 210 -3.48 -41.53 -18.41
N HIS E 211 -3.77 -41.39 -19.70
CA HIS E 211 -2.86 -41.69 -20.82
C HIS E 211 -2.55 -40.39 -21.57
N TYR E 212 -1.29 -39.96 -21.59
CA TYR E 212 -0.83 -38.80 -22.39
C TYR E 212 0.06 -39.32 -23.52
N ARG E 213 -0.26 -38.94 -24.75
CA ARG E 213 0.54 -39.36 -25.93
C ARG E 213 1.84 -38.55 -25.96
N ILE E 214 2.93 -39.21 -26.34
CA ILE E 214 4.26 -38.57 -26.56
C ILE E 214 4.67 -38.85 -28.00
N ASP E 215 4.94 -37.81 -28.78
CA ASP E 215 5.28 -37.95 -30.22
C ASP E 215 6.62 -37.25 -30.51
N LYS E 216 7.35 -37.82 -31.46
CA LYS E 216 8.56 -37.27 -32.09
C LYS E 216 8.06 -36.34 -33.21
N ASP E 217 8.43 -35.06 -33.16
CA ASP E 217 8.14 -34.10 -34.26
C ASP E 217 9.21 -34.27 -35.36
N LYS E 218 9.21 -33.40 -36.37
CA LYS E 218 10.08 -33.53 -37.57
C LYS E 218 11.53 -33.17 -37.20
N THR E 219 11.74 -32.36 -36.14
CA THR E 219 13.08 -32.00 -35.60
C THR E 219 13.68 -33.17 -34.81
N GLY E 220 12.90 -34.22 -34.52
CA GLY E 220 13.32 -35.36 -33.67
C GLY E 220 13.07 -35.11 -32.19
N LYS E 221 12.28 -34.10 -31.83
CA LYS E 221 12.00 -33.74 -30.40
C LYS E 221 10.75 -34.47 -29.90
N LEU E 222 10.75 -34.85 -28.62
CA LEU E 222 9.63 -35.58 -27.97
C LEU E 222 8.80 -34.59 -27.16
N SER E 223 7.49 -34.71 -27.23
CA SER E 223 6.56 -33.88 -26.42
C SER E 223 5.19 -34.56 -26.35
N ILE E 224 4.48 -34.28 -25.28
CA ILE E 224 2.99 -34.32 -25.24
C ILE E 224 2.51 -33.15 -26.08
N PRO E 225 1.44 -33.29 -26.89
CA PRO E 225 0.95 -32.16 -27.69
C PRO E 225 0.77 -30.91 -26.83
N GLU E 226 1.32 -29.79 -27.31
CA GLU E 226 1.29 -28.44 -26.69
C GLU E 226 2.26 -28.37 -25.50
N GLY E 227 3.05 -29.41 -25.28
CA GLY E 227 3.92 -29.52 -24.09
C GLY E 227 5.35 -29.09 -24.38
N LYS E 228 6.15 -28.93 -23.34
CA LYS E 228 7.61 -28.72 -23.45
C LYS E 228 8.22 -29.82 -24.31
N LYS E 229 9.25 -29.47 -25.08
CA LYS E 229 9.95 -30.38 -26.01
C LYS E 229 11.27 -30.84 -25.39
N PHE E 230 11.61 -32.11 -25.57
CA PHE E 230 12.83 -32.75 -25.02
C PHE E 230 13.52 -33.54 -26.12
N ASP E 231 14.83 -33.69 -25.98
CA ASP E 231 15.62 -34.58 -26.87
C ASP E 231 15.43 -36.04 -26.43
N THR E 232 15.17 -36.32 -25.15
CA THR E 232 15.09 -37.71 -24.63
C THR E 232 13.91 -37.89 -23.67
N LEU E 233 13.46 -39.14 -23.56
CA LEU E 233 12.40 -39.56 -22.61
C LEU E 233 12.85 -39.33 -21.17
N TRP E 234 14.12 -39.59 -20.85
CA TRP E 234 14.57 -39.45 -19.44
C TRP E 234 14.52 -37.96 -19.07
N GLN E 235 14.79 -37.04 -19.99
CA GLN E 235 14.65 -35.60 -19.72
C GLN E 235 13.18 -35.31 -19.41
N LEU E 236 12.27 -35.85 -20.21
CA LEU E 236 10.80 -35.65 -20.08
C LEU E 236 10.35 -36.13 -18.70
N VAL E 237 10.80 -37.31 -18.28
CA VAL E 237 10.42 -37.87 -16.95
C VAL E 237 10.99 -36.99 -15.83
N GLU E 238 12.24 -36.57 -15.95
CA GLU E 238 12.86 -35.73 -14.89
C GLU E 238 12.06 -34.42 -14.77
N HIS E 239 11.66 -33.83 -15.90
CA HIS E 239 10.90 -32.56 -15.94
C HIS E 239 9.55 -32.73 -15.21
N TYR E 240 8.75 -33.73 -15.61
CA TYR E 240 7.36 -33.89 -15.10
C TYR E 240 7.37 -34.53 -13.70
N SER E 241 8.54 -34.96 -13.20
CA SER E 241 8.73 -35.39 -11.78
C SER E 241 8.87 -34.18 -10.87
N TYR E 242 9.26 -33.03 -11.41
CA TYR E 242 9.45 -31.77 -10.64
C TYR E 242 8.18 -30.90 -10.71
N LYS E 243 7.56 -30.82 -11.87
CA LYS E 243 6.51 -29.81 -12.19
C LYS E 243 5.41 -30.43 -13.05
N ALA E 244 4.14 -30.25 -12.69
CA ALA E 244 3.03 -30.84 -13.45
C ALA E 244 3.04 -30.26 -14.86
N ASP E 245 3.25 -28.95 -14.98
CA ASP E 245 3.39 -28.23 -16.29
C ASP E 245 2.36 -28.76 -17.31
N GLY E 246 1.10 -28.87 -16.91
CA GLY E 246 0.02 -29.25 -17.85
C GLY E 246 -0.54 -30.64 -17.59
N LEU E 247 0.23 -31.53 -16.95
CA LEU E 247 -0.31 -32.81 -16.44
C LEU E 247 -1.28 -32.46 -15.30
N LEU E 248 -2.20 -33.37 -14.98
CA LEU E 248 -3.10 -33.18 -13.80
C LEU E 248 -2.27 -33.22 -12.52
N ARG E 249 -1.10 -33.82 -12.53
CA ARG E 249 -0.25 -33.89 -11.31
C ARG E 249 1.17 -34.34 -11.69
N VAL E 250 2.10 -34.14 -10.76
CA VAL E 250 3.53 -34.51 -10.89
C VAL E 250 3.65 -36.04 -10.93
N LEU E 251 4.66 -36.54 -11.64
CA LEU E 251 5.07 -37.98 -11.59
C LEU E 251 5.77 -38.23 -10.25
N THR E 252 5.46 -39.34 -9.58
CA THR E 252 6.07 -39.75 -8.29
C THR E 252 6.82 -41.07 -8.49
N VAL E 253 6.21 -42.19 -8.10
CA VAL E 253 6.91 -43.51 -8.00
C VAL E 253 6.80 -44.22 -9.35
N PRO E 254 7.90 -44.73 -9.90
CA PRO E 254 7.82 -45.57 -11.09
C PRO E 254 7.02 -46.84 -10.78
N CYS E 255 6.09 -47.18 -11.66
CA CYS E 255 5.34 -48.44 -11.61
C CYS E 255 6.33 -49.60 -11.83
N GLN E 256 6.43 -50.49 -10.83
CA GLN E 256 7.16 -51.79 -10.88
C GLN E 256 6.85 -52.55 -12.18
N LYS E 257 7.88 -52.97 -12.92
CA LYS E 257 7.75 -53.97 -14.03
C LYS E 257 7.42 -55.35 -13.41
N ILE E 258 6.61 -56.12 -14.12
CA ILE E 258 6.42 -57.60 -13.86
C ILE E 258 7.79 -58.28 -13.94
N SER F 5 33.19 5.87 13.77
CA SER F 5 34.24 6.87 13.43
C SER F 5 34.89 6.53 12.07
N ALA F 6 34.78 7.47 11.13
CA ALA F 6 35.21 7.38 9.71
C ALA F 6 36.58 8.05 9.52
N ASN F 7 37.24 8.43 10.61
CA ASN F 7 38.59 9.09 10.59
C ASN F 7 39.64 8.17 9.97
N HIS F 8 39.44 6.85 10.06
CA HIS F 8 40.41 5.85 9.57
C HIS F 8 40.30 5.69 8.06
N LEU F 9 39.29 6.30 7.42
CA LEU F 9 39.17 6.26 5.92
C LEU F 9 40.06 7.36 5.33
N PRO F 10 40.99 7.01 4.42
CA PRO F 10 41.87 8.01 3.83
C PRO F 10 41.16 9.08 2.98
N PHE F 11 39.93 8.80 2.54
CA PHE F 11 39.12 9.66 1.62
C PHE F 11 37.99 10.35 2.40
N PHE F 12 38.05 10.36 3.73
CA PHE F 12 37.15 11.12 4.62
C PHE F 12 37.78 12.46 4.93
N PHE F 13 37.08 13.58 4.68
CA PHE F 13 37.65 14.95 4.73
C PHE F 13 37.13 15.70 5.96
N GLY F 14 36.27 15.04 6.74
CA GLY F 14 35.62 15.67 7.89
C GLY F 14 34.70 16.78 7.43
N ASN F 15 34.70 17.89 8.16
CA ASN F 15 33.69 18.98 8.06
C ASN F 15 34.15 20.01 7.03
N ILE F 16 34.29 19.60 5.78
CA ILE F 16 34.57 20.54 4.66
C ILE F 16 33.23 20.92 4.03
N THR F 17 33.23 22.01 3.26
CA THR F 17 32.02 22.51 2.58
C THR F 17 31.88 21.78 1.25
N ARG F 18 30.69 21.85 0.65
CA ARG F 18 30.43 21.33 -0.69
C ARG F 18 31.45 21.93 -1.67
N GLU F 19 31.69 23.24 -1.57
CA GLU F 19 32.56 23.97 -2.52
C GLU F 19 33.97 23.38 -2.38
N GLU F 20 34.44 23.17 -1.14
CA GLU F 20 35.76 22.57 -0.87
C GLU F 20 35.80 21.14 -1.44
N ALA F 21 34.70 20.38 -1.28
CA ALA F 21 34.61 19.00 -1.78
C ALA F 21 34.78 19.03 -3.31
N GLU F 22 34.05 19.92 -3.98
CA GLU F 22 34.08 20.08 -5.45
C GLU F 22 35.49 20.51 -5.87
N ASP F 23 36.13 21.45 -5.15
CA ASP F 23 37.52 21.88 -5.43
C ASP F 23 38.44 20.66 -5.37
N TYR F 24 38.25 19.78 -4.38
CA TYR F 24 39.08 18.56 -4.21
C TYR F 24 38.85 17.60 -5.38
N LEU F 25 37.60 17.45 -5.83
CA LEU F 25 37.27 16.51 -6.94
C LEU F 25 37.95 17.00 -8.23
N VAL F 26 37.98 18.31 -8.48
CA VAL F 26 38.63 18.89 -9.69
C VAL F 26 40.15 18.70 -9.57
N GLN F 27 40.74 18.97 -8.39
CA GLN F 27 42.17 18.73 -8.10
C GLN F 27 42.51 17.26 -8.41
N GLY F 28 41.56 16.34 -8.18
CA GLY F 28 41.76 14.90 -8.41
C GLY F 28 41.49 14.48 -9.84
N GLY F 29 41.11 15.39 -10.73
CA GLY F 29 40.95 15.10 -12.18
C GLY F 29 39.48 15.04 -12.58
N MET F 30 38.56 15.06 -11.63
CA MET F 30 37.10 15.04 -11.93
C MET F 30 36.78 13.86 -12.88
N SER F 31 37.47 12.74 -12.72
CA SER F 31 37.22 11.47 -13.48
C SER F 31 35.92 10.83 -13.01
N ASP F 32 35.16 10.24 -13.95
CA ASP F 32 33.90 9.51 -13.64
C ASP F 32 34.17 8.51 -12.51
N GLY F 33 33.33 8.56 -11.46
CA GLY F 33 33.41 7.66 -10.29
C GLY F 33 34.50 8.06 -9.31
N LEU F 34 35.13 9.22 -9.46
CA LEU F 34 35.99 9.78 -8.39
C LEU F 34 35.06 10.25 -7.27
N TYR F 35 35.39 9.97 -6.01
CA TYR F 35 34.48 10.22 -4.88
C TYR F 35 35.29 10.52 -3.62
N LEU F 36 34.69 11.29 -2.73
CA LEU F 36 35.20 11.43 -1.35
C LEU F 36 34.02 11.42 -0.40
N LEU F 37 34.34 11.31 0.87
CA LEU F 37 33.35 11.29 1.97
C LEU F 37 33.62 12.50 2.85
N ARG F 38 32.55 13.12 3.36
CA ARG F 38 32.68 14.26 4.29
C ARG F 38 31.54 14.13 5.31
N GLN F 39 31.64 14.95 6.36
CA GLN F 39 30.64 14.96 7.45
C GLN F 39 29.41 15.75 6.98
N SER F 40 28.20 15.25 7.21
CA SER F 40 26.97 16.04 6.95
C SER F 40 27.01 17.30 7.82
N ARG F 41 26.64 18.44 7.26
CA ARG F 41 26.60 19.75 7.98
C ARG F 41 25.18 19.97 8.53
N ASN F 42 24.20 19.12 8.17
CA ASN F 42 22.81 19.36 8.62
C ASN F 42 22.09 18.08 9.06
N TYR F 43 22.74 16.92 9.00
CA TYR F 43 22.20 15.64 9.53
C TYR F 43 23.18 15.16 10.60
N LEU F 44 22.71 15.14 11.83
CA LEU F 44 23.52 14.74 13.00
C LEU F 44 24.02 13.32 12.81
N GLY F 45 25.31 13.09 13.02
CA GLY F 45 26.00 11.79 12.85
C GLY F 45 26.04 11.34 11.40
N GLY F 46 25.58 12.18 10.47
CA GLY F 46 25.44 11.86 9.03
C GLY F 46 26.69 12.14 8.25
N PHE F 47 26.74 11.68 7.00
CA PHE F 47 27.86 11.89 6.07
C PHE F 47 27.30 12.41 4.75
N ALA F 48 28.19 12.93 3.91
CA ALA F 48 27.87 13.33 2.54
C ALA F 48 28.87 12.63 1.62
N LEU F 49 28.35 11.99 0.58
CA LEU F 49 29.16 11.34 -0.48
C LEU F 49 29.16 12.29 -1.67
N SER F 50 30.35 12.64 -2.15
CA SER F 50 30.55 13.61 -3.26
C SER F 50 31.22 12.84 -4.39
N VAL F 51 30.54 12.76 -5.54
CA VAL F 51 30.96 11.89 -6.68
C VAL F 51 31.00 12.73 -7.96
N ALA F 52 32.11 12.60 -8.72
CA ALA F 52 32.26 13.17 -10.08
C ALA F 52 31.63 12.24 -11.12
N HIS F 53 30.78 12.78 -12.00
CA HIS F 53 30.27 12.06 -13.20
C HIS F 53 29.80 13.07 -14.25
N GLY F 54 30.19 12.85 -15.51
CA GLY F 54 29.92 13.79 -16.62
C GLY F 54 30.50 15.17 -16.33
N ARG F 55 31.67 15.20 -15.67
CA ARG F 55 32.40 16.43 -15.27
C ARG F 55 31.56 17.31 -14.31
N LYS F 56 30.50 16.76 -13.72
CA LYS F 56 29.68 17.44 -12.67
C LYS F 56 29.87 16.71 -11.34
N ALA F 57 29.67 17.43 -10.23
CA ALA F 57 29.67 16.91 -8.86
C ALA F 57 28.24 16.53 -8.47
N HIS F 58 28.09 15.34 -7.89
CA HIS F 58 26.80 14.81 -7.35
C HIS F 58 27.00 14.54 -5.86
N HIS F 59 26.10 15.11 -5.04
CA HIS F 59 26.19 15.08 -3.56
C HIS F 59 25.01 14.29 -3.00
N TYR F 60 25.33 13.30 -2.18
CA TYR F 60 24.34 12.42 -1.51
C TYR F 60 24.50 12.53 0.01
N THR F 61 23.41 12.75 0.71
CA THR F 61 23.38 12.68 2.19
C THR F 61 23.21 11.22 2.61
N ILE F 62 24.15 10.74 3.42
CA ILE F 62 24.05 9.44 4.14
C ILE F 62 23.56 9.74 5.56
N GLU F 63 22.29 9.42 5.85
CA GLU F 63 21.69 9.64 7.20
C GLU F 63 22.06 8.44 8.08
N ARG F 64 22.32 8.69 9.37
CA ARG F 64 22.35 7.66 10.44
C ARG F 64 20.88 7.38 10.83
N GLU F 65 20.44 6.14 10.63
CA GLU F 65 19.06 5.68 10.94
C GLU F 65 18.91 5.58 12.46
N LEU F 66 17.67 5.48 12.96
CA LEU F 66 17.40 5.38 14.42
C LEU F 66 18.13 4.16 14.99
N ASN F 67 18.21 3.07 14.22
CA ASN F 67 18.84 1.79 14.64
C ASN F 67 20.37 1.80 14.46
N GLY F 68 20.96 2.91 14.02
CA GLY F 68 22.42 3.10 13.94
C GLY F 68 23.04 2.58 12.65
N THR F 69 22.23 2.16 11.68
CA THR F 69 22.71 1.87 10.30
C THR F 69 22.73 3.19 9.51
N TYR F 70 23.23 3.12 8.28
CA TYR F 70 23.47 4.28 7.40
C TYR F 70 22.79 4.04 6.06
N ALA F 71 22.09 5.04 5.54
CA ALA F 71 21.36 4.94 4.27
C ALA F 71 21.22 6.33 3.66
N ILE F 72 21.36 6.39 2.35
CA ILE F 72 20.84 7.49 1.51
C ILE F 72 19.33 7.25 1.42
N ALA F 73 18.52 8.30 1.43
CA ALA F 73 17.04 8.21 1.39
C ALA F 73 16.64 7.31 0.21
N GLY F 74 15.84 6.27 0.48
CA GLY F 74 15.27 5.34 -0.52
C GLY F 74 16.22 4.19 -0.85
N GLY F 75 17.28 4.01 -0.06
CA GLY F 75 18.34 3.03 -0.33
C GLY F 75 18.41 1.96 0.73
N ARG F 76 19.13 0.88 0.44
CA ARG F 76 19.48 -0.18 1.40
C ARG F 76 20.20 0.46 2.59
N THR F 77 20.15 -0.15 3.77
CA THR F 77 20.93 0.26 4.95
C THR F 77 22.28 -0.46 4.91
N HIS F 78 23.28 0.11 5.59
CA HIS F 78 24.65 -0.44 5.67
C HIS F 78 25.14 -0.23 7.09
N ALA F 79 26.09 -1.05 7.52
CA ALA F 79 26.62 -1.03 8.90
C ALA F 79 27.43 0.24 9.13
N SER F 80 28.05 0.79 8.07
CA SER F 80 29.03 1.89 8.15
C SER F 80 29.07 2.65 6.83
N PRO F 81 29.55 3.91 6.84
CA PRO F 81 29.77 4.67 5.60
C PRO F 81 30.74 3.92 4.67
N ALA F 82 31.80 3.32 5.26
CA ALA F 82 32.80 2.53 4.53
C ALA F 82 32.10 1.40 3.77
N ASP F 83 31.19 0.67 4.42
CA ASP F 83 30.44 -0.45 3.78
C ASP F 83 29.57 0.11 2.65
N LEU F 84 28.96 1.28 2.86
CA LEU F 84 28.10 1.91 1.82
C LEU F 84 28.98 2.19 0.58
N CYS F 85 30.17 2.74 0.79
CA CYS F 85 31.10 3.13 -0.31
C CYS F 85 31.61 1.86 -1.01
N HIS F 86 32.03 0.85 -0.25
CA HIS F 86 32.44 -0.47 -0.80
C HIS F 86 31.29 -1.03 -1.65
N TYR F 87 30.08 -1.09 -1.11
CA TYR F 87 28.91 -1.63 -1.84
C TYR F 87 28.75 -0.88 -3.17
N HIS F 88 28.86 0.45 -3.17
CA HIS F 88 28.55 1.25 -4.39
C HIS F 88 29.75 1.24 -5.34
N SER F 89 30.88 0.65 -4.95
CA SER F 89 32.01 0.33 -5.86
C SER F 89 31.73 -0.96 -6.64
N GLN F 90 30.75 -1.78 -6.23
CA GLN F 90 30.36 -3.07 -6.88
C GLN F 90 29.06 -2.91 -7.66
N GLU F 91 28.04 -2.26 -7.08
CA GLU F 91 26.70 -2.03 -7.67
C GLU F 91 26.36 -0.54 -7.66
N SER F 92 25.89 0.00 -8.78
CA SER F 92 25.39 1.40 -8.88
C SER F 92 24.13 1.55 -8.00
N ASP F 93 23.15 0.68 -8.20
CA ASP F 93 21.91 0.55 -7.38
C ASP F 93 21.29 1.94 -7.15
N GLY F 94 21.15 2.73 -8.22
CA GLY F 94 20.39 4.00 -8.20
C GLY F 94 21.29 5.23 -8.07
N LEU F 95 22.56 5.02 -7.72
CA LEU F 95 23.57 6.11 -7.68
C LEU F 95 23.83 6.57 -9.11
N VAL F 96 24.28 7.81 -9.30
CA VAL F 96 24.51 8.40 -10.66
C VAL F 96 25.47 7.50 -11.43
N CYS F 97 26.42 6.84 -10.75
CA CYS F 97 27.40 5.92 -11.38
C CYS F 97 28.07 5.05 -10.32
N LEU F 98 28.91 4.12 -10.75
CA LEU F 98 29.72 3.25 -9.86
C LEU F 98 30.81 4.11 -9.23
N LEU F 99 31.11 3.88 -7.96
CA LEU F 99 32.27 4.52 -7.30
C LEU F 99 33.53 3.77 -7.75
N LYS F 100 34.43 4.45 -8.47
CA LYS F 100 35.61 3.81 -9.11
C LYS F 100 36.87 4.08 -8.30
N LYS F 101 37.11 5.33 -7.87
CA LYS F 101 38.42 5.75 -7.31
C LYS F 101 38.22 6.74 -6.17
N PRO F 102 38.65 6.42 -4.94
CA PRO F 102 38.59 7.39 -3.85
C PRO F 102 39.58 8.52 -4.12
N PHE F 103 39.20 9.76 -3.82
CA PHE F 103 40.14 10.89 -3.73
C PHE F 103 40.60 11.01 -2.28
N ASN F 104 41.86 10.68 -2.01
CA ASN F 104 42.39 10.63 -0.63
C ASN F 104 42.81 12.05 -0.19
N ARG F 105 42.73 12.31 1.12
CA ARG F 105 43.28 13.54 1.72
C ARG F 105 44.74 13.64 1.31
N PRO F 106 45.18 14.76 0.68
CA PRO F 106 46.62 14.98 0.47
C PRO F 106 47.42 14.81 1.78
N GLN F 107 48.72 14.50 1.63
CA GLN F 107 49.62 14.23 2.78
C GLN F 107 49.53 15.40 3.77
N GLY F 108 49.39 15.09 5.06
CA GLY F 108 49.39 16.10 6.15
C GLY F 108 48.06 16.80 6.35
N VAL F 109 47.10 16.65 5.41
CA VAL F 109 45.73 17.24 5.52
C VAL F 109 44.87 16.32 6.39
N GLN F 110 44.39 16.82 7.53
CA GLN F 110 43.55 16.04 8.46
C GLN F 110 42.08 16.31 8.18
N PRO F 111 41.16 15.44 8.65
CA PRO F 111 39.74 15.72 8.57
C PRO F 111 39.49 17.04 9.31
N LYS F 112 38.68 17.92 8.72
CA LYS F 112 38.34 19.22 9.36
C LYS F 112 37.31 18.96 10.45
N THR F 113 37.44 19.66 11.56
CA THR F 113 36.47 19.66 12.68
C THR F 113 36.00 21.10 12.85
N GLY F 114 34.70 21.36 12.98
CA GLY F 114 34.19 22.74 13.20
C GLY F 114 34.35 23.14 14.66
N PRO F 115 34.24 24.45 14.98
CA PRO F 115 34.21 24.90 16.39
C PRO F 115 33.11 24.22 17.22
N PHE F 116 31.90 24.12 16.66
CA PHE F 116 30.73 23.52 17.34
C PHE F 116 31.02 22.05 17.58
N GLU F 117 31.49 21.33 16.57
CA GLU F 117 31.84 19.88 16.71
C GLU F 117 32.82 19.70 17.88
N ASP F 118 33.76 20.63 18.07
CA ASP F 118 34.81 20.51 19.11
C ASP F 118 34.20 20.73 20.51
N LEU F 119 33.13 21.52 20.61
CA LEU F 119 32.44 21.86 21.88
C LEU F 119 31.41 20.78 22.24
N LYS F 120 30.75 20.23 21.21
CA LYS F 120 29.84 19.06 21.28
C LYS F 120 30.58 17.86 21.89
N GLU F 121 31.75 17.52 21.35
CA GLU F 121 32.58 16.37 21.79
C GLU F 121 32.96 16.55 23.27
N ASN F 122 33.37 17.74 23.67
CA ASN F 122 33.77 18.06 25.08
C ASN F 122 32.55 17.87 26.00
N LEU F 123 31.35 18.31 25.59
CA LEU F 123 30.12 18.17 26.43
C LEU F 123 29.79 16.69 26.62
N ILE F 124 29.91 15.87 25.57
CA ILE F 124 29.64 14.41 25.63
C ILE F 124 30.63 13.80 26.63
N ARG F 125 31.92 14.14 26.50
CA ARG F 125 33.02 13.63 27.37
C ARG F 125 32.71 14.00 28.84
N GLU F 126 32.41 15.27 29.11
CA GLU F 126 32.14 15.76 30.49
C GLU F 126 30.91 15.02 31.05
N TYR F 127 29.86 14.84 30.25
CA TYR F 127 28.61 14.15 30.69
C TYR F 127 28.98 12.70 31.07
N GLN F 135 37.18 7.07 34.66
CA GLN F 135 36.83 5.96 33.74
C GLN F 135 37.90 5.77 32.66
N GLY F 136 38.34 6.85 32.02
CA GLY F 136 39.56 6.84 31.18
C GLY F 136 39.29 6.27 29.80
N GLN F 137 40.02 5.25 29.36
CA GLN F 137 39.81 4.49 28.10
C GLN F 137 38.37 3.97 27.99
N ALA F 138 37.80 3.50 29.11
CA ALA F 138 36.41 3.01 29.21
C ALA F 138 35.44 4.05 28.61
N LEU F 139 35.65 5.34 28.91
CA LEU F 139 34.82 6.47 28.40
C LEU F 139 34.83 6.51 26.88
N GLU F 140 35.99 6.39 26.24
CA GLU F 140 36.15 6.47 24.75
C GLU F 140 35.27 5.39 24.07
N GLN F 141 35.28 4.17 24.62
CA GLN F 141 34.52 3.02 24.06
C GLN F 141 33.03 3.23 24.29
N ALA F 142 32.64 3.67 25.48
CA ALA F 142 31.23 3.94 25.85
C ALA F 142 30.66 5.02 24.92
N ILE F 143 31.46 6.06 24.60
CA ILE F 143 31.04 7.13 23.66
C ILE F 143 30.74 6.48 22.31
N ILE F 144 31.68 5.68 21.79
CA ILE F 144 31.54 5.03 20.45
C ILE F 144 30.29 4.15 20.47
N SER F 145 30.13 3.33 21.51
CA SER F 145 29.05 2.31 21.65
C SER F 145 27.68 3.00 21.71
N GLN F 146 27.55 4.12 22.42
CA GLN F 146 26.25 4.74 22.80
C GLN F 146 26.07 6.03 21.98
N LYS F 147 26.90 6.22 20.96
CA LYS F 147 27.02 7.47 20.19
C LYS F 147 25.62 7.99 19.87
N PRO F 148 24.76 7.23 19.15
CA PRO F 148 23.45 7.74 18.73
C PRO F 148 22.53 8.10 19.90
N GLN F 149 22.62 7.37 21.01
CA GLN F 149 21.80 7.62 22.24
C GLN F 149 22.30 8.90 22.92
N LEU F 150 23.61 9.16 22.92
CA LEU F 150 24.22 10.34 23.59
C LEU F 150 23.99 11.58 22.71
N GLU F 151 24.30 11.38 21.43
CA GLU F 151 24.49 12.47 20.45
C GLU F 151 23.21 13.28 20.38
N LYS F 152 22.03 12.66 20.24
CA LYS F 152 20.79 13.44 20.02
C LYS F 152 20.45 14.30 21.25
N LEU F 153 20.62 13.78 22.47
CA LEU F 153 20.30 14.55 23.70
C LEU F 153 21.23 15.76 23.77
N ILE F 154 22.54 15.53 23.63
CA ILE F 154 23.55 16.61 23.76
C ILE F 154 23.35 17.64 22.62
N ALA F 155 23.07 17.18 21.40
CA ALA F 155 22.84 18.06 20.24
C ALA F 155 21.67 19.00 20.50
N THR F 156 20.58 18.51 21.12
CA THR F 156 19.34 19.31 21.29
C THR F 156 19.47 20.25 22.52
N THR F 157 20.47 20.10 23.38
CA THR F 157 20.64 20.95 24.59
C THR F 157 21.95 21.75 24.58
N ALA F 158 22.94 21.41 23.76
CA ALA F 158 24.30 22.03 23.76
C ALA F 158 24.22 23.56 23.49
N HIS F 159 23.24 23.97 22.70
CA HIS F 159 23.05 25.39 22.30
C HIS F 159 22.85 26.24 23.57
N GLU F 160 22.26 25.69 24.64
CA GLU F 160 22.00 26.42 25.90
C GLU F 160 23.28 27.08 26.41
N LYS F 161 24.45 26.44 26.21
CA LYS F 161 25.74 26.94 26.79
C LYS F 161 26.57 27.70 25.75
N MET F 162 26.01 28.07 24.61
CA MET F 162 26.80 28.75 23.52
C MET F 162 26.53 30.25 23.58
N PRO F 163 27.54 31.09 23.26
CA PRO F 163 27.45 32.52 23.51
C PRO F 163 26.30 33.21 22.76
N TRP F 164 25.86 32.69 21.61
CA TRP F 164 24.82 33.32 20.75
C TRP F 164 23.41 32.96 21.22
N PHE F 165 23.25 32.03 22.16
CA PHE F 165 21.90 31.59 22.61
C PHE F 165 21.50 32.37 23.88
N HIS F 166 20.43 33.16 23.82
CA HIS F 166 20.02 34.09 24.91
C HIS F 166 18.77 33.57 25.62
N GLY F 167 18.27 32.39 25.28
CA GLY F 167 17.11 31.79 25.94
C GLY F 167 15.82 32.52 25.64
N LYS F 168 14.89 32.51 26.60
CA LYS F 168 13.52 33.06 26.40
C LYS F 168 13.58 34.55 26.75
N ILE F 169 13.92 35.37 25.76
CA ILE F 169 13.85 36.85 25.86
C ILE F 169 12.88 37.30 24.78
N SER F 170 12.26 38.46 24.98
CA SER F 170 11.25 39.02 24.05
C SER F 170 11.95 39.54 22.80
N ARG F 171 11.17 39.78 21.75
CA ARG F 171 11.61 40.53 20.55
C ARG F 171 12.26 41.83 20.99
N GLU F 172 11.58 42.59 21.86
CA GLU F 172 11.99 43.94 22.31
C GLU F 172 13.34 43.84 23.03
N GLU F 173 13.47 42.92 23.98
CA GLU F 173 14.73 42.70 24.73
C GLU F 173 15.85 42.39 23.72
N SER F 174 15.55 41.59 22.69
CA SER F 174 16.58 41.12 21.74
C SER F 174 17.05 42.32 20.90
N GLU F 175 16.14 43.19 20.46
CA GLU F 175 16.51 44.42 19.72
C GLU F 175 17.42 45.28 20.61
N GLN F 176 17.03 45.50 21.86
CA GLN F 176 17.76 46.38 22.79
C GLN F 176 19.20 45.88 22.93
N ILE F 177 19.36 44.58 23.19
CA ILE F 177 20.70 44.01 23.50
C ILE F 177 21.55 43.98 22.21
N VAL F 178 20.97 43.79 21.03
CA VAL F 178 21.75 43.77 19.76
C VAL F 178 22.22 45.20 19.42
N LEU F 179 21.43 46.23 19.73
CA LEU F 179 21.77 47.63 19.36
C LEU F 179 22.71 48.29 20.37
N ILE F 180 23.03 47.64 21.49
CA ILE F 180 24.03 48.13 22.47
C ILE F 180 25.43 47.88 21.90
N GLY F 181 26.31 48.88 21.97
CA GLY F 181 27.74 48.70 21.64
C GLY F 181 28.00 48.77 20.16
N SER F 182 29.09 48.15 19.72
CA SER F 182 29.54 48.07 18.31
C SER F 182 28.41 47.53 17.42
N LYS F 183 28.09 48.24 16.34
CA LYS F 183 27.00 47.87 15.41
C LYS F 183 27.59 47.01 14.28
N THR F 184 28.42 46.03 14.64
CA THR F 184 29.07 45.09 13.70
C THR F 184 28.01 44.38 12.85
N ASN F 185 28.05 44.54 11.54
CA ASN F 185 27.16 43.77 10.63
C ASN F 185 27.31 42.27 10.92
N GLY F 186 26.19 41.56 11.00
CA GLY F 186 26.18 40.11 11.22
C GLY F 186 26.14 39.74 12.68
N LYS F 187 26.27 40.72 13.59
CA LYS F 187 26.09 40.51 15.03
C LYS F 187 24.72 39.84 15.20
N PHE F 188 24.63 38.79 16.01
CA PHE F 188 23.41 37.95 16.01
C PHE F 188 23.24 37.27 17.35
N LEU F 189 21.99 36.92 17.62
CA LEU F 189 21.66 35.95 18.68
C LEU F 189 20.48 35.11 18.22
N ILE F 190 20.25 34.03 18.95
CA ILE F 190 19.05 33.18 18.83
C ILE F 190 18.34 33.19 20.18
N ARG F 191 17.03 33.40 20.13
CA ARG F 191 16.13 33.42 21.31
C ARG F 191 15.07 32.33 21.11
N ALA F 192 14.65 31.69 22.21
CA ALA F 192 13.50 30.78 22.25
C ALA F 192 12.22 31.61 22.20
N ARG F 193 11.22 31.15 21.47
CA ARG F 193 9.84 31.68 21.53
C ARG F 193 9.00 30.71 22.38
N ASP F 194 7.73 31.01 22.62
CA ASP F 194 6.85 30.22 23.52
C ASP F 194 6.92 28.72 23.19
N ASN F 195 6.59 28.36 21.94
CA ASN F 195 6.47 26.95 21.49
C ASN F 195 7.81 26.25 21.65
N ASN F 196 7.78 24.98 22.08
CA ASN F 196 8.97 24.07 22.16
C ASN F 196 9.51 23.83 20.75
N GLY F 197 10.79 24.15 20.52
CA GLY F 197 11.45 24.04 19.21
C GLY F 197 11.17 25.24 18.31
N SER F 198 10.58 26.31 18.85
CA SER F 198 10.38 27.58 18.13
C SER F 198 11.42 28.60 18.62
N TYR F 199 12.10 29.26 17.69
CA TYR F 199 13.18 30.23 17.99
C TYR F 199 13.08 31.39 16.99
N ALA F 200 13.85 32.43 17.25
CA ALA F 200 14.08 33.54 16.30
C ALA F 200 15.59 33.77 16.20
N LEU F 201 16.05 34.02 14.99
CA LEU F 201 17.40 34.55 14.71
C LEU F 201 17.27 36.06 14.63
N CYS F 202 18.00 36.79 15.48
CA CYS F 202 18.06 38.27 15.45
C CYS F 202 19.44 38.68 14.94
N LEU F 203 19.44 39.41 13.85
CA LEU F 203 20.63 39.67 13.01
C LEU F 203 20.73 41.17 12.79
N LEU F 204 21.90 41.77 13.00
CA LEU F 204 22.12 43.21 12.79
C LEU F 204 22.60 43.43 11.36
N HIS F 205 21.85 44.25 10.60
CA HIS F 205 22.16 44.60 9.20
C HIS F 205 22.04 46.12 9.06
N GLU F 206 23.15 46.82 8.86
CA GLU F 206 23.17 48.30 8.64
C GLU F 206 22.35 48.97 9.73
N GLY F 207 22.66 48.70 11.01
CA GLY F 207 22.03 49.36 12.16
C GLY F 207 20.59 48.92 12.43
N LYS F 208 20.00 48.02 11.65
CA LYS F 208 18.61 47.52 11.87
C LYS F 208 18.65 46.04 12.30
N VAL F 209 17.77 45.66 13.23
CA VAL F 209 17.67 44.26 13.73
C VAL F 209 16.60 43.54 12.90
N LEU F 210 17.03 42.49 12.19
CA LEU F 210 16.14 41.57 11.41
C LEU F 210 15.82 40.37 12.30
N HIS F 211 14.58 39.92 12.25
CA HIS F 211 14.08 38.72 12.97
C HIS F 211 13.66 37.67 11.94
N TYR F 212 14.32 36.51 11.96
CA TYR F 212 13.96 35.32 11.16
C TYR F 212 13.40 34.25 12.11
N ARG F 213 12.21 33.73 11.81
CA ARG F 213 11.59 32.66 12.63
C ARG F 213 12.30 31.35 12.33
N ILE F 214 12.51 30.52 13.36
CA ILE F 214 13.03 29.14 13.22
C ILE F 214 11.97 28.20 13.83
N ASP F 215 11.50 27.21 13.08
CA ASP F 215 10.47 26.25 13.54
C ASP F 215 10.97 24.81 13.40
N LYS F 216 10.51 23.97 14.31
CA LYS F 216 10.66 22.49 14.30
C LYS F 216 9.50 21.96 13.46
N ASP F 217 9.80 21.24 12.39
CA ASP F 217 8.76 20.54 11.57
C ASP F 217 8.40 19.22 12.25
N LYS F 218 7.59 18.38 11.60
CA LYS F 218 7.05 17.12 12.18
C LYS F 218 8.15 16.07 12.31
N THR F 219 9.21 16.14 11.48
CA THR F 219 10.40 15.26 11.53
C THR F 219 11.31 15.63 12.71
N GLY F 220 11.08 16.77 13.36
CA GLY F 220 11.97 17.31 14.41
C GLY F 220 13.11 18.15 13.85
N LYS F 221 13.03 18.58 12.60
CA LYS F 221 14.09 19.39 11.93
C LYS F 221 13.79 20.89 12.10
N LEU F 222 14.86 21.67 12.24
CA LEU F 222 14.79 23.15 12.44
C LEU F 222 15.07 23.85 11.12
N SER F 223 14.31 24.88 10.80
CA SER F 223 14.54 25.71 9.60
C SER F 223 13.89 27.07 9.77
N ILE F 224 14.46 28.07 9.10
CA ILE F 224 13.74 29.29 8.68
C ILE F 224 12.82 28.86 7.55
N PRO F 225 11.57 29.36 7.46
CA PRO F 225 10.66 28.96 6.38
C PRO F 225 11.35 29.06 5.01
N GLU F 226 11.26 27.96 4.23
CA GLU F 226 11.81 27.83 2.85
C GLU F 226 13.31 27.60 2.90
N GLY F 227 13.90 27.47 4.09
CA GLY F 227 15.36 27.38 4.28
C GLY F 227 15.83 25.93 4.37
N LYS F 228 17.14 25.75 4.34
CA LYS F 228 17.79 24.45 4.63
C LYS F 228 17.32 23.96 6.01
N LYS F 229 17.21 22.64 6.16
CA LYS F 229 16.75 21.98 7.41
C LYS F 229 17.96 21.42 8.16
N PHE F 230 17.97 21.54 9.49
CA PHE F 230 19.06 21.09 10.38
C PHE F 230 18.47 20.31 11.55
N ASP F 231 19.26 19.38 12.07
CA ASP F 231 18.90 18.63 13.31
C ASP F 231 19.15 19.51 14.54
N THR F 232 20.10 20.46 14.49
CA THR F 232 20.44 21.29 15.67
C THR F 232 20.63 22.75 15.28
N LEU F 233 20.45 23.61 16.28
CA LEU F 233 20.67 25.06 16.19
C LEU F 233 22.14 25.35 15.87
N TRP F 234 23.09 24.62 16.46
CA TRP F 234 24.52 24.91 16.22
C TRP F 234 24.86 24.59 14.75
N GLN F 235 24.23 23.57 14.16
CA GLN F 235 24.43 23.30 12.70
C GLN F 235 23.92 24.51 11.91
N LEU F 236 22.75 25.03 12.27
CA LEU F 236 22.10 26.18 11.59
C LEU F 236 23.05 27.39 11.67
N VAL F 237 23.59 27.68 12.86
CA VAL F 237 24.52 28.82 13.06
C VAL F 237 25.79 28.60 12.23
N GLU F 238 26.36 27.39 12.23
CA GLU F 238 27.60 27.11 11.46
C GLU F 238 27.31 27.38 9.97
N HIS F 239 26.16 26.94 9.48
CA HIS F 239 25.78 27.08 8.04
C HIS F 239 25.70 28.57 7.67
N TYR F 240 24.93 29.35 8.43
CA TYR F 240 24.64 30.76 8.07
C TYR F 240 25.80 31.66 8.46
N SER F 241 26.84 31.14 9.14
CA SER F 241 28.13 31.83 9.39
C SER F 241 29.01 31.78 8.14
N TYR F 242 28.80 30.79 7.27
CA TYR F 242 29.65 30.52 6.08
C TYR F 242 29.01 31.14 4.83
N LYS F 243 27.69 31.07 4.70
CA LYS F 243 26.92 31.40 3.47
C LYS F 243 25.60 32.07 3.86
N ALA F 244 25.28 33.20 3.25
CA ALA F 244 24.06 33.97 3.61
C ALA F 244 22.84 33.09 3.31
N ASP F 245 22.87 32.41 2.16
CA ASP F 245 21.84 31.41 1.74
C ASP F 245 20.43 31.94 2.05
N GLY F 246 20.16 33.19 1.70
CA GLY F 246 18.80 33.77 1.80
C GLY F 246 18.69 34.81 2.89
N LEU F 247 19.57 34.78 3.90
CA LEU F 247 19.67 35.88 4.89
C LEU F 247 20.18 37.11 4.14
N LEU F 248 19.94 38.30 4.68
CA LEU F 248 20.50 39.55 4.07
C LEU F 248 22.02 39.54 4.20
N ARG F 249 22.59 38.76 5.13
CA ARG F 249 24.07 38.64 5.25
C ARG F 249 24.43 37.46 6.15
N VAL F 250 25.70 37.10 6.13
CA VAL F 250 26.27 36.02 6.96
C VAL F 250 26.25 36.44 8.44
N LEU F 251 26.11 35.48 9.35
CA LEU F 251 26.28 35.66 10.81
C LEU F 251 27.77 35.86 11.11
N THR F 252 28.11 36.82 11.97
CA THR F 252 29.51 37.12 12.38
C THR F 252 29.64 36.91 13.89
N VAL F 253 29.59 37.98 14.68
CA VAL F 253 29.94 37.94 16.12
C VAL F 253 28.67 37.63 16.91
N PRO F 254 28.73 36.66 17.84
CA PRO F 254 27.64 36.43 18.77
C PRO F 254 27.44 37.70 19.62
N CYS F 255 26.19 38.12 19.76
CA CYS F 255 25.80 39.19 20.69
C CYS F 255 26.06 38.70 22.12
N GLN F 256 26.90 39.41 22.85
CA GLN F 256 27.18 39.24 24.31
C GLN F 256 25.88 39.15 25.11
N LYS F 257 25.73 38.12 25.95
CA LYS F 257 24.65 38.02 26.96
C LYS F 257 24.84 39.09 28.05
N ILE F 258 23.72 39.62 28.52
CA ILE F 258 23.60 40.44 29.75
C ILE F 258 24.02 39.57 30.94
N GLY G 2 -7.10 -44.85 -28.15
CA GLY G 2 -8.12 -44.64 -27.06
C GLY G 2 -8.28 -43.17 -26.71
N VAL G 3 -8.78 -42.87 -25.50
CA VAL G 3 -8.84 -41.50 -24.93
C VAL G 3 -7.45 -41.13 -24.43
N THR G 5 -5.68 -38.14 -22.52
CA THR G 5 -5.82 -36.90 -21.79
C THR G 5 -4.99 -35.80 -22.48
N GLY G 6 -5.54 -34.57 -22.55
CA GLY G 6 -4.83 -33.37 -23.08
C GLY G 6 -4.18 -32.57 -21.96
N LEU G 7 -3.08 -31.86 -22.25
CA LEU G 7 -2.39 -31.00 -21.26
C LEU G 7 -3.31 -29.85 -20.82
N SER G 8 -3.38 -29.59 -19.51
CA SER G 8 -3.78 -28.28 -18.94
C SER G 8 -2.87 -27.18 -19.53
N THR G 9 -3.18 -25.92 -19.27
CA THR G 9 -2.31 -24.78 -19.67
C THR G 9 -0.94 -24.98 -19.00
N ARG G 10 0.10 -24.55 -19.68
CA ARG G 10 1.51 -24.67 -19.24
C ARG G 10 1.84 -23.59 -18.20
N ASN G 11 2.83 -23.88 -17.35
CA ASN G 11 3.47 -22.87 -16.45
C ASN G 11 4.18 -21.85 -17.35
N GLN G 12 4.43 -20.63 -16.85
CA GLN G 12 5.09 -19.56 -17.65
C GLN G 12 6.58 -19.47 -17.22
N GLU G 13 7.28 -20.60 -17.20
CA GLU G 13 8.76 -20.67 -17.00
C GLU G 13 9.44 -20.64 -18.37
N THR G 14 9.40 -19.46 -18.99
CA THR G 14 9.91 -19.19 -20.36
C THR G 14 11.40 -18.85 -20.31
N GLU G 16 14.49 -16.56 -22.01
CA GLU G 16 14.68 -15.31 -22.70
C GLU G 16 15.38 -15.55 -24.03
N THR G 17 15.01 -14.72 -25.00
CA THR G 17 15.51 -14.71 -26.39
C THR G 17 16.43 -13.50 -26.57
N LEU G 18 17.37 -13.58 -27.52
CA LEU G 18 18.12 -12.39 -27.99
C LEU G 18 17.16 -11.43 -28.70
N LYS G 19 17.40 -10.10 -28.60
CA LYS G 19 16.53 -9.06 -29.22
C LYS G 19 17.29 -8.30 -30.32
N GLY H 2 15.67 11.07 -24.66
CA GLY H 2 16.49 12.16 -24.04
C GLY H 2 16.01 12.51 -22.64
N VAL H 3 16.38 13.70 -22.15
CA VAL H 3 16.24 14.12 -20.72
C VAL H 3 15.11 15.17 -20.54
N THR H 5 14.07 18.89 -18.95
CA THR H 5 14.66 20.14 -18.52
C THR H 5 14.20 20.45 -17.09
N GLY H 6 15.11 21.00 -16.28
CA GLY H 6 14.85 21.37 -14.89
C GLY H 6 14.50 22.85 -14.81
N LEU H 7 13.86 23.26 -13.72
CA LEU H 7 13.54 24.69 -13.50
C LEU H 7 14.86 25.41 -13.25
N SER H 8 15.02 26.63 -13.77
CA SER H 8 16.23 27.46 -13.62
C SER H 8 16.25 28.07 -12.22
N THR H 9 15.21 27.85 -11.42
CA THR H 9 15.08 28.42 -10.06
C THR H 9 14.03 27.60 -9.30
N ARG H 10 14.26 27.36 -8.01
CA ARG H 10 13.25 26.84 -7.06
C ARG H 10 12.18 27.92 -6.82
N ASN H 11 10.95 27.50 -6.62
CA ASN H 11 9.81 28.37 -6.25
C ASN H 11 10.15 29.09 -4.93
N GLN H 12 10.02 30.43 -4.95
CA GLN H 12 10.60 31.38 -3.95
C GLN H 12 9.53 32.35 -3.40
N GLU H 13 8.33 32.41 -3.99
CA GLU H 13 7.23 33.30 -3.49
C GLU H 13 6.63 32.62 -2.25
N THR H 14 6.59 33.31 -1.12
CA THR H 14 6.24 32.72 0.20
C THR H 14 4.82 33.09 0.56
N GLU H 16 2.48 33.46 3.91
CA GLU H 16 2.46 33.44 5.37
C GLU H 16 1.35 32.50 5.87
N THR H 17 1.43 32.04 7.12
CA THR H 17 0.42 31.17 7.78
C THR H 17 0.16 31.69 9.20
N LEU H 18 -0.80 31.06 9.89
CA LEU H 18 -1.10 31.28 11.33
C LEU H 18 -0.57 30.11 12.19
N LYS H 19 0.59 29.52 11.89
CA LYS H 19 1.19 28.34 12.59
C LYS H 19 2.13 28.76 13.73
N GLY I 2 1.19 1.30 -1.23
CA GLY I 2 0.40 0.51 -2.22
C GLY I 2 -0.83 -0.15 -1.60
N VAL I 3 -1.32 -1.23 -2.23
CA VAL I 3 -2.42 -2.07 -1.69
C VAL I 3 -1.86 -2.99 -0.61
N THR I 5 -2.99 -5.95 1.86
CA THR I 5 -4.01 -6.94 2.18
C THR I 5 -4.50 -6.72 3.62
N GLY I 6 -5.79 -6.88 3.84
CA GLY I 6 -6.40 -6.85 5.19
C GLY I 6 -6.58 -8.24 5.74
N LEU I 7 -6.60 -8.38 7.06
CA LEU I 7 -6.84 -9.66 7.78
C LEU I 7 -8.23 -10.14 7.42
N SER I 8 -8.38 -11.44 7.11
CA SER I 8 -9.68 -12.12 7.07
C SER I 8 -10.22 -12.13 8.51
N THR I 9 -11.35 -12.77 8.76
CA THR I 9 -11.90 -12.93 10.12
C THR I 9 -10.86 -13.64 11.00
N ARG I 10 -10.73 -13.20 12.25
CA ARG I 10 -9.76 -13.77 13.21
C ARG I 10 -10.38 -14.99 13.90
N ASN I 11 -9.53 -15.88 14.42
CA ASN I 11 -9.91 -16.95 15.38
C ASN I 11 -10.42 -16.27 16.66
N GLN I 12 -11.24 -16.96 17.45
CA GLN I 12 -11.80 -16.39 18.71
C GLN I 12 -11.00 -16.94 19.89
N GLU I 13 -9.67 -16.78 19.86
CA GLU I 13 -8.75 -17.22 20.94
C GLU I 13 -8.50 -16.01 21.85
N THR I 14 -9.55 -15.59 22.55
CA THR I 14 -9.57 -14.40 23.44
C THR I 14 -9.10 -14.83 24.82
N GLU I 16 -9.61 -14.33 28.93
CA GLU I 16 -10.61 -14.01 29.92
C GLU I 16 -10.19 -12.77 30.71
N THR I 17 -11.18 -12.00 31.11
CA THR I 17 -11.05 -10.78 31.94
C THR I 17 -11.48 -11.13 33.36
N LEU I 18 -10.89 -10.47 34.35
CA LEU I 18 -11.40 -10.51 35.74
C LEU I 18 -12.82 -9.94 35.74
N LYS I 19 -13.74 -10.64 36.42
CA LYS I 19 -15.14 -10.19 36.67
C LYS I 19 -15.12 -8.82 37.36
N HIS I 20 -14.09 -8.54 38.15
CA HIS I 20 -13.92 -7.28 38.94
C HIS I 20 -12.45 -7.12 39.34
N VAL J 3 -6.87 -30.22 -5.79
CA VAL J 3 -6.48 -30.27 -7.24
C VAL J 3 -7.34 -29.32 -8.06
N THR J 5 -8.34 -27.90 -11.86
CA THR J 5 -8.25 -28.22 -13.27
C THR J 5 -7.78 -26.97 -14.01
N GLY J 6 -6.95 -27.13 -15.03
CA GLY J 6 -6.51 -26.04 -15.92
C GLY J 6 -7.28 -26.08 -17.22
N LEU J 7 -7.32 -24.96 -17.94
CA LEU J 7 -7.95 -24.87 -19.29
C LEU J 7 -7.19 -25.80 -20.24
N SER J 8 -7.92 -26.46 -21.12
CA SER J 8 -7.37 -27.42 -22.09
C SER J 8 -6.83 -26.63 -23.28
N THR J 9 -6.97 -25.30 -23.27
CA THR J 9 -6.42 -24.43 -24.34
C THR J 9 -6.20 -23.01 -23.77
N ARG J 10 -5.09 -22.38 -24.14
CA ARG J 10 -4.86 -20.92 -23.95
C ARG J 10 -5.84 -20.16 -24.86
N ASN J 11 -6.32 -19.00 -24.40
CA ASN J 11 -7.11 -18.05 -25.22
C ASN J 11 -6.27 -17.64 -26.45
N GLN J 12 -6.85 -17.79 -27.65
CA GLN J 12 -6.14 -17.72 -28.97
C GLN J 12 -6.77 -16.73 -29.94
N GLU J 13 -7.94 -16.17 -29.61
CA GLU J 13 -8.59 -15.08 -30.39
C GLU J 13 -7.80 -13.78 -30.15
N THR J 14 -7.42 -13.11 -31.22
CA THR J 14 -6.83 -11.76 -31.16
C THR J 14 -7.93 -10.72 -31.38
N GLU J 16 -7.82 -6.93 -32.98
CA GLU J 16 -7.01 -5.94 -33.69
C GLU J 16 -6.95 -4.63 -32.88
N THR J 17 -5.93 -3.81 -33.12
CA THR J 17 -5.73 -2.48 -32.48
C THR J 17 -5.39 -1.45 -33.55
N LEU J 18 -5.21 -0.18 -33.16
CA LEU J 18 -4.77 0.92 -34.06
C LEU J 18 -3.32 1.32 -33.75
N LYS J 19 -2.52 0.45 -33.12
CA LYS J 19 -1.15 0.76 -32.63
C LYS J 19 -0.16 0.90 -33.79
N GLY K 2 4.69 18.93 28.93
CA GLY K 2 4.26 18.13 27.72
C GLY K 2 3.72 16.77 28.10
N VAL K 3 3.41 16.57 29.39
CA VAL K 3 3.05 15.26 30.01
C VAL K 3 1.59 14.95 29.72
N THR K 5 -1.64 12.51 30.61
CA THR K 5 -2.11 11.62 31.65
C THR K 5 -2.63 10.35 30.97
N GLY K 6 -2.35 9.19 31.55
CA GLY K 6 -2.81 7.89 31.07
C GLY K 6 -4.04 7.47 31.82
N LEU K 7 -4.85 6.60 31.23
CA LEU K 7 -6.07 6.05 31.89
C LEU K 7 -5.58 5.20 33.06
N SER K 8 -6.31 5.26 34.18
CA SER K 8 -5.96 4.52 35.42
C SER K 8 -6.34 3.05 35.25
N THR K 9 -7.01 2.71 34.15
CA THR K 9 -7.54 1.35 33.87
C THR K 9 -7.73 1.21 32.36
N ARG K 10 -7.39 0.04 31.82
CA ARG K 10 -7.59 -0.30 30.39
C ARG K 10 -9.07 -0.65 30.19
N ASN K 11 -9.70 -0.19 29.10
CA ASN K 11 -11.08 -0.63 28.78
C ASN K 11 -11.00 -2.10 28.35
N GLN K 12 -11.77 -2.99 29.01
CA GLN K 12 -11.88 -4.43 28.71
C GLN K 12 -13.36 -4.85 28.63
N GLU K 13 -14.25 -3.92 28.28
CA GLU K 13 -15.64 -4.19 27.84
C GLU K 13 -15.58 -4.83 26.45
N THR K 14 -16.08 -6.05 26.31
CA THR K 14 -15.99 -6.82 25.06
C THR K 14 -17.40 -7.07 24.59
N GLU K 16 -19.62 -9.74 22.35
CA GLU K 16 -19.67 -11.10 21.84
C GLU K 16 -19.73 -11.10 20.30
N THR K 17 -19.35 -12.23 19.72
CA THR K 17 -19.31 -12.48 18.26
C THR K 17 -20.04 -13.80 17.97
N LEU K 18 -20.16 -14.15 16.70
CA LEU K 18 -20.89 -15.38 16.30
C LEU K 18 -19.99 -16.61 16.47
N LYS K 19 -20.59 -17.72 16.90
CA LYS K 19 -19.91 -19.01 17.16
C LYS K 19 -19.96 -19.89 15.90
N HIS K 20 -21.07 -20.60 15.64
CA HIS K 20 -21.26 -21.46 14.43
C HIS K 20 -21.77 -20.60 13.25
N THR L 5 11.20 38.92 9.00
CA THR L 5 11.92 38.94 7.73
C THR L 5 12.00 37.52 7.16
N GLY L 6 11.80 37.38 5.85
CA GLY L 6 11.83 36.10 5.13
C GLY L 6 13.10 36.00 4.30
N LEU L 7 13.43 34.77 3.89
CA LEU L 7 14.64 34.46 3.10
C LEU L 7 14.45 35.05 1.71
N SER L 8 15.51 35.62 1.12
CA SER L 8 15.64 35.81 -0.34
C SER L 8 15.73 34.43 -1.00
N THR L 9 16.01 34.32 -2.30
CA THR L 9 16.23 32.98 -2.95
C THR L 9 17.55 32.40 -2.46
N ARG L 10 17.58 31.14 -2.02
CA ARG L 10 18.84 30.36 -1.90
C ARG L 10 19.17 29.80 -3.28
N ASN L 11 20.44 29.82 -3.69
CA ASN L 11 20.91 29.17 -4.96
C ASN L 11 20.69 27.65 -4.79
N GLN L 12 20.54 26.92 -5.89
CA GLN L 12 20.04 25.52 -5.85
C GLN L 12 21.20 24.58 -5.47
N GLU L 13 21.51 24.49 -4.18
CA GLU L 13 22.50 23.53 -3.61
C GLU L 13 21.73 22.27 -3.19
N THR L 14 21.26 21.53 -4.20
CA THR L 14 20.34 20.36 -4.05
C THR L 14 21.20 19.11 -3.86
N GLU L 16 21.46 14.87 -4.34
CA GLU L 16 20.95 13.77 -5.14
C GLU L 16 20.18 12.80 -4.24
N THR L 17 19.09 12.24 -4.76
CA THR L 17 18.27 11.18 -4.11
C THR L 17 18.50 9.86 -4.86
N LEU L 18 18.12 8.75 -4.22
CA LEU L 18 18.28 7.35 -4.71
C LEU L 18 16.91 6.78 -5.07
#